data_7F9L
#
_entry.id   7F9L
#
_cell.length_a   120.133
_cell.length_b   94.119
_cell.length_c   126.033
_cell.angle_alpha   90.000
_cell.angle_beta   117.941
_cell.angle_gamma   90.000
#
_symmetry.space_group_name_H-M   'P 1 21 1'
#
loop_
_entity.id
_entity.type
_entity.pdbx_description
1 polymer Rifin
2 polymer 'Leukocyte-associated immunoglobulin-like receptor 1'
3 water water
#
loop_
_entity_poly.entity_id
_entity_poly.type
_entity_poly.pdbx_seq_one_letter_code
_entity_poly.pdbx_strand_id
1 'polypeptide(L)'
;GEIAALAVNAWKTTALKNAIAAAQKAGDAAGKIAGESKGVETIIGILEQYYSIYELKGTPLKSFFATTHYTDISNIATVI
DTELNTSCGLNSLANQAICGLRTKLGLVAKPGQVMVTQKEAITKMITNVVHKSEITAEAAKTEVAATKTAAAIKMNTEAI
EAA
;
A,B,C,D,E,F
2 'polypeptide(L)'
;HHHHHHQEEDLPRPSISAEPGTVIPLGSHVTFVCRGPVGVQTFRLERESRSLYSDTEDVSQTSPSESEARFRIDSVSEGN
AGPYRCIYYKPPKWSEQSDYLELLVKEAAA
;
G,H,I,J,K,L
#
# COMPACT_ATOMS: atom_id res chain seq x y z
N GLY A 1 55.99 -10.37 -56.82
CA GLY A 1 54.97 -9.35 -56.64
C GLY A 1 55.20 -8.54 -55.38
N GLU A 2 55.86 -7.39 -55.54
CA GLU A 2 56.28 -6.59 -54.38
C GLU A 2 55.13 -6.32 -53.42
N ILE A 3 53.92 -6.09 -53.94
CA ILE A 3 52.82 -5.76 -53.04
C ILE A 3 52.22 -7.03 -52.43
N ALA A 4 52.33 -8.17 -53.11
CA ALA A 4 52.04 -9.45 -52.46
C ALA A 4 52.91 -9.63 -51.21
N ALA A 5 54.23 -9.52 -51.38
CA ALA A 5 55.17 -9.67 -50.27
C ALA A 5 54.87 -8.69 -49.13
N LEU A 6 54.53 -7.44 -49.43
CA LEU A 6 54.23 -6.49 -48.36
C LEU A 6 52.92 -6.83 -47.67
N ALA A 7 52.03 -7.55 -48.35
CA ALA A 7 50.79 -7.98 -47.73
C ALA A 7 51.04 -9.10 -46.71
N VAL A 8 51.79 -10.13 -47.10
CA VAL A 8 52.14 -11.17 -46.13
C VAL A 8 52.97 -10.57 -44.99
N ASN A 9 53.85 -9.62 -45.31
CA ASN A 9 54.69 -9.01 -44.29
C ASN A 9 53.88 -8.19 -43.31
N ALA A 10 52.77 -7.58 -43.76
CA ALA A 10 51.88 -6.93 -42.81
C ALA A 10 50.97 -7.94 -42.12
N TRP A 11 50.79 -9.11 -42.73
CA TRP A 11 50.06 -10.18 -42.06
C TRP A 11 50.90 -10.77 -40.92
N LYS A 12 52.16 -11.14 -41.23
CA LYS A 12 53.08 -11.59 -40.20
C LYS A 12 53.24 -10.59 -39.06
N THR A 13 53.15 -9.29 -39.34
CA THR A 13 53.24 -8.33 -38.25
C THR A 13 52.02 -8.39 -37.35
N THR A 14 50.84 -8.57 -37.94
CA THR A 14 49.65 -8.69 -37.09
C THR A 14 49.69 -10.00 -36.31
N ALA A 15 50.08 -11.10 -36.95
CA ALA A 15 50.26 -12.36 -36.23
C ALA A 15 51.18 -12.19 -35.03
N LEU A 16 52.35 -11.59 -35.24
CA LEU A 16 53.29 -11.39 -34.16
C LEU A 16 52.72 -10.50 -33.04
N LYS A 17 51.93 -9.48 -33.41
CA LYS A 17 51.29 -8.68 -32.37
C LYS A 17 50.26 -9.50 -31.60
N ASN A 18 49.52 -10.37 -32.31
CA ASN A 18 48.56 -11.25 -31.65
C ASN A 18 49.26 -12.29 -30.79
N ALA A 19 50.32 -12.90 -31.34
CA ALA A 19 51.10 -13.89 -30.62
C ALA A 19 51.53 -13.38 -29.25
N ILE A 20 52.05 -12.15 -29.19
CA ILE A 20 52.46 -11.56 -27.92
C ILE A 20 51.32 -11.61 -26.92
N ALA A 21 50.15 -11.09 -27.33
CA ALA A 21 48.95 -11.15 -26.50
C ALA A 21 48.59 -12.59 -26.11
N ALA A 22 48.53 -13.48 -27.10
CA ALA A 22 48.35 -14.89 -26.79
C ALA A 22 49.35 -15.34 -25.73
N ALA A 23 50.66 -15.14 -25.97
CA ALA A 23 51.66 -15.67 -25.07
C ALA A 23 51.60 -15.08 -23.66
N GLN A 24 51.01 -13.92 -23.46
CA GLN A 24 50.91 -13.44 -22.08
C GLN A 24 49.69 -14.05 -21.38
N LYS A 25 48.56 -14.10 -22.08
CA LYS A 25 47.36 -14.72 -21.51
C LYS A 25 47.57 -16.21 -21.24
N ALA A 26 48.28 -16.92 -22.12
CA ALA A 26 48.63 -18.31 -21.84
C ALA A 26 49.57 -18.43 -20.65
N GLY A 27 50.51 -17.48 -20.51
CA GLY A 27 51.40 -17.52 -19.38
C GLY A 27 50.65 -17.27 -18.09
N ASP A 28 49.73 -16.29 -18.10
CA ASP A 28 49.08 -15.94 -16.85
C ASP A 28 48.16 -17.06 -16.40
N ALA A 29 47.41 -17.64 -17.33
CA ALA A 29 46.60 -18.80 -16.98
C ALA A 29 47.44 -19.84 -16.24
N ALA A 30 48.58 -20.21 -16.83
CA ALA A 30 49.43 -21.23 -16.22
C ALA A 30 50.03 -20.76 -14.90
N GLY A 31 50.18 -19.46 -14.71
CA GLY A 31 50.75 -19.00 -13.47
C GLY A 31 49.71 -19.06 -12.37
N LYS A 32 48.48 -18.67 -12.69
CA LYS A 32 47.38 -18.80 -11.74
C LYS A 32 47.26 -20.22 -11.24
N ILE A 33 47.26 -21.19 -12.17
CA ILE A 33 47.10 -22.59 -11.80
C ILE A 33 48.28 -23.06 -10.96
N ALA A 34 49.50 -22.75 -11.39
CA ALA A 34 50.64 -23.16 -10.58
C ALA A 34 50.63 -22.49 -9.21
N GLY A 35 50.12 -21.26 -9.13
CA GLY A 35 50.14 -20.54 -7.86
C GLY A 35 49.13 -21.08 -6.87
N GLU A 36 47.85 -21.10 -7.26
CA GLU A 36 46.80 -21.68 -6.44
C GLU A 36 46.88 -23.18 -6.49
N SER A 37 48.07 -23.72 -6.24
CA SER A 37 48.24 -25.14 -6.01
C SER A 37 49.56 -25.32 -5.28
N LYS A 38 50.52 -24.42 -5.52
CA LYS A 38 51.65 -24.41 -4.59
C LYS A 38 51.21 -23.84 -3.25
N GLY A 39 50.29 -22.88 -3.26
CA GLY A 39 49.74 -22.37 -2.01
C GLY A 39 49.10 -23.47 -1.19
N VAL A 40 48.09 -24.14 -1.76
CA VAL A 40 47.48 -25.29 -1.12
C VAL A 40 48.53 -26.30 -0.67
N GLU A 41 49.50 -26.59 -1.54
CA GLU A 41 50.42 -27.65 -1.13
C GLU A 41 51.36 -27.14 -0.02
N THR A 42 51.65 -25.85 0.02
CA THR A 42 52.53 -25.33 1.07
C THR A 42 51.82 -25.23 2.41
N ILE A 43 50.56 -24.78 2.42
CA ILE A 43 49.86 -24.63 3.68
C ILE A 43 49.58 -26.01 4.29
N ILE A 44 49.12 -26.97 3.48
CA ILE A 44 48.96 -28.35 3.95
C ILE A 44 50.27 -28.87 4.50
N GLY A 45 51.36 -28.69 3.76
CA GLY A 45 52.65 -29.14 4.25
C GLY A 45 53.01 -28.53 5.58
N ILE A 46 52.61 -27.29 5.82
CA ILE A 46 52.98 -26.64 7.06
C ILE A 46 52.12 -27.16 8.21
N LEU A 47 50.81 -27.23 8.00
CA LEU A 47 49.94 -27.80 9.02
C LEU A 47 50.37 -29.22 9.38
N GLU A 48 50.78 -30.01 8.39
CA GLU A 48 51.05 -31.41 8.67
C GLU A 48 52.41 -31.62 9.30
N GLN A 49 53.40 -30.78 8.97
CA GLN A 49 54.78 -30.99 9.38
C GLN A 49 55.15 -30.28 10.66
N TYR A 50 54.74 -29.01 10.80
CA TYR A 50 55.07 -28.22 11.98
C TYR A 50 54.03 -28.41 13.07
N TYR A 51 52.78 -28.68 12.70
CA TYR A 51 51.66 -28.66 13.62
C TYR A 51 50.93 -29.97 13.70
N SER A 52 51.37 -30.98 12.97
CA SER A 52 50.83 -32.34 13.03
C SER A 52 49.32 -32.39 12.75
N ILE A 53 48.78 -31.37 12.09
CA ILE A 53 47.35 -31.33 11.75
C ILE A 53 47.14 -31.92 10.37
N TYR A 54 46.16 -32.81 10.25
CA TYR A 54 45.85 -33.47 8.98
C TYR A 54 44.38 -33.35 8.64
N GLU A 55 43.61 -32.60 9.41
CA GLU A 55 42.21 -32.39 9.05
C GLU A 55 41.84 -31.02 9.56
N LEU A 56 40.72 -30.50 9.04
CA LEU A 56 40.09 -29.32 9.61
C LEU A 56 38.61 -29.40 9.26
N LYS A 57 37.78 -28.90 10.16
CA LYS A 57 36.34 -28.92 9.93
C LYS A 57 35.86 -30.35 9.75
N GLY A 58 36.62 -31.29 10.32
CA GLY A 58 36.31 -32.70 10.18
C GLY A 58 36.32 -33.16 8.74
N THR A 59 37.24 -32.64 7.93
CA THR A 59 37.54 -33.16 6.61
C THR A 59 39.06 -33.20 6.50
N PRO A 60 39.58 -33.98 5.56
CA PRO A 60 41.03 -33.95 5.34
C PRO A 60 41.40 -32.65 4.65
N LEU A 61 42.65 -32.23 4.84
CA LEU A 61 43.05 -30.90 4.37
C LEU A 61 42.78 -30.74 2.88
N LYS A 62 43.23 -31.71 2.07
CA LYS A 62 42.87 -31.83 0.66
C LYS A 62 41.44 -31.33 0.35
N SER A 63 40.44 -31.89 1.02
CA SER A 63 39.07 -31.50 0.72
C SER A 63 38.74 -30.12 1.25
N PHE A 64 39.28 -29.77 2.43
CA PHE A 64 38.97 -28.50 3.07
C PHE A 64 39.34 -27.33 2.17
N PHE A 65 40.58 -27.32 1.67
CA PHE A 65 41.07 -26.20 0.89
C PHE A 65 40.48 -26.15 -0.50
N ALA A 66 39.80 -27.20 -0.94
CA ALA A 66 38.96 -27.13 -2.12
C ALA A 66 37.76 -26.21 -1.92
N THR A 67 37.26 -26.07 -0.69
CA THR A 67 36.04 -25.29 -0.48
C THR A 67 36.27 -23.97 0.23
N THR A 68 37.41 -23.80 0.90
CA THR A 68 37.78 -22.50 1.47
C THR A 68 39.22 -22.21 1.05
N HIS A 69 39.42 -21.02 0.47
CA HIS A 69 40.68 -20.66 -0.16
C HIS A 69 41.82 -20.61 0.85
N TYR A 70 43.00 -21.11 0.46
CA TYR A 70 44.12 -21.09 1.40
C TYR A 70 44.53 -19.69 1.85
N THR A 71 43.97 -18.62 1.27
CA THR A 71 44.34 -17.26 1.69
C THR A 71 43.35 -16.68 2.67
N ASP A 72 42.25 -17.39 2.93
CA ASP A 72 41.13 -16.82 3.67
C ASP A 72 41.45 -16.88 5.16
N ILE A 73 42.30 -15.95 5.59
CA ILE A 73 42.82 -16.00 6.96
C ILE A 73 41.67 -16.00 7.96
N SER A 74 40.64 -15.20 7.73
CA SER A 74 39.55 -15.10 8.68
C SER A 74 38.89 -16.44 8.91
N ASN A 75 38.52 -17.12 7.83
CA ASN A 75 37.72 -18.33 8.00
C ASN A 75 38.57 -19.52 8.37
N ILE A 76 39.83 -19.55 7.95
CA ILE A 76 40.71 -20.57 8.50
C ILE A 76 40.78 -20.41 10.01
N ALA A 77 41.10 -19.20 10.48
CA ALA A 77 41.26 -19.01 11.93
C ALA A 77 39.96 -19.29 12.66
N THR A 78 38.83 -18.83 12.11
CA THR A 78 37.56 -19.13 12.76
C THR A 78 37.30 -20.63 12.81
N VAL A 79 37.66 -21.36 11.76
CA VAL A 79 37.45 -22.81 11.78
C VAL A 79 38.23 -23.43 12.92
N ILE A 80 39.51 -23.05 13.03
CA ILE A 80 40.35 -23.62 14.09
C ILE A 80 39.81 -23.21 15.45
N ASP A 81 39.51 -21.93 15.61
CA ASP A 81 38.96 -21.48 16.88
C ASP A 81 37.77 -22.31 17.28
N THR A 82 36.86 -22.55 16.34
CA THR A 82 35.66 -23.30 16.67
C THR A 82 35.97 -24.78 16.94
N GLU A 83 36.75 -25.41 16.07
CA GLU A 83 37.05 -26.82 16.28
C GLU A 83 37.80 -27.03 17.60
N LEU A 84 38.64 -26.07 17.99
CA LEU A 84 39.33 -26.17 19.27
C LEU A 84 38.34 -26.13 20.43
N ASN A 85 37.29 -25.32 20.32
CA ASN A 85 36.42 -25.15 21.47
C ASN A 85 35.42 -26.28 21.62
N THR A 86 35.12 -26.98 20.53
CA THR A 86 34.08 -28.00 20.58
C THR A 86 34.62 -29.41 20.41
N SER A 87 35.93 -29.59 20.52
CA SER A 87 36.55 -30.90 20.45
C SER A 87 37.67 -31.04 21.45
N CYS A 88 38.04 -29.96 22.12
CA CYS A 88 38.99 -30.00 23.21
C CYS A 88 38.35 -29.54 24.51
N GLY A 89 37.04 -29.67 24.62
CA GLY A 89 36.33 -29.24 25.78
C GLY A 89 35.93 -30.40 26.65
N LEU A 90 34.78 -30.26 27.28
CA LEU A 90 34.35 -31.27 28.23
C LEU A 90 33.37 -32.23 27.62
N ASN A 91 32.61 -31.75 26.61
CA ASN A 91 31.33 -32.30 26.22
C ASN A 91 31.43 -33.24 25.04
N SER A 92 32.63 -33.70 24.70
CA SER A 92 32.72 -34.82 23.80
C SER A 92 34.09 -35.47 23.94
N LEU A 93 34.19 -36.62 23.30
CA LEU A 93 35.39 -37.44 23.26
C LEU A 93 35.84 -37.64 21.82
N ALA A 94 35.31 -36.84 20.89
CA ALA A 94 35.34 -37.09 19.46
C ALA A 94 36.75 -37.16 18.87
N ASN A 95 37.31 -36.00 18.50
CA ASN A 95 38.56 -35.92 17.75
C ASN A 95 39.50 -34.94 18.43
N GLN A 96 40.51 -35.46 19.15
CA GLN A 96 41.44 -34.64 19.92
C GLN A 96 42.81 -34.52 19.23
N ALA A 97 42.84 -34.66 17.91
CA ALA A 97 44.09 -34.50 17.19
C ALA A 97 44.61 -33.07 17.28
N ILE A 98 43.73 -32.10 16.98
CA ILE A 98 44.08 -30.69 16.86
C ILE A 98 44.47 -30.04 18.20
N CYS A 99 44.02 -30.60 19.33
CA CYS A 99 44.13 -29.95 20.63
C CYS A 99 45.56 -29.57 20.98
N GLY A 100 46.55 -30.26 20.40
CA GLY A 100 47.92 -29.90 20.69
C GLY A 100 48.23 -28.44 20.44
N LEU A 101 47.46 -27.78 19.57
CA LEU A 101 47.72 -26.38 19.25
C LEU A 101 47.74 -25.49 20.49
N ARG A 102 46.98 -25.86 21.55
CA ARG A 102 46.90 -25.01 22.73
C ARG A 102 48.20 -25.03 23.51
N THR A 103 48.83 -26.21 23.59
CA THR A 103 50.19 -26.29 24.09
C THR A 103 51.14 -25.50 23.19
N LYS A 104 51.07 -25.73 21.88
CA LYS A 104 51.99 -25.08 20.96
C LYS A 104 51.85 -23.56 21.03
N LEU A 105 50.62 -23.07 20.92
CA LEU A 105 50.35 -21.63 20.88
C LEU A 105 50.43 -20.96 22.25
N GLY A 106 50.72 -21.71 23.32
CA GLY A 106 50.87 -21.12 24.64
C GLY A 106 49.59 -20.71 25.35
N LEU A 107 48.49 -21.43 25.13
CA LEU A 107 47.22 -21.06 25.76
C LEU A 107 47.02 -21.69 27.13
N VAL A 108 47.70 -22.80 27.42
CA VAL A 108 47.51 -23.49 28.68
C VAL A 108 47.70 -22.52 29.82
N ALA A 109 46.80 -22.56 30.79
CA ALA A 109 46.78 -21.51 31.80
C ALA A 109 47.97 -21.66 32.73
N LYS A 110 48.73 -20.59 32.92
CA LYS A 110 49.86 -20.63 33.84
C LYS A 110 49.52 -19.75 35.03
N PRO A 111 49.23 -20.35 36.21
CA PRO A 111 49.08 -19.54 37.44
C PRO A 111 50.28 -18.66 37.60
N GLY A 112 50.11 -17.34 37.71
CA GLY A 112 51.30 -16.52 37.73
C GLY A 112 51.59 -15.78 36.43
N GLN A 113 50.76 -15.90 35.41
CA GLN A 113 50.94 -15.14 34.18
C GLN A 113 49.60 -14.59 33.71
N VAL A 114 49.67 -13.74 32.68
CA VAL A 114 48.52 -13.07 32.07
C VAL A 114 47.79 -14.06 31.17
N MET A 115 46.61 -13.69 30.70
CA MET A 115 45.83 -14.58 29.86
C MET A 115 46.13 -14.38 28.38
N VAL A 116 46.37 -15.49 27.67
CA VAL A 116 46.53 -15.50 26.22
C VAL A 116 45.17 -15.85 25.62
N THR A 117 44.56 -14.90 24.90
CA THR A 117 43.30 -15.18 24.22
C THR A 117 43.50 -16.19 23.09
N GLN A 118 42.61 -17.19 23.03
CA GLN A 118 42.71 -18.21 21.99
C GLN A 118 42.71 -17.58 20.60
N LYS A 119 41.64 -16.87 20.25
CA LYS A 119 41.44 -16.45 18.86
C LYS A 119 42.57 -15.56 18.35
N GLU A 120 43.06 -14.63 19.19
CA GLU A 120 44.21 -13.83 18.77
C GLU A 120 45.42 -14.70 18.51
N ALA A 121 45.64 -15.72 19.35
CA ALA A 121 46.78 -16.60 19.11
C ALA A 121 46.62 -17.34 17.78
N ILE A 122 45.41 -17.76 17.45
CA ILE A 122 45.22 -18.51 16.23
C ILE A 122 45.42 -17.63 15.01
N THR A 123 44.87 -16.40 15.05
CA THR A 123 44.99 -15.53 13.88
C THR A 123 46.43 -15.07 13.69
N LYS A 124 47.23 -14.99 14.75
CA LYS A 124 48.66 -14.73 14.55
C LYS A 124 49.31 -15.90 13.84
N MET A 125 49.05 -17.12 14.31
CA MET A 125 49.55 -18.30 13.62
C MET A 125 49.06 -18.35 12.17
N ILE A 126 47.74 -18.26 11.95
CA ILE A 126 47.23 -18.42 10.59
C ILE A 126 47.72 -17.30 9.68
N THR A 127 47.90 -16.10 10.21
CA THR A 127 48.44 -15.03 9.37
C THR A 127 49.85 -15.37 8.92
N ASN A 128 50.67 -15.89 9.84
CA ASN A 128 52.02 -16.29 9.50
C ASN A 128 52.01 -17.42 8.47
N VAL A 129 51.17 -18.44 8.68
CA VAL A 129 51.14 -19.58 7.77
C VAL A 129 50.63 -19.16 6.39
N VAL A 130 49.58 -18.34 6.33
CA VAL A 130 49.06 -17.92 5.03
C VAL A 130 50.03 -16.96 4.31
N HIS A 131 50.63 -15.99 5.02
CA HIS A 131 51.65 -15.16 4.37
C HIS A 131 52.73 -16.03 3.73
N LYS A 132 53.31 -16.95 4.51
CA LYS A 132 54.27 -17.91 3.95
C LYS A 132 53.74 -18.58 2.70
N SER A 133 52.50 -19.07 2.76
CA SER A 133 51.95 -19.82 1.64
C SER A 133 51.77 -18.94 0.41
N GLU A 134 51.23 -17.73 0.61
CA GLU A 134 51.05 -16.80 -0.50
C GLU A 134 52.37 -16.42 -1.15
N ILE A 135 53.45 -16.36 -0.38
CA ILE A 135 54.72 -15.97 -0.96
C ILE A 135 55.27 -17.11 -1.82
N THR A 136 55.24 -18.35 -1.32
CA THR A 136 55.72 -19.45 -2.16
C THR A 136 54.80 -19.64 -3.36
N ALA A 137 53.49 -19.44 -3.19
CA ALA A 137 52.58 -19.47 -4.33
C ALA A 137 52.94 -18.41 -5.37
N GLU A 138 53.28 -17.20 -4.91
CA GLU A 138 53.66 -16.13 -5.82
C GLU A 138 54.92 -16.52 -6.59
N ALA A 139 55.92 -17.08 -5.91
CA ALA A 139 57.11 -17.53 -6.63
C ALA A 139 56.75 -18.59 -7.68
N ALA A 140 55.90 -19.54 -7.32
CA ALA A 140 55.47 -20.52 -8.32
C ALA A 140 54.76 -19.83 -9.48
N LYS A 141 53.87 -18.90 -9.19
CA LYS A 141 53.19 -18.22 -10.26
C LYS A 141 54.17 -17.39 -11.08
N THR A 142 55.20 -16.84 -10.44
CA THR A 142 56.16 -16.04 -11.21
C THR A 142 56.97 -16.91 -12.14
N GLU A 143 57.50 -18.02 -11.62
CA GLU A 143 58.27 -18.91 -12.49
C GLU A 143 57.40 -19.45 -13.62
N VAL A 144 56.28 -20.07 -13.28
CA VAL A 144 55.51 -20.78 -14.30
C VAL A 144 54.95 -19.80 -15.34
N ALA A 145 54.51 -18.61 -14.92
CA ALA A 145 53.99 -17.68 -15.91
C ALA A 145 55.09 -17.22 -16.85
N ALA A 146 56.31 -16.99 -16.34
CA ALA A 146 57.41 -16.62 -17.21
C ALA A 146 57.80 -17.76 -18.15
N THR A 147 57.98 -18.98 -17.61
CA THR A 147 58.36 -20.11 -18.44
C THR A 147 57.37 -20.37 -19.56
N LYS A 148 56.06 -20.20 -19.30
CA LYS A 148 55.09 -20.43 -20.36
C LYS A 148 55.10 -19.29 -21.39
N THR A 149 55.15 -18.03 -20.93
CA THR A 149 55.16 -16.91 -21.86
C THR A 149 56.33 -17.01 -22.81
N ALA A 150 57.53 -17.23 -22.26
CA ALA A 150 58.73 -17.39 -23.07
C ALA A 150 58.55 -18.47 -24.13
N ALA A 151 58.10 -19.66 -23.72
CA ALA A 151 57.97 -20.76 -24.68
C ALA A 151 56.93 -20.43 -25.74
N ALA A 152 55.82 -19.79 -25.34
CA ALA A 152 54.73 -19.49 -26.28
C ALA A 152 55.16 -18.45 -27.32
N ILE A 153 55.68 -17.32 -26.86
CA ILE A 153 56.11 -16.29 -27.79
C ILE A 153 57.25 -16.80 -28.69
N LYS A 154 58.06 -17.74 -28.21
CA LYS A 154 59.07 -18.36 -29.07
C LYS A 154 58.42 -19.23 -30.14
N MET A 155 57.64 -20.22 -29.70
CA MET A 155 56.98 -21.16 -30.61
C MET A 155 56.17 -20.43 -31.67
N ASN A 156 55.34 -19.47 -31.26
CA ASN A 156 54.52 -18.74 -32.20
C ASN A 156 55.39 -17.95 -33.18
N THR A 157 56.43 -17.28 -32.70
CA THR A 157 57.31 -16.52 -33.58
C THR A 157 57.84 -17.38 -34.72
N GLU A 158 58.39 -18.55 -34.40
CA GLU A 158 58.94 -19.42 -35.44
C GLU A 158 57.85 -19.90 -36.38
N ALA A 159 56.65 -20.17 -35.86
CA ALA A 159 55.50 -20.46 -36.72
C ALA A 159 55.25 -19.34 -37.73
N ILE A 160 55.35 -18.08 -37.28
CA ILE A 160 55.12 -16.88 -38.10
C ILE A 160 56.30 -16.62 -39.03
N GLU A 161 57.24 -17.56 -39.15
CA GLU A 161 58.26 -17.42 -40.17
C GLU A 161 58.17 -18.51 -41.25
N ALA A 162 57.14 -19.36 -41.20
CA ALA A 162 56.87 -20.28 -42.30
C ALA A 162 55.68 -19.80 -43.14
N GLY B 1 5.76 -59.78 -50.76
CA GLY B 1 6.02 -58.47 -51.35
C GLY B 1 6.55 -57.44 -50.36
N GLU B 2 7.57 -56.71 -50.78
CA GLU B 2 8.19 -55.64 -50.01
C GLU B 2 7.75 -54.24 -50.45
N ILE B 3 7.38 -54.06 -51.73
CA ILE B 3 6.63 -52.87 -52.13
C ILE B 3 5.36 -52.76 -51.28
N ALA B 4 4.81 -53.91 -50.89
CA ALA B 4 3.75 -54.03 -49.89
C ALA B 4 4.21 -53.51 -48.54
N ALA B 5 5.02 -54.30 -47.82
CA ALA B 5 5.45 -53.98 -46.46
C ALA B 5 5.81 -52.51 -46.24
N LEU B 6 6.39 -51.83 -47.25
CA LEU B 6 6.66 -50.40 -47.09
C LEU B 6 5.43 -49.52 -47.31
N ALA B 7 4.29 -50.11 -47.68
CA ALA B 7 3.04 -49.35 -47.64
C ALA B 7 2.45 -49.35 -46.25
N VAL B 8 2.41 -50.52 -45.59
CA VAL B 8 1.92 -50.58 -44.21
C VAL B 8 2.82 -49.76 -43.28
N ASN B 9 4.11 -49.72 -43.58
CA ASN B 9 5.00 -48.84 -42.83
C ASN B 9 4.56 -47.38 -42.96
N ALA B 10 4.29 -46.92 -44.19
CA ALA B 10 3.89 -45.52 -44.35
C ALA B 10 2.47 -45.25 -43.82
N TRP B 11 1.63 -46.29 -43.76
CA TRP B 11 0.30 -46.15 -43.16
C TRP B 11 0.36 -46.11 -41.65
N LYS B 12 1.27 -46.88 -41.05
CA LYS B 12 1.51 -46.76 -39.61
C LYS B 12 2.17 -45.42 -39.27
N THR B 13 2.95 -44.86 -40.19
CA THR B 13 3.46 -43.51 -39.97
C THR B 13 2.33 -42.49 -39.99
N THR B 14 1.41 -42.59 -40.95
CA THR B 14 0.32 -41.61 -40.99
C THR B 14 -0.55 -41.71 -39.74
N ALA B 15 -0.78 -42.94 -39.25
CA ALA B 15 -1.54 -43.11 -38.02
C ALA B 15 -0.81 -42.49 -36.84
N LEU B 16 0.50 -42.75 -36.74
CA LEU B 16 1.29 -42.13 -35.68
C LEU B 16 1.16 -40.62 -35.70
N LYS B 17 1.37 -40.00 -36.87
CA LYS B 17 1.28 -38.56 -36.96
C LYS B 17 -0.07 -38.07 -36.49
N ASN B 18 -1.12 -38.89 -36.66
CA ASN B 18 -2.43 -38.52 -36.15
C ASN B 18 -2.50 -38.76 -34.64
N ALA B 19 -2.16 -39.99 -34.21
CA ALA B 19 -2.13 -40.33 -32.79
C ALA B 19 -1.43 -39.25 -31.96
N ILE B 20 -0.33 -38.66 -32.47
CA ILE B 20 0.34 -37.60 -31.73
C ILE B 20 -0.58 -36.39 -31.59
N ALA B 21 -1.05 -35.86 -32.72
CA ALA B 21 -1.98 -34.74 -32.67
C ALA B 21 -3.17 -35.04 -31.76
N ALA B 22 -3.76 -36.23 -31.88
CA ALA B 22 -4.88 -36.59 -31.00
C ALA B 22 -4.46 -36.58 -29.53
N ALA B 23 -3.31 -37.20 -29.20
CA ALA B 23 -2.87 -37.22 -27.82
C ALA B 23 -2.66 -35.81 -27.28
N GLN B 24 -1.97 -34.97 -28.06
CA GLN B 24 -1.73 -33.60 -27.63
C GLN B 24 -3.03 -32.84 -27.39
N LYS B 25 -4.01 -32.96 -28.31
CA LYS B 25 -5.29 -32.26 -28.14
C LYS B 25 -6.09 -32.82 -26.97
N ALA B 26 -6.13 -34.15 -26.83
CA ALA B 26 -6.74 -34.75 -25.64
C ALA B 26 -6.12 -34.21 -24.36
N GLY B 27 -4.80 -34.06 -24.34
CA GLY B 27 -4.14 -33.55 -23.14
C GLY B 27 -4.70 -32.20 -22.73
N ASP B 28 -4.73 -31.26 -23.67
CA ASP B 28 -5.16 -29.91 -23.34
C ASP B 28 -6.59 -29.90 -22.83
N ALA B 29 -7.50 -30.56 -23.55
CA ALA B 29 -8.87 -30.68 -23.07
C ALA B 29 -8.91 -31.09 -21.60
N ALA B 30 -8.20 -32.16 -21.25
CA ALA B 30 -8.15 -32.56 -19.85
C ALA B 30 -7.52 -31.48 -18.99
N GLY B 31 -6.45 -30.85 -19.48
CA GLY B 31 -5.73 -29.89 -18.67
C GLY B 31 -6.54 -28.62 -18.42
N LYS B 32 -7.05 -28.00 -19.49
CA LYS B 32 -7.97 -26.88 -19.35
C LYS B 32 -9.04 -27.17 -18.30
N ILE B 33 -9.63 -28.36 -18.35
CA ILE B 33 -10.64 -28.71 -17.37
C ILE B 33 -10.02 -28.76 -15.98
N ALA B 34 -8.89 -29.45 -15.84
CA ALA B 34 -8.28 -29.58 -14.52
C ALA B 34 -7.85 -28.22 -13.99
N GLY B 35 -7.47 -27.31 -14.88
CA GLY B 35 -7.01 -26.00 -14.47
C GLY B 35 -8.15 -25.17 -13.95
N GLU B 36 -9.17 -24.96 -14.77
CA GLU B 36 -10.25 -24.08 -14.34
C GLU B 36 -11.11 -24.69 -13.32
N SER B 37 -10.63 -25.77 -12.74
CA SER B 37 -11.25 -26.43 -11.61
C SER B 37 -10.38 -26.43 -10.37
N LYS B 38 -9.05 -26.50 -10.50
CA LYS B 38 -8.17 -26.24 -9.37
C LYS B 38 -8.23 -24.76 -8.98
N GLY B 39 -8.24 -23.87 -9.98
CA GLY B 39 -8.38 -22.45 -9.67
C GLY B 39 -9.59 -22.15 -8.80
N VAL B 40 -10.70 -22.82 -9.08
CA VAL B 40 -11.92 -22.58 -8.31
C VAL B 40 -11.82 -23.22 -6.94
N GLU B 41 -11.36 -24.47 -6.89
CA GLU B 41 -11.15 -25.13 -5.61
C GLU B 41 -10.19 -24.35 -4.73
N THR B 42 -9.25 -23.62 -5.32
CA THR B 42 -8.27 -22.90 -4.51
C THR B 42 -8.84 -21.60 -3.97
N ILE B 43 -9.39 -20.75 -4.84
CA ILE B 43 -9.96 -19.49 -4.39
C ILE B 43 -11.09 -19.73 -3.41
N ILE B 44 -11.86 -20.82 -3.60
CA ILE B 44 -12.91 -21.12 -2.64
C ILE B 44 -12.29 -21.47 -1.30
N GLY B 45 -11.23 -22.30 -1.31
CA GLY B 45 -10.62 -22.71 -0.06
C GLY B 45 -9.92 -21.58 0.65
N ILE B 46 -9.33 -20.65 -0.10
CA ILE B 46 -8.71 -19.50 0.54
C ILE B 46 -9.79 -18.61 1.15
N LEU B 47 -10.85 -18.34 0.38
CA LEU B 47 -11.88 -17.44 0.84
C LEU B 47 -12.52 -17.97 2.11
N GLU B 48 -12.60 -19.29 2.25
CA GLU B 48 -13.29 -19.86 3.40
C GLU B 48 -12.39 -19.94 4.64
N GLN B 49 -11.23 -20.59 4.49
CA GLN B 49 -10.35 -20.82 5.62
C GLN B 49 -9.63 -19.56 6.09
N TYR B 50 -9.25 -18.68 5.16
CA TYR B 50 -8.53 -17.47 5.55
C TYR B 50 -9.44 -16.25 5.78
N TYR B 51 -10.64 -16.24 5.22
CA TYR B 51 -11.48 -15.05 5.37
C TYR B 51 -12.88 -15.33 5.88
N SER B 52 -13.24 -16.59 6.14
CA SER B 52 -14.56 -16.92 6.67
C SER B 52 -15.69 -16.45 5.74
N ILE B 53 -15.39 -16.39 4.45
CA ILE B 53 -16.36 -16.05 3.42
C ILE B 53 -16.85 -17.34 2.78
N TYR B 54 -18.15 -17.57 2.81
CA TYR B 54 -18.74 -18.75 2.21
C TYR B 54 -19.72 -18.44 1.10
N GLU B 55 -20.18 -17.19 0.97
CA GLU B 55 -20.98 -16.78 -0.17
C GLU B 55 -20.45 -15.48 -0.75
N LEU B 56 -20.84 -15.20 -1.99
CA LEU B 56 -20.62 -13.91 -2.62
C LEU B 56 -21.79 -13.63 -3.54
N LYS B 57 -22.23 -12.37 -3.60
CA LYS B 57 -23.37 -12.00 -4.45
C LYS B 57 -24.62 -12.81 -4.10
N GLY B 58 -24.70 -13.28 -2.85
CA GLY B 58 -25.91 -13.88 -2.36
C GLY B 58 -26.13 -15.28 -2.83
N THR B 59 -25.06 -15.95 -3.24
CA THR B 59 -25.04 -17.34 -3.66
C THR B 59 -23.79 -17.98 -3.11
N PRO B 60 -23.84 -19.28 -2.80
CA PRO B 60 -22.65 -19.92 -2.25
C PRO B 60 -21.50 -19.87 -3.25
N LEU B 61 -20.28 -19.93 -2.71
CA LEU B 61 -19.10 -19.68 -3.51
C LEU B 61 -19.04 -20.59 -4.73
N LYS B 62 -19.56 -21.82 -4.62
CA LYS B 62 -19.53 -22.71 -5.78
C LYS B 62 -20.41 -22.18 -6.91
N SER B 63 -21.65 -21.78 -6.61
CA SER B 63 -22.43 -21.19 -7.69
C SER B 63 -21.85 -19.86 -8.11
N PHE B 64 -21.19 -19.14 -7.20
CA PHE B 64 -20.69 -17.84 -7.61
C PHE B 64 -19.67 -17.98 -8.73
N PHE B 65 -18.72 -18.90 -8.57
CA PHE B 65 -17.69 -19.08 -9.57
C PHE B 65 -18.13 -19.93 -10.75
N ALA B 66 -19.38 -20.38 -10.75
CA ALA B 66 -19.92 -20.94 -11.98
C ALA B 66 -20.22 -19.84 -13.00
N THR B 67 -20.60 -18.64 -12.54
CA THR B 67 -21.04 -17.55 -13.41
C THR B 67 -20.00 -16.44 -13.56
N THR B 68 -19.14 -16.23 -12.55
CA THR B 68 -18.03 -15.27 -12.58
C THR B 68 -16.72 -16.05 -12.53
N HIS B 69 -15.82 -15.76 -13.44
CA HIS B 69 -14.59 -16.52 -13.51
C HIS B 69 -13.68 -16.20 -12.34
N TYR B 70 -12.98 -17.23 -11.82
CA TYR B 70 -12.12 -17.01 -10.65
C TYR B 70 -10.96 -16.07 -10.94
N THR B 71 -10.71 -15.70 -12.20
CA THR B 71 -9.61 -14.81 -12.49
C THR B 71 -10.06 -13.38 -12.68
N ASP B 72 -11.37 -13.12 -12.69
CA ASP B 72 -11.90 -11.80 -13.05
C ASP B 72 -11.76 -10.87 -11.85
N ILE B 73 -10.55 -10.34 -11.66
CA ILE B 73 -10.24 -9.54 -10.48
C ILE B 73 -11.17 -8.34 -10.37
N SER B 74 -11.33 -7.61 -11.48
CA SER B 74 -12.18 -6.43 -11.46
C SER B 74 -13.59 -6.76 -11.00
N ASN B 75 -14.17 -7.86 -11.45
CA ASN B 75 -15.57 -8.13 -11.10
C ASN B 75 -15.70 -8.54 -9.65
N ILE B 76 -15.07 -9.63 -9.27
CA ILE B 76 -14.99 -10.07 -7.89
C ILE B 76 -14.81 -8.89 -6.96
N ALA B 77 -13.79 -8.07 -7.21
CA ALA B 77 -13.53 -6.96 -6.31
C ALA B 77 -14.72 -6.03 -6.25
N THR B 78 -15.33 -5.72 -7.41
CA THR B 78 -16.55 -4.92 -7.41
C THR B 78 -17.71 -5.64 -6.72
N VAL B 79 -17.78 -6.97 -6.83
CA VAL B 79 -18.85 -7.68 -6.16
C VAL B 79 -18.73 -7.47 -4.66
N ILE B 80 -17.52 -7.69 -4.14
CA ILE B 80 -17.28 -7.53 -2.72
C ILE B 80 -17.44 -6.09 -2.32
N ASP B 81 -16.96 -5.16 -3.14
CA ASP B 81 -17.12 -3.74 -2.78
C ASP B 81 -18.60 -3.37 -2.67
N THR B 82 -19.40 -3.79 -3.66
CA THR B 82 -20.84 -3.51 -3.62
C THR B 82 -21.52 -4.21 -2.44
N GLU B 83 -21.15 -5.47 -2.18
CA GLU B 83 -21.88 -6.21 -1.16
C GLU B 83 -21.65 -5.63 0.21
N LEU B 84 -20.38 -5.33 0.54
CA LEU B 84 -20.09 -4.67 1.81
C LEU B 84 -20.83 -3.34 1.93
N ASN B 85 -21.09 -2.65 0.82
CA ASN B 85 -21.70 -1.33 0.99
C ASN B 85 -23.18 -1.40 1.22
N THR B 86 -23.83 -2.51 0.86
CA THR B 86 -25.27 -2.59 1.01
C THR B 86 -25.72 -3.54 2.11
N SER B 87 -24.95 -4.57 2.39
CA SER B 87 -25.23 -5.48 3.49
C SER B 87 -24.52 -5.09 4.77
N CYS B 88 -23.66 -4.08 4.76
CA CYS B 88 -23.01 -3.66 6.00
C CYS B 88 -23.18 -2.17 6.20
N GLY B 89 -24.29 -1.64 5.72
CA GLY B 89 -24.68 -0.28 5.89
C GLY B 89 -25.68 -0.14 7.01
N LEU B 90 -26.68 0.71 6.80
CA LEU B 90 -27.52 1.13 7.92
C LEU B 90 -28.74 0.22 8.07
N ASN B 91 -28.46 -1.08 8.18
CA ASN B 91 -29.55 -2.04 8.16
C ASN B 91 -29.00 -3.40 8.60
N SER B 92 -29.35 -3.80 9.81
CA SER B 92 -28.84 -5.03 10.39
C SER B 92 -29.61 -6.27 9.93
N LEU B 93 -30.83 -6.09 9.43
CA LEU B 93 -31.64 -7.17 8.87
C LEU B 93 -31.25 -7.40 7.41
N ALA B 94 -29.99 -7.72 7.20
CA ALA B 94 -29.43 -8.02 5.89
C ALA B 94 -28.49 -9.20 6.06
N ASN B 95 -28.18 -9.89 4.96
CA ASN B 95 -27.27 -11.02 5.08
C ASN B 95 -25.87 -10.47 5.37
N GLN B 96 -25.45 -10.56 6.63
CA GLN B 96 -24.29 -9.84 7.14
C GLN B 96 -23.10 -10.72 7.42
N ALA B 97 -22.98 -11.87 6.74
CA ALA B 97 -21.82 -12.72 7.00
C ALA B 97 -20.52 -12.08 6.54
N ILE B 98 -20.61 -11.22 5.51
CA ILE B 98 -19.41 -10.70 4.86
C ILE B 98 -18.81 -9.55 5.62
N CYS B 99 -19.56 -8.90 6.51
CA CYS B 99 -19.11 -7.60 7.03
C CYS B 99 -17.87 -7.73 7.89
N GLY B 100 -17.55 -8.93 8.34
CA GLY B 100 -16.28 -9.14 9.01
C GLY B 100 -15.09 -8.79 8.16
N LEU B 101 -15.26 -8.69 6.85
CA LEU B 101 -14.13 -8.32 6.02
C LEU B 101 -13.57 -6.97 6.45
N ARG B 102 -14.44 -6.03 6.82
CA ARG B 102 -13.94 -4.69 7.15
C ARG B 102 -13.11 -4.72 8.42
N THR B 103 -13.31 -5.75 9.24
CA THR B 103 -12.35 -6.00 10.30
C THR B 103 -11.06 -6.56 9.73
N LYS B 104 -11.15 -7.64 8.95
CA LYS B 104 -9.95 -8.32 8.48
C LYS B 104 -9.08 -7.43 7.60
N LEU B 105 -9.67 -6.69 6.66
CA LEU B 105 -8.88 -5.83 5.81
C LEU B 105 -8.60 -4.47 6.42
N GLY B 106 -8.78 -4.32 7.75
CA GLY B 106 -8.41 -3.09 8.44
C GLY B 106 -9.19 -1.83 8.10
N LEU B 107 -10.43 -1.97 7.65
CA LEU B 107 -11.23 -0.84 7.19
C LEU B 107 -12.02 -0.16 8.30
N VAL B 108 -12.17 -0.79 9.47
CA VAL B 108 -12.87 -0.16 10.58
C VAL B 108 -12.11 1.09 11.02
N ALA B 109 -12.83 2.17 11.27
CA ALA B 109 -12.18 3.41 11.65
C ALA B 109 -11.53 3.27 13.02
N LYS B 110 -10.33 3.82 13.16
CA LYS B 110 -9.62 3.85 14.44
C LYS B 110 -9.26 5.29 14.75
N PRO B 111 -9.84 5.91 15.79
CA PRO B 111 -9.54 7.31 16.07
C PRO B 111 -8.03 7.52 16.24
N GLY B 112 -7.53 8.61 15.65
CA GLY B 112 -6.12 8.93 15.68
C GLY B 112 -5.29 8.29 14.58
N GLN B 113 -5.89 7.36 13.82
CA GLN B 113 -5.19 6.62 12.79
C GLN B 113 -5.65 7.06 11.40
N VAL B 114 -4.86 6.66 10.39
CA VAL B 114 -5.10 7.08 9.02
C VAL B 114 -6.14 6.16 8.39
N MET B 115 -6.83 6.69 7.37
CA MET B 115 -7.89 5.95 6.69
C MET B 115 -7.31 4.88 5.78
N VAL B 116 -8.05 3.78 5.62
CA VAL B 116 -7.75 2.77 4.61
C VAL B 116 -8.90 2.77 3.61
N THR B 117 -8.58 3.00 2.34
CA THR B 117 -9.64 3.06 1.34
C THR B 117 -10.20 1.65 1.13
N GLN B 118 -11.51 1.57 0.85
CA GLN B 118 -12.11 0.24 0.77
C GLN B 118 -11.73 -0.46 -0.54
N LYS B 119 -12.11 0.08 -1.71
CA LYS B 119 -11.90 -0.77 -2.89
C LYS B 119 -10.42 -1.09 -3.09
N GLU B 120 -9.53 -0.17 -2.73
CA GLU B 120 -8.10 -0.45 -2.86
C GLU B 120 -7.72 -1.63 -1.99
N ALA B 121 -8.26 -1.68 -0.77
CA ALA B 121 -8.03 -2.85 0.07
C ALA B 121 -8.60 -4.09 -0.60
N ILE B 122 -9.76 -3.96 -1.27
CA ILE B 122 -10.38 -5.14 -1.83
C ILE B 122 -9.65 -5.62 -3.08
N THR B 123 -9.32 -4.70 -4.00
CA THR B 123 -8.55 -5.17 -5.16
C THR B 123 -7.17 -5.68 -4.76
N LYS B 124 -6.67 -5.31 -3.57
CA LYS B 124 -5.38 -5.84 -3.16
C LYS B 124 -5.53 -7.26 -2.63
N MET B 125 -6.54 -7.48 -1.80
CA MET B 125 -6.81 -8.82 -1.31
C MET B 125 -7.11 -9.76 -2.45
N ILE B 126 -7.99 -9.35 -3.39
CA ILE B 126 -8.42 -10.27 -4.43
C ILE B 126 -7.28 -10.57 -5.40
N THR B 127 -6.44 -9.56 -5.72
CA THR B 127 -5.29 -9.83 -6.58
C THR B 127 -4.38 -10.87 -5.96
N ASN B 128 -4.00 -10.66 -4.69
CA ASN B 128 -3.23 -11.67 -3.96
C ASN B 128 -3.86 -13.05 -4.10
N VAL B 129 -5.16 -13.14 -3.80
CA VAL B 129 -5.86 -14.42 -3.75
C VAL B 129 -6.01 -15.01 -5.15
N VAL B 130 -6.34 -14.17 -6.13
CA VAL B 130 -6.53 -14.68 -7.48
C VAL B 130 -5.20 -15.21 -8.03
N HIS B 131 -4.15 -14.38 -7.96
CA HIS B 131 -2.82 -14.81 -8.39
C HIS B 131 -2.48 -16.18 -7.80
N LYS B 132 -2.59 -16.34 -6.48
CA LYS B 132 -2.31 -17.65 -5.87
C LYS B 132 -3.15 -18.74 -6.53
N SER B 133 -4.39 -18.41 -6.89
CA SER B 133 -5.27 -19.40 -7.49
C SER B 133 -4.88 -19.69 -8.93
N GLU B 134 -4.44 -18.68 -9.68
CA GLU B 134 -3.92 -18.92 -11.02
C GLU B 134 -2.69 -19.84 -11.00
N ILE B 135 -1.80 -19.66 -10.04
CA ILE B 135 -0.58 -20.46 -10.03
C ILE B 135 -0.92 -21.92 -9.70
N THR B 136 -1.68 -22.17 -8.63
CA THR B 136 -2.05 -23.56 -8.35
C THR B 136 -2.88 -24.15 -9.49
N ALA B 137 -3.68 -23.32 -10.18
CA ALA B 137 -4.35 -23.75 -11.40
C ALA B 137 -3.32 -24.26 -12.42
N GLU B 138 -2.42 -23.37 -12.87
CA GLU B 138 -1.44 -23.71 -13.90
C GLU B 138 -0.65 -24.98 -13.54
N ALA B 139 -0.34 -25.18 -12.26
CA ALA B 139 0.30 -26.43 -11.88
C ALA B 139 -0.57 -27.63 -12.24
N ALA B 140 -1.87 -27.56 -11.93
CA ALA B 140 -2.78 -28.65 -12.29
C ALA B 140 -2.90 -28.80 -13.81
N LYS B 141 -3.06 -27.68 -14.52
CA LYS B 141 -3.16 -27.74 -15.97
C LYS B 141 -1.96 -28.46 -16.56
N THR B 142 -0.74 -28.11 -16.12
CA THR B 142 0.43 -28.69 -16.76
C THR B 142 0.66 -30.13 -16.32
N GLU B 143 0.29 -30.48 -15.08
CA GLU B 143 0.42 -31.87 -14.66
C GLU B 143 -0.60 -32.76 -15.38
N VAL B 144 -1.88 -32.37 -15.38
CA VAL B 144 -2.89 -33.27 -15.92
C VAL B 144 -2.84 -33.32 -17.44
N ALA B 145 -2.45 -32.23 -18.09
CA ALA B 145 -2.24 -32.26 -19.53
C ALA B 145 -1.08 -33.18 -19.88
N ALA B 146 0.01 -33.11 -19.11
CA ALA B 146 1.12 -34.01 -19.37
C ALA B 146 0.70 -35.46 -19.16
N THR B 147 0.01 -35.78 -18.07
CA THR B 147 -0.27 -37.19 -17.85
C THR B 147 -1.24 -37.75 -18.88
N LYS B 148 -2.26 -36.99 -19.27
CA LYS B 148 -3.15 -37.53 -20.29
C LYS B 148 -2.41 -37.68 -21.61
N THR B 149 -1.69 -36.64 -22.04
CA THR B 149 -0.90 -36.73 -23.26
C THR B 149 -0.02 -37.96 -23.24
N ALA B 150 0.71 -38.16 -22.14
CA ALA B 150 1.58 -39.31 -22.04
C ALA B 150 0.77 -40.60 -22.16
N ALA B 151 -0.30 -40.70 -21.38
CA ALA B 151 -1.08 -41.93 -21.40
C ALA B 151 -1.71 -42.17 -22.76
N ALA B 152 -2.16 -41.10 -23.42
CA ALA B 152 -2.81 -41.27 -24.73
C ALA B 152 -1.80 -41.71 -25.79
N ILE B 153 -0.70 -40.97 -25.95
CA ILE B 153 0.24 -41.33 -26.99
C ILE B 153 0.74 -42.73 -26.77
N LYS B 154 0.85 -43.16 -25.51
CA LYS B 154 1.41 -44.48 -25.22
C LYS B 154 0.43 -45.57 -25.60
N MET B 155 -0.86 -45.37 -25.40
CA MET B 155 -1.81 -46.41 -25.81
C MET B 155 -2.02 -46.45 -27.33
N ASN B 156 -2.21 -45.28 -27.97
CA ASN B 156 -2.28 -45.22 -29.43
C ASN B 156 -1.09 -45.92 -30.07
N THR B 157 0.13 -45.44 -29.77
CA THR B 157 1.36 -46.05 -30.29
C THR B 157 1.36 -47.55 -30.06
N GLU B 158 0.71 -48.01 -29.00
CA GLU B 158 0.63 -49.44 -28.77
C GLU B 158 -0.32 -50.11 -29.77
N ALA B 159 -1.50 -49.51 -29.98
CA ALA B 159 -2.43 -50.03 -30.99
C ALA B 159 -1.82 -50.06 -32.39
N ILE B 160 -1.11 -48.99 -32.76
CA ILE B 160 -0.49 -48.87 -34.09
C ILE B 160 0.68 -49.84 -34.21
N GLU B 161 0.89 -50.70 -33.22
CA GLU B 161 1.88 -51.77 -33.34
C GLU B 161 1.22 -53.15 -33.30
N ALA B 162 -0.10 -53.19 -33.43
CA ALA B 162 -0.83 -54.44 -33.56
C ALA B 162 -1.65 -54.45 -34.87
N ILE C 3 10.60 49.42 -41.06
CA ILE C 3 10.24 48.06 -40.61
C ILE C 3 9.87 48.19 -39.11
N ALA C 4 9.51 49.42 -38.74
CA ALA C 4 8.85 49.64 -37.45
C ALA C 4 7.39 49.19 -37.47
N ALA C 5 6.79 49.07 -38.66
CA ALA C 5 5.43 48.57 -38.80
C ALA C 5 5.37 47.12 -39.26
N LEU C 6 6.52 46.49 -39.55
CA LEU C 6 6.56 45.13 -40.09
C LEU C 6 6.93 44.07 -39.06
N ALA C 7 7.79 44.40 -38.10
CA ALA C 7 8.09 43.45 -37.03
C ALA C 7 7.01 43.42 -35.95
N VAL C 8 5.97 44.25 -36.06
CA VAL C 8 4.79 44.16 -35.21
C VAL C 8 3.65 43.43 -35.91
N ASN C 9 3.49 43.64 -37.22
CA ASN C 9 2.65 42.76 -38.02
C ASN C 9 3.11 41.31 -37.88
N ALA C 10 4.43 41.11 -37.74
CA ALA C 10 5.00 39.78 -37.52
C ALA C 10 4.77 39.28 -36.09
N TRP C 11 4.66 40.16 -35.11
CA TRP C 11 4.26 39.67 -33.79
C TRP C 11 2.75 39.53 -33.72
N LYS C 12 1.98 40.41 -34.38
CA LYS C 12 0.55 40.21 -34.46
C LYS C 12 0.18 38.84 -35.07
N THR C 13 1.05 38.25 -35.89
CA THR C 13 0.88 36.86 -36.30
C THR C 13 1.12 35.90 -35.14
N THR C 14 2.30 35.97 -34.54
CA THR C 14 2.70 35.03 -33.49
C THR C 14 1.67 35.02 -32.36
N ALA C 15 1.12 36.21 -32.09
CA ALA C 15 0.03 36.33 -31.13
C ALA C 15 -1.23 35.66 -31.67
N LEU C 16 -1.53 35.84 -32.95
CA LEU C 16 -2.71 35.25 -33.55
C LEU C 16 -2.58 33.74 -33.68
N LYS C 17 -1.39 33.24 -34.00
CA LYS C 17 -1.22 31.79 -34.02
C LYS C 17 -1.33 31.21 -32.62
N ASN C 18 -0.94 31.96 -31.60
CA ASN C 18 -1.09 31.44 -30.25
C ASN C 18 -2.51 31.60 -29.76
N ALA C 19 -3.20 32.66 -30.18
CA ALA C 19 -4.60 32.82 -29.81
C ALA C 19 -5.46 31.68 -30.36
N ILE C 20 -5.13 31.20 -31.57
CA ILE C 20 -5.85 30.05 -32.13
C ILE C 20 -5.69 28.82 -31.25
N ALA C 21 -4.45 28.48 -30.91
CA ALA C 21 -4.24 27.34 -30.01
C ALA C 21 -4.95 27.55 -28.68
N ALA C 22 -4.92 28.76 -28.13
CA ALA C 22 -5.57 29.00 -26.84
C ALA C 22 -7.06 28.78 -26.95
N ALA C 23 -7.69 29.34 -27.99
CA ALA C 23 -9.14 29.21 -28.11
C ALA C 23 -9.54 27.75 -28.29
N GLN C 24 -8.70 26.96 -28.98
CA GLN C 24 -9.00 25.55 -29.18
C GLN C 24 -8.87 24.77 -27.87
N LYS C 25 -7.80 25.04 -27.13
CA LYS C 25 -7.61 24.37 -25.84
C LYS C 25 -8.74 24.75 -24.89
N ALA C 26 -9.04 26.05 -24.81
CA ALA C 26 -10.11 26.52 -23.94
C ALA C 26 -11.44 25.91 -24.31
N GLY C 27 -11.68 25.73 -25.60
CA GLY C 27 -12.93 25.14 -26.03
C GLY C 27 -13.01 23.68 -25.67
N ASP C 28 -11.91 22.94 -25.82
CA ASP C 28 -11.96 21.53 -25.46
C ASP C 28 -11.92 21.31 -23.96
N ALA C 29 -11.37 22.25 -23.21
CA ALA C 29 -11.55 22.21 -21.77
C ALA C 29 -13.02 22.36 -21.42
N ALA C 30 -13.65 23.43 -21.89
CA ALA C 30 -15.05 23.68 -21.59
C ALA C 30 -15.92 22.50 -22.01
N GLY C 31 -15.72 22.01 -23.24
CA GLY C 31 -16.52 20.91 -23.74
C GLY C 31 -16.37 19.65 -22.91
N LYS C 32 -15.14 19.33 -22.48
CA LYS C 32 -14.94 18.16 -21.64
C LYS C 32 -15.72 18.27 -20.32
N ILE C 33 -15.65 19.42 -19.67
CA ILE C 33 -16.38 19.61 -18.41
C ILE C 33 -17.88 19.49 -18.65
N ALA C 34 -18.38 20.16 -19.69
CA ALA C 34 -19.79 20.00 -20.03
C ALA C 34 -20.12 18.56 -20.40
N GLY C 35 -19.16 17.87 -21.02
CA GLY C 35 -19.42 16.53 -21.47
C GLY C 35 -19.66 15.62 -20.30
N GLU C 36 -18.64 15.43 -19.47
CA GLU C 36 -18.74 14.56 -18.31
C GLU C 36 -19.57 15.24 -17.24
N SER C 37 -20.77 15.67 -17.60
CA SER C 37 -21.67 16.36 -16.69
C SER C 37 -23.09 16.31 -17.25
N LYS C 38 -23.25 16.49 -18.56
CA LYS C 38 -24.46 16.00 -19.21
C LYS C 38 -24.55 14.50 -19.11
N GLY C 39 -23.40 13.82 -19.25
CA GLY C 39 -23.36 12.39 -19.02
C GLY C 39 -23.90 12.02 -17.65
N VAL C 40 -23.30 12.58 -16.60
CA VAL C 40 -23.75 12.22 -15.27
C VAL C 40 -25.22 12.61 -15.09
N GLU C 41 -25.61 13.79 -15.57
CA GLU C 41 -26.98 14.22 -15.31
C GLU C 41 -27.99 13.32 -16.02
N THR C 42 -27.69 12.92 -17.26
CA THR C 42 -28.64 12.12 -18.04
C THR C 42 -28.80 10.72 -17.44
N ILE C 43 -27.70 10.02 -17.18
CA ILE C 43 -27.81 8.68 -16.62
C ILE C 43 -28.55 8.74 -15.28
N ILE C 44 -28.31 9.78 -14.50
CA ILE C 44 -29.05 9.93 -13.25
C ILE C 44 -30.54 10.11 -13.55
N GLY C 45 -30.87 11.05 -14.42
CA GLY C 45 -32.26 11.20 -14.82
C GLY C 45 -32.89 9.88 -15.24
N ILE C 46 -32.19 9.12 -16.09
CA ILE C 46 -32.79 7.90 -16.60
C ILE C 46 -33.01 6.92 -15.46
N LEU C 47 -32.01 6.81 -14.57
CA LEU C 47 -32.13 5.86 -13.48
C LEU C 47 -33.27 6.22 -12.55
N GLU C 48 -33.50 7.51 -12.32
CA GLU C 48 -34.47 7.94 -11.32
C GLU C 48 -35.89 8.02 -11.87
N GLN C 49 -36.05 8.36 -13.15
CA GLN C 49 -37.38 8.52 -13.72
C GLN C 49 -37.94 7.21 -14.25
N TYR C 50 -37.18 6.49 -15.06
CA TYR C 50 -37.75 5.30 -15.70
C TYR C 50 -37.58 4.04 -14.85
N TYR C 51 -36.52 3.94 -14.04
CA TYR C 51 -36.30 2.75 -13.25
C TYR C 51 -36.54 2.93 -11.77
N SER C 52 -36.74 4.18 -11.32
CA SER C 52 -37.03 4.51 -9.93
C SER C 52 -35.86 4.18 -8.99
N ILE C 53 -34.66 4.03 -9.54
CA ILE C 53 -33.46 3.81 -8.72
C ILE C 53 -32.85 5.16 -8.35
N TYR C 54 -32.61 5.38 -7.06
CA TYR C 54 -32.08 6.66 -6.57
C TYR C 54 -30.74 6.52 -5.85
N GLU C 55 -30.19 5.32 -5.76
CA GLU C 55 -28.87 5.14 -5.17
C GLU C 55 -28.30 3.85 -5.74
N LEU C 56 -26.98 3.74 -5.74
CA LEU C 56 -26.32 2.48 -6.03
C LEU C 56 -25.10 2.38 -5.14
N LYS C 57 -24.70 1.14 -4.82
CA LYS C 57 -23.62 0.86 -3.90
C LYS C 57 -23.85 1.48 -2.52
N GLY C 58 -25.10 1.70 -2.13
CA GLY C 58 -25.32 2.29 -0.83
C GLY C 58 -24.97 3.76 -0.73
N THR C 59 -24.98 4.47 -1.85
CA THR C 59 -24.65 5.89 -1.94
C THR C 59 -25.57 6.49 -2.97
N PRO C 60 -26.01 7.73 -2.78
CA PRO C 60 -26.86 8.37 -3.78
C PRO C 60 -26.09 8.59 -5.08
N LEU C 61 -26.85 8.78 -6.17
CA LEU C 61 -26.28 8.64 -7.50
C LEU C 61 -25.20 9.68 -7.75
N LYS C 62 -25.38 10.91 -7.26
CA LYS C 62 -24.35 11.91 -7.45
C LYS C 62 -23.03 11.46 -6.82
N SER C 63 -23.09 10.84 -5.65
CA SER C 63 -21.87 10.30 -5.06
C SER C 63 -21.40 9.07 -5.81
N PHE C 64 -22.34 8.25 -6.30
CA PHE C 64 -21.93 7.02 -6.95
C PHE C 64 -21.07 7.30 -8.16
N PHE C 65 -21.46 8.32 -8.96
CA PHE C 65 -20.82 8.60 -10.24
C PHE C 65 -19.61 9.51 -10.13
N ALA C 66 -19.21 9.90 -8.94
CA ALA C 66 -17.92 10.52 -8.75
C ALA C 66 -16.81 9.50 -8.57
N THR C 67 -17.14 8.31 -8.09
CA THR C 67 -16.19 7.24 -7.86
C THR C 67 -16.10 6.26 -9.03
N THR C 68 -17.20 5.99 -9.72
CA THR C 68 -17.20 5.09 -10.88
C THR C 68 -17.75 5.85 -12.08
N HIS C 69 -17.03 5.78 -13.19
CA HIS C 69 -17.33 6.67 -14.30
C HIS C 69 -18.60 6.24 -15.01
N TYR C 70 -19.44 7.22 -15.34
CA TYR C 70 -20.73 6.89 -15.94
C TYR C 70 -20.61 6.14 -17.26
N THR C 71 -19.44 6.01 -17.86
CA THR C 71 -19.33 5.21 -19.08
C THR C 71 -18.97 3.77 -18.78
N ASP C 72 -18.71 3.45 -17.51
CA ASP C 72 -18.05 2.21 -17.12
C ASP C 72 -19.14 1.13 -16.97
N ILE C 73 -19.60 0.66 -18.13
CA ILE C 73 -20.71 -0.29 -18.17
C ILE C 73 -20.41 -1.52 -17.32
N SER C 74 -19.27 -2.20 -17.59
CA SER C 74 -18.92 -3.39 -16.82
C SER C 74 -19.14 -3.18 -15.34
N ASN C 75 -18.67 -2.05 -14.81
CA ASN C 75 -18.79 -1.92 -13.37
C ASN C 75 -20.20 -1.62 -12.95
N ILE C 76 -20.85 -0.67 -13.63
CA ILE C 76 -22.20 -0.33 -13.27
C ILE C 76 -23.06 -1.60 -13.25
N ALA C 77 -22.89 -2.44 -14.28
CA ALA C 77 -23.66 -3.67 -14.35
C ALA C 77 -23.36 -4.58 -13.16
N THR C 78 -22.08 -4.87 -12.92
CA THR C 78 -21.73 -5.68 -11.77
C THR C 78 -22.28 -5.09 -10.49
N VAL C 79 -22.26 -3.75 -10.36
CA VAL C 79 -22.74 -3.14 -9.11
C VAL C 79 -24.23 -3.44 -8.94
N ILE C 80 -25.03 -3.16 -9.97
CA ILE C 80 -26.47 -3.41 -9.92
C ILE C 80 -26.77 -4.90 -9.73
N ASP C 81 -26.12 -5.76 -10.53
CA ASP C 81 -26.32 -7.21 -10.41
C ASP C 81 -26.10 -7.68 -8.98
N THR C 82 -24.99 -7.24 -8.36
CA THR C 82 -24.72 -7.64 -6.99
C THR C 82 -25.80 -7.16 -6.03
N GLU C 83 -26.23 -5.90 -6.18
CA GLU C 83 -27.20 -5.36 -5.25
C GLU C 83 -28.56 -6.05 -5.38
N LEU C 84 -29.08 -6.14 -6.61
CA LEU C 84 -30.25 -6.97 -6.90
C LEU C 84 -30.24 -8.30 -6.16
N ASN C 85 -29.11 -9.03 -6.19
CA ASN C 85 -29.10 -10.37 -5.60
C ASN C 85 -29.11 -10.34 -4.07
N THR C 86 -28.37 -9.41 -3.48
CA THR C 86 -28.18 -9.36 -2.03
C THR C 86 -28.91 -8.13 -1.55
N SER C 87 -30.23 -8.26 -1.44
CA SER C 87 -31.16 -7.15 -1.26
C SER C 87 -32.48 -7.49 -1.95
N CYS C 88 -32.53 -8.60 -2.69
CA CYS C 88 -33.80 -9.21 -3.06
C CYS C 88 -33.73 -10.72 -2.85
N GLY C 89 -33.01 -11.15 -1.82
CA GLY C 89 -32.90 -12.57 -1.56
C GLY C 89 -34.15 -13.14 -0.94
N LEU C 90 -34.04 -13.61 0.29
CA LEU C 90 -35.07 -14.43 0.90
C LEU C 90 -35.86 -13.71 1.98
N ASN C 91 -35.46 -12.47 2.30
CA ASN C 91 -36.16 -11.67 3.30
C ASN C 91 -37.15 -10.76 2.61
N SER C 92 -38.41 -10.82 3.05
CA SER C 92 -39.41 -9.85 2.59
C SER C 92 -40.71 -9.92 3.36
N ASN C 95 -37.62 -4.35 1.72
CA ASN C 95 -36.45 -4.56 0.85
C ASN C 95 -35.80 -3.28 0.35
N GLN C 96 -36.09 -2.93 -0.92
CA GLN C 96 -35.65 -1.69 -1.53
C GLN C 96 -36.17 -1.63 -2.97
N ALA C 97 -36.07 -0.43 -3.55
CA ALA C 97 -36.67 -0.15 -4.85
C ALA C 97 -36.02 -0.96 -5.96
N ILE C 98 -34.76 -1.33 -5.77
CA ILE C 98 -33.98 -2.04 -6.77
C ILE C 98 -34.72 -3.28 -7.25
N CYS C 99 -35.50 -3.93 -6.36
CA CYS C 99 -36.11 -5.21 -6.70
C CYS C 99 -37.09 -5.09 -7.86
N GLY C 100 -37.56 -3.87 -8.14
CA GLY C 100 -38.43 -3.65 -9.29
C GLY C 100 -37.79 -4.09 -10.58
N LEU C 101 -36.47 -4.13 -10.64
CA LEU C 101 -35.81 -4.43 -11.89
C LEU C 101 -36.15 -5.82 -12.38
N ARG C 102 -36.54 -6.71 -11.46
CA ARG C 102 -36.74 -8.09 -11.87
C ARG C 102 -38.03 -8.24 -12.69
N THR C 103 -39.03 -7.41 -12.39
CA THR C 103 -40.20 -7.31 -13.26
C THR C 103 -39.90 -6.45 -14.50
N LYS C 104 -39.13 -5.36 -14.35
CA LYS C 104 -38.89 -4.49 -15.51
C LYS C 104 -38.02 -5.17 -16.57
N LEU C 105 -37.11 -6.06 -16.18
CA LEU C 105 -36.21 -6.71 -17.13
C LEU C 105 -36.67 -8.09 -17.53
N GLY C 106 -37.78 -8.57 -16.97
CA GLY C 106 -38.38 -9.84 -17.38
C GLY C 106 -37.68 -11.05 -16.83
N LEU C 107 -37.34 -10.99 -15.54
CA LEU C 107 -36.43 -11.96 -14.94
C LEU C 107 -37.14 -13.02 -14.11
N VAL C 108 -38.40 -12.75 -13.75
CA VAL C 108 -39.25 -13.74 -13.11
C VAL C 108 -39.38 -14.97 -14.00
N ALA C 109 -39.20 -16.15 -13.41
CA ALA C 109 -39.14 -17.36 -14.22
C ALA C 109 -40.54 -17.73 -14.68
N LYS C 110 -40.65 -18.11 -15.94
CA LYS C 110 -41.95 -18.44 -16.50
C LYS C 110 -41.95 -19.91 -16.87
N PRO C 111 -42.72 -20.74 -16.17
CA PRO C 111 -42.67 -22.18 -16.45
C PRO C 111 -42.92 -22.45 -17.92
N GLY C 112 -42.05 -23.28 -18.50
CA GLY C 112 -42.17 -23.66 -19.88
C GLY C 112 -41.30 -22.88 -20.83
N GLN C 113 -40.65 -21.81 -20.37
CA GLN C 113 -39.97 -20.89 -21.27
C GLN C 113 -38.47 -20.82 -20.98
N VAL C 114 -37.77 -20.11 -21.88
CA VAL C 114 -36.30 -19.96 -21.81
C VAL C 114 -35.93 -19.10 -20.59
N MET C 115 -34.71 -19.28 -20.10
CA MET C 115 -34.22 -18.45 -19.01
C MET C 115 -33.70 -17.10 -19.49
N VAL C 116 -34.07 -16.03 -18.77
CA VAL C 116 -33.51 -14.70 -18.98
C VAL C 116 -32.44 -14.49 -17.91
N THR C 117 -31.16 -14.65 -18.24
CA THR C 117 -30.14 -14.52 -17.22
C THR C 117 -29.95 -13.07 -16.79
N GLN C 118 -29.97 -12.85 -15.47
CA GLN C 118 -29.98 -11.53 -14.87
C GLN C 118 -28.79 -10.69 -15.34
N LYS C 119 -27.57 -11.18 -15.14
CA LYS C 119 -26.41 -10.39 -15.53
C LYS C 119 -26.56 -9.90 -16.97
N GLU C 120 -26.81 -10.82 -17.90
CA GLU C 120 -26.95 -10.42 -19.30
C GLU C 120 -28.03 -9.37 -19.47
N ALA C 121 -29.19 -9.58 -18.84
CA ALA C 121 -30.25 -8.58 -18.95
C ALA C 121 -29.78 -7.23 -18.43
N ILE C 122 -29.06 -7.21 -17.30
CA ILE C 122 -28.62 -5.94 -16.71
C ILE C 122 -27.61 -5.26 -17.61
N THR C 123 -26.59 -6.01 -18.06
CA THR C 123 -25.66 -5.46 -19.05
C THR C 123 -26.40 -4.87 -20.25
N LYS C 124 -27.41 -5.56 -20.77
CA LYS C 124 -28.12 -5.00 -21.90
C LYS C 124 -28.80 -3.71 -21.50
N MET C 125 -29.45 -3.70 -20.33
CA MET C 125 -30.12 -2.48 -19.91
C MET C 125 -29.12 -1.34 -19.74
N ILE C 126 -27.93 -1.65 -19.20
CA ILE C 126 -27.03 -0.59 -18.80
C ILE C 126 -26.23 -0.07 -20.00
N THR C 127 -25.83 -0.93 -20.95
CA THR C 127 -25.14 -0.38 -22.11
C THR C 127 -26.08 0.52 -22.92
N ASN C 128 -27.36 0.15 -23.00
CA ASN C 128 -28.27 1.03 -23.73
C ASN C 128 -28.34 2.41 -23.08
N VAL C 129 -28.40 2.47 -21.74
CA VAL C 129 -28.53 3.79 -21.12
C VAL C 129 -27.19 4.49 -21.01
N VAL C 130 -26.08 3.74 -20.99
CA VAL C 130 -24.79 4.42 -21.10
C VAL C 130 -24.65 5.06 -22.47
N HIS C 131 -24.97 4.32 -23.53
CA HIS C 131 -24.97 4.90 -24.88
C HIS C 131 -25.84 6.14 -24.95
N LYS C 132 -27.09 6.07 -24.45
CA LYS C 132 -27.91 7.27 -24.43
C LYS C 132 -27.19 8.41 -23.70
N SER C 133 -26.50 8.10 -22.61
CA SER C 133 -25.83 9.16 -21.88
C SER C 133 -24.68 9.74 -22.68
N GLU C 134 -23.83 8.87 -23.22
CA GLU C 134 -22.72 9.33 -24.05
C GLU C 134 -23.21 10.16 -25.23
N ILE C 135 -24.37 9.81 -25.82
CA ILE C 135 -24.83 10.56 -27.00
C ILE C 135 -25.27 11.95 -26.59
N THR C 136 -25.99 12.09 -25.49
CA THR C 136 -26.33 13.45 -25.08
C THR C 136 -25.08 14.20 -24.58
N ALA C 137 -24.11 13.48 -24.02
CA ALA C 137 -22.90 14.14 -23.55
C ALA C 137 -22.08 14.67 -24.72
N GLU C 138 -21.93 13.87 -25.78
CA GLU C 138 -21.19 14.32 -26.95
C GLU C 138 -21.86 15.53 -27.57
N ALA C 139 -23.20 15.53 -27.61
CA ALA C 139 -23.92 16.69 -28.08
C ALA C 139 -23.58 17.92 -27.25
N ALA C 140 -23.45 17.76 -25.93
CA ALA C 140 -23.12 18.91 -25.09
C ALA C 140 -21.66 19.32 -25.24
N LYS C 141 -20.74 18.35 -25.28
CA LYS C 141 -19.32 18.68 -25.48
C LYS C 141 -19.12 19.40 -26.80
N THR C 142 -19.71 18.86 -27.89
CA THR C 142 -19.59 19.47 -29.21
C THR C 142 -20.05 20.92 -29.20
N GLU C 143 -21.14 21.20 -28.51
CA GLU C 143 -21.73 22.52 -28.57
C GLU C 143 -21.05 23.50 -27.63
N VAL C 144 -20.63 23.03 -26.46
CA VAL C 144 -19.92 23.92 -25.56
C VAL C 144 -18.53 24.22 -26.08
N ALA C 145 -17.81 23.22 -26.59
CA ALA C 145 -16.49 23.51 -27.16
C ALA C 145 -16.58 24.52 -28.31
N ALA C 146 -17.62 24.41 -29.15
CA ALA C 146 -17.76 25.35 -30.26
C ALA C 146 -17.96 26.77 -29.75
N THR C 147 -19.03 27.02 -28.99
CA THR C 147 -19.32 28.39 -28.55
C THR C 147 -18.14 28.99 -27.78
N LYS C 148 -17.42 28.19 -27.00
CA LYS C 148 -16.28 28.75 -26.27
C LYS C 148 -15.15 29.09 -27.22
N THR C 149 -14.80 28.15 -28.11
CA THR C 149 -13.77 28.44 -29.09
C THR C 149 -14.12 29.68 -29.90
N ALA C 150 -15.37 29.77 -30.38
CA ALA C 150 -15.75 30.91 -31.21
C ALA C 150 -15.67 32.21 -30.44
N ALA C 151 -16.10 32.18 -29.18
CA ALA C 151 -16.00 33.36 -28.32
C ALA C 151 -14.55 33.70 -28.02
N ALA C 152 -13.75 32.68 -27.71
CA ALA C 152 -12.37 32.90 -27.32
C ALA C 152 -11.53 33.44 -28.48
N ILE C 153 -11.73 32.89 -29.69
CA ILE C 153 -10.91 33.33 -30.81
C ILE C 153 -11.28 34.73 -31.22
N LYS C 154 -12.54 35.13 -31.05
CA LYS C 154 -12.95 36.45 -31.53
C LYS C 154 -12.48 37.55 -30.58
N MET C 155 -12.71 37.39 -29.27
CA MET C 155 -12.21 38.41 -28.36
C MET C 155 -10.68 38.44 -28.34
N ASN C 156 -10.00 37.34 -28.71
CA ASN C 156 -8.54 37.36 -28.78
C ASN C 156 -8.05 38.12 -30.02
N THR C 157 -8.70 37.94 -31.18
CA THR C 157 -8.23 38.66 -32.37
C THR C 157 -8.50 40.16 -32.27
N GLU C 158 -9.66 40.57 -31.75
CA GLU C 158 -9.83 42.00 -31.55
C GLU C 158 -8.80 42.57 -30.58
N ALA C 159 -8.44 41.84 -29.50
CA ALA C 159 -7.38 42.33 -28.64
C ALA C 159 -6.06 42.45 -29.39
N ILE C 160 -5.89 41.71 -30.49
CA ILE C 160 -4.68 41.79 -31.29
C ILE C 160 -4.72 42.96 -32.26
N GLU C 161 -5.81 43.72 -32.28
CA GLU C 161 -5.85 44.87 -33.17
C GLU C 161 -5.76 46.21 -32.43
N ALA C 162 -5.61 46.20 -31.10
CA ALA C 162 -5.48 47.43 -30.32
C ALA C 162 -4.01 47.84 -30.18
N GLY D 1 6.99 -26.48 9.60
CA GLY D 1 7.78 -25.77 8.61
C GLY D 1 8.72 -24.76 9.23
N GLU D 2 10.03 -24.90 9.01
CA GLU D 2 11.02 -24.04 9.66
C GLU D 2 11.77 -23.09 8.72
N ILE D 3 11.53 -23.19 7.40
CA ILE D 3 11.85 -22.14 6.43
C ILE D 3 10.59 -21.60 5.76
N ALA D 4 9.43 -22.20 6.03
CA ALA D 4 8.23 -21.41 6.23
C ALA D 4 8.52 -20.26 7.19
N ALA D 5 9.09 -20.58 8.35
CA ALA D 5 9.36 -19.60 9.40
C ALA D 5 10.50 -18.64 9.05
N LEU D 6 11.44 -19.04 8.19
CA LEU D 6 12.46 -18.11 7.69
C LEU D 6 11.90 -17.11 6.70
N ALA D 7 10.76 -17.41 6.08
CA ALA D 7 10.10 -16.46 5.21
C ALA D 7 9.42 -15.34 5.99
N VAL D 8 8.94 -15.63 7.21
CA VAL D 8 8.40 -14.57 8.06
C VAL D 8 9.48 -13.52 8.33
N ASN D 9 10.72 -13.96 8.57
CA ASN D 9 11.80 -13.02 8.83
C ASN D 9 12.16 -12.24 7.57
N ALA D 10 12.20 -12.90 6.41
CA ALA D 10 12.48 -12.19 5.16
C ALA D 10 11.42 -11.13 4.88
N TRP D 11 10.15 -11.45 5.15
CA TRP D 11 9.07 -10.51 4.90
C TRP D 11 9.13 -9.32 5.85
N LYS D 12 8.94 -9.57 7.14
CA LYS D 12 8.96 -8.47 8.10
C LYS D 12 10.29 -7.71 8.05
N THR D 13 11.37 -8.34 7.59
CA THR D 13 12.56 -7.57 7.25
C THR D 13 12.23 -6.42 6.31
N THR D 14 11.70 -6.75 5.12
CA THR D 14 11.44 -5.70 4.15
C THR D 14 10.24 -4.85 4.56
N ALA D 15 9.29 -5.43 5.29
CA ALA D 15 8.18 -4.63 5.81
C ALA D 15 8.69 -3.52 6.72
N LEU D 16 9.57 -3.88 7.66
CA LEU D 16 10.15 -2.88 8.57
C LEU D 16 11.03 -1.89 7.81
N LYS D 17 11.84 -2.37 6.88
CA LYS D 17 12.66 -1.45 6.07
C LYS D 17 11.79 -0.38 5.43
N ASN D 18 10.58 -0.75 5.00
CA ASN D 18 9.65 0.23 4.47
C ASN D 18 9.00 1.06 5.56
N ALA D 19 8.81 0.50 6.77
CA ALA D 19 8.21 1.28 7.84
C ALA D 19 9.18 2.29 8.45
N ILE D 20 10.50 2.01 8.44
CA ILE D 20 11.46 3.02 8.84
C ILE D 20 11.45 4.17 7.84
N ALA D 21 11.46 3.85 6.54
CA ALA D 21 11.39 4.89 5.51
C ALA D 21 10.16 5.77 5.68
N ALA D 22 9.00 5.13 5.88
CA ALA D 22 7.75 5.87 5.97
C ALA D 22 7.71 6.78 7.20
N ALA D 23 8.17 6.28 8.35
CA ALA D 23 8.23 7.11 9.55
C ALA D 23 9.12 8.33 9.33
N GLN D 24 10.29 8.14 8.68
CA GLN D 24 11.21 9.25 8.48
C GLN D 24 10.63 10.30 7.54
N LYS D 25 9.95 9.87 6.47
CA LYS D 25 9.30 10.85 5.61
C LYS D 25 8.14 11.54 6.34
N ALA D 26 7.32 10.79 7.08
CA ALA D 26 6.27 11.44 7.86
C ALA D 26 6.83 12.48 8.79
N GLY D 27 7.84 12.11 9.58
CA GLY D 27 8.50 13.09 10.44
C GLY D 27 9.05 14.27 9.66
N ASP D 28 9.67 14.00 8.50
CA ASP D 28 10.17 15.10 7.69
C ASP D 28 9.04 16.02 7.27
N ALA D 29 7.91 15.46 6.85
CA ALA D 29 6.77 16.28 6.43
C ALA D 29 6.20 17.07 7.59
N ALA D 30 6.06 16.45 8.76
CA ALA D 30 5.52 17.19 9.89
C ALA D 30 6.45 18.33 10.30
N GLY D 31 7.75 18.08 10.32
CA GLY D 31 8.70 19.10 10.73
C GLY D 31 8.76 20.25 9.75
N LYS D 32 8.79 19.95 8.45
CA LYS D 32 8.76 21.01 7.45
C LYS D 32 7.57 21.93 7.67
N ILE D 33 6.39 21.34 7.93
CA ILE D 33 5.18 22.12 8.12
C ILE D 33 5.23 22.87 9.44
N ALA D 34 5.58 22.17 10.52
CA ALA D 34 5.69 22.87 11.78
C ALA D 34 6.76 23.95 11.71
N GLY D 35 7.83 23.71 10.95
CA GLY D 35 8.89 24.68 10.85
C GLY D 35 8.49 25.92 10.07
N GLU D 36 7.92 25.74 8.88
CA GLU D 36 7.56 26.88 8.03
C GLU D 36 6.33 27.61 8.57
N SER D 37 6.08 27.47 9.87
CA SER D 37 4.89 28.04 10.46
C SER D 37 5.24 28.66 11.81
N LYS D 38 6.19 28.07 12.53
CA LYS D 38 6.81 28.80 13.63
C LYS D 38 7.50 30.06 13.13
N GLY D 39 8.20 29.95 12.00
CA GLY D 39 8.87 31.10 11.43
C GLY D 39 7.88 32.24 11.21
N VAL D 40 6.85 31.95 10.43
CA VAL D 40 5.83 32.96 10.15
C VAL D 40 5.24 33.49 11.44
N GLU D 41 4.95 32.60 12.40
CA GLU D 41 4.38 33.06 13.66
C GLU D 41 5.37 33.95 14.44
N THR D 42 6.67 33.69 14.30
CA THR D 42 7.62 34.47 15.09
C THR D 42 7.94 35.81 14.43
N ILE D 43 8.18 35.82 13.12
CA ILE D 43 8.40 37.09 12.45
C ILE D 43 7.16 37.96 12.56
N ILE D 44 5.96 37.37 12.47
CA ILE D 44 4.75 38.16 12.65
C ILE D 44 4.65 38.69 14.07
N GLY D 45 5.05 37.88 15.05
CA GLY D 45 5.07 38.37 16.43
C GLY D 45 5.99 39.57 16.60
N ILE D 46 7.21 39.48 16.06
CA ILE D 46 8.20 40.54 16.28
C ILE D 46 7.79 41.82 15.58
N LEU D 47 7.22 41.72 14.38
CA LEU D 47 6.82 42.94 13.68
C LEU D 47 5.61 43.59 14.34
N GLU D 48 4.70 42.80 14.91
CA GLU D 48 3.49 43.38 15.49
C GLU D 48 3.74 43.99 16.87
N GLN D 49 4.68 43.44 17.64
CA GLN D 49 4.83 43.86 19.02
C GLN D 49 6.03 44.74 19.28
N TYR D 50 7.19 44.47 18.67
CA TYR D 50 8.37 45.31 18.84
C TYR D 50 8.47 46.42 17.80
N TYR D 51 7.60 46.44 16.79
CA TYR D 51 7.71 47.41 15.69
C TYR D 51 6.36 47.99 15.28
N SER D 52 5.27 47.48 15.82
CA SER D 52 3.92 48.01 15.59
C SER D 52 3.50 47.91 14.12
N ILE D 53 4.04 46.92 13.40
CA ILE D 53 3.69 46.69 12.00
C ILE D 53 2.71 45.54 11.92
N TYR D 54 1.56 45.78 11.27
CA TYR D 54 0.52 44.77 11.11
C TYR D 54 0.18 44.53 9.66
N GLU D 55 0.71 45.35 8.74
CA GLU D 55 0.50 45.22 7.32
C GLU D 55 1.85 45.43 6.64
N LEU D 56 2.02 44.79 5.49
CA LEU D 56 3.15 45.06 4.61
C LEU D 56 2.65 44.94 3.19
N LYS D 57 3.06 45.87 2.32
CA LYS D 57 2.66 45.85 0.92
C LYS D 57 1.15 45.97 0.78
N GLY D 58 0.51 46.68 1.70
CA GLY D 58 -0.92 46.88 1.67
C GLY D 58 -1.76 45.64 1.93
N THR D 59 -1.24 44.69 2.72
CA THR D 59 -1.94 43.46 3.05
C THR D 59 -1.54 43.07 4.47
N PRO D 60 -2.45 42.42 5.22
CA PRO D 60 -2.09 41.99 6.57
C PRO D 60 -0.96 40.99 6.55
N LEU D 61 -0.18 40.97 7.62
CA LEU D 61 1.05 40.17 7.68
C LEU D 61 0.81 38.71 7.31
N LYS D 62 -0.25 38.10 7.86
CA LYS D 62 -0.58 36.72 7.52
C LYS D 62 -0.71 36.53 6.01
N SER D 63 -1.46 37.42 5.35
CA SER D 63 -1.54 37.34 3.89
C SER D 63 -0.18 37.58 3.23
N PHE D 64 0.62 38.50 3.78
CA PHE D 64 1.90 38.85 3.16
C PHE D 64 2.85 37.67 3.15
N PHE D 65 3.01 37.01 4.29
CA PHE D 65 3.92 35.90 4.35
C PHE D 65 3.36 34.63 3.73
N ALA D 66 2.20 34.71 3.09
CA ALA D 66 1.77 33.66 2.18
C ALA D 66 2.27 33.88 0.76
N THR D 67 2.63 35.11 0.39
CA THR D 67 3.11 35.40 -0.96
C THR D 67 4.62 35.60 -1.02
N THR D 68 5.28 35.96 0.07
CA THR D 68 6.72 36.09 0.05
C THR D 68 7.26 35.46 1.33
N HIS D 69 8.33 34.68 1.19
CA HIS D 69 8.79 33.80 2.25
C HIS D 69 9.44 34.61 3.37
N TYR D 70 9.12 34.24 4.62
CA TYR D 70 9.73 34.89 5.78
C TYR D 70 11.24 34.76 5.83
N THR D 71 11.88 34.00 4.95
CA THR D 71 13.33 34.01 4.90
C THR D 71 13.89 34.95 3.85
N ASP D 72 13.03 35.59 3.06
CA ASP D 72 13.48 36.35 1.89
C ASP D 72 13.89 37.76 2.34
N ILE D 73 15.06 37.84 2.97
CA ILE D 73 15.54 39.12 3.50
C ILE D 73 15.50 40.21 2.43
N SER D 74 16.06 39.91 1.24
CA SER D 74 16.14 40.93 0.17
C SER D 74 14.79 41.54 -0.12
N ASN D 75 13.73 40.72 -0.18
CA ASN D 75 12.45 41.21 -0.65
C ASN D 75 11.63 41.83 0.48
N ILE D 76 11.71 41.25 1.66
CA ILE D 76 11.10 41.91 2.81
C ILE D 76 11.70 43.31 2.96
N ALA D 77 13.04 43.41 2.87
CA ALA D 77 13.68 44.70 3.11
C ALA D 77 13.31 45.70 2.02
N THR D 78 13.37 45.28 0.76
CA THR D 78 13.00 46.17 -0.34
C THR D 78 11.54 46.63 -0.22
N VAL D 79 10.65 45.74 0.23
CA VAL D 79 9.23 46.09 0.39
C VAL D 79 9.07 47.19 1.44
N ILE D 80 9.77 47.05 2.57
CA ILE D 80 9.70 48.06 3.61
C ILE D 80 10.30 49.38 3.10
N ASP D 81 11.51 49.31 2.55
CA ASP D 81 12.16 50.48 1.96
C ASP D 81 11.20 51.22 1.03
N THR D 82 10.59 50.50 0.08
CA THR D 82 9.68 51.17 -0.84
C THR D 82 8.45 51.72 -0.14
N GLU D 83 7.89 50.96 0.81
CA GLU D 83 6.64 51.41 1.42
C GLU D 83 6.86 52.66 2.25
N LEU D 84 7.93 52.70 3.04
CA LEU D 84 8.34 53.94 3.70
C LEU D 84 8.33 55.13 2.74
N ASN D 85 8.99 55.00 1.58
CA ASN D 85 9.17 56.15 0.70
C ASN D 85 7.88 56.62 0.04
N THR D 86 6.94 55.72 -0.24
CA THR D 86 5.71 56.09 -0.96
C THR D 86 4.47 56.17 -0.08
N SER D 87 4.64 56.04 1.24
CA SER D 87 3.56 56.29 2.17
C SER D 87 3.93 57.33 3.21
N CYS D 88 5.22 57.61 3.40
CA CYS D 88 5.69 58.64 4.30
C CYS D 88 6.34 59.78 3.54
N GLY D 89 5.82 60.07 2.34
CA GLY D 89 6.33 61.15 1.50
C GLY D 89 5.67 62.45 1.89
N LEU D 90 5.28 63.27 0.92
CA LEU D 90 4.53 64.49 1.23
C LEU D 90 3.06 64.25 0.92
N ASN D 91 2.39 63.55 1.85
CA ASN D 91 0.95 63.33 1.83
C ASN D 91 0.49 62.56 3.09
N SER D 92 -0.53 63.09 3.78
CA SER D 92 -0.92 62.72 5.15
C SER D 92 -1.88 61.54 5.22
N LEU D 93 -2.25 60.96 4.07
CA LEU D 93 -3.46 60.16 3.94
C LEU D 93 -3.19 58.69 3.72
N ALA D 94 -1.96 58.30 3.40
CA ALA D 94 -1.69 56.91 3.09
C ALA D 94 -1.81 56.06 4.35
N ASN D 95 -1.66 54.74 4.19
CA ASN D 95 -1.56 53.86 5.35
C ASN D 95 -0.17 54.03 5.98
N GLN D 96 -0.05 55.02 6.86
CA GLN D 96 1.21 55.45 7.46
C GLN D 96 1.43 54.89 8.86
N ALA D 97 0.86 53.72 9.18
CA ALA D 97 1.21 53.05 10.43
C ALA D 97 2.68 52.64 10.45
N ILE D 98 3.26 52.43 9.27
CA ILE D 98 4.62 51.95 9.15
C ILE D 98 5.65 53.06 9.37
N CYS D 99 5.29 54.32 9.09
CA CYS D 99 6.24 55.43 9.16
C CYS D 99 6.90 55.54 10.52
N GLY D 100 6.25 55.06 11.58
CA GLY D 100 6.92 54.95 12.87
C GLY D 100 8.25 54.23 12.80
N LEU D 101 8.44 53.48 11.70
CA LEU D 101 9.70 52.77 11.50
C LEU D 101 10.89 53.72 11.48
N ARG D 102 10.67 54.97 11.02
CA ARG D 102 11.81 55.86 10.86
C ARG D 102 12.30 56.39 12.19
N THR D 103 11.39 56.58 13.15
CA THR D 103 11.76 56.93 14.51
C THR D 103 12.55 55.80 15.16
N LYS D 104 11.95 54.62 15.23
CA LYS D 104 12.59 53.46 15.87
C LYS D 104 14.01 53.26 15.36
N LEU D 105 14.19 53.29 14.04
CA LEU D 105 15.46 52.89 13.44
C LEU D 105 16.50 54.01 13.44
N GLY D 106 16.15 55.22 13.85
CA GLY D 106 17.09 56.33 13.86
C GLY D 106 17.23 57.08 12.55
N LEU D 107 16.26 56.94 11.64
CA LEU D 107 16.33 57.58 10.33
C LEU D 107 15.98 59.07 10.37
N VAL D 108 15.28 59.51 11.43
CA VAL D 108 14.95 60.93 11.58
C VAL D 108 16.23 61.75 11.60
N ALA D 109 16.22 62.87 10.90
CA ALA D 109 17.44 63.66 10.75
C ALA D 109 17.74 64.39 12.04
N LYS D 110 18.87 64.06 12.66
CA LYS D 110 19.27 64.74 13.91
C LYS D 110 20.14 65.94 13.52
N PRO D 111 19.69 67.25 13.73
CA PRO D 111 20.58 68.34 13.35
C PRO D 111 22.03 68.07 13.64
N GLY D 112 22.77 67.57 12.62
CA GLY D 112 24.17 67.37 12.76
C GLY D 112 24.59 65.94 12.51
N GLN D 113 24.21 65.09 13.44
CA GLN D 113 24.69 63.73 13.49
C GLN D 113 24.75 63.08 12.11
N VAL D 114 25.75 62.19 11.93
CA VAL D 114 25.92 61.52 10.65
C VAL D 114 24.58 61.02 10.12
N MET D 115 24.40 61.11 8.81
CA MET D 115 23.18 60.60 8.22
C MET D 115 23.10 59.09 8.36
N VAL D 116 21.93 58.57 8.70
CA VAL D 116 21.68 57.13 8.73
C VAL D 116 20.88 56.76 7.49
N THR D 117 21.51 55.97 6.62
CA THR D 117 20.89 55.48 5.39
C THR D 117 19.73 54.54 5.69
N GLN D 118 18.61 54.76 4.99
CA GLN D 118 17.38 54.04 5.32
C GLN D 118 17.44 52.58 4.85
N LYS D 119 17.93 52.29 3.64
CA LYS D 119 17.93 50.89 3.22
C LYS D 119 18.91 50.04 4.04
N GLU D 120 20.11 50.57 4.31
CA GLU D 120 21.04 49.82 5.14
C GLU D 120 20.43 49.56 6.49
N ALA D 121 19.66 50.52 6.99
CA ALA D 121 19.04 50.34 8.31
C ALA D 121 18.04 49.23 8.29
N ILE D 122 17.31 49.08 7.19
CA ILE D 122 16.26 48.10 7.11
C ILE D 122 16.82 46.71 6.96
N THR D 123 17.75 46.54 6.00
CA THR D 123 18.37 45.22 5.85
C THR D 123 19.07 44.80 7.12
N LYS D 124 19.53 45.75 7.93
CA LYS D 124 20.15 45.33 9.19
C LYS D 124 19.10 44.79 10.14
N MET D 125 17.92 45.41 10.21
CA MET D 125 16.86 44.94 11.10
C MET D 125 16.22 43.66 10.58
N ILE D 126 15.86 43.64 9.29
CA ILE D 126 15.18 42.47 8.75
C ILE D 126 16.11 41.25 8.76
N THR D 127 17.42 41.45 8.65
CA THR D 127 18.35 40.33 8.80
C THR D 127 18.30 39.76 10.21
N ASN D 128 18.22 40.62 11.23
CA ASN D 128 18.17 40.11 12.59
C ASN D 128 16.85 39.41 12.87
N VAL D 129 15.73 40.02 12.50
CA VAL D 129 14.46 39.40 12.85
C VAL D 129 14.24 38.14 12.03
N VAL D 130 14.86 38.02 10.87
CA VAL D 130 14.68 36.79 10.12
C VAL D 130 15.58 35.70 10.68
N HIS D 131 16.80 36.08 11.12
CA HIS D 131 17.68 35.12 11.77
C HIS D 131 17.06 34.56 13.03
N LYS D 132 16.44 35.42 13.85
CA LYS D 132 15.73 34.93 15.03
C LYS D 132 14.55 34.05 14.62
N SER D 133 13.87 34.41 13.55
CA SER D 133 12.76 33.59 13.10
C SER D 133 13.25 32.24 12.58
N GLU D 134 14.29 32.25 11.74
CA GLU D 134 14.74 31.00 11.15
C GLU D 134 15.24 30.02 12.20
N ILE D 135 15.82 30.53 13.28
CA ILE D 135 16.36 29.66 14.32
C ILE D 135 15.23 29.06 15.15
N THR D 136 14.25 29.87 15.58
CA THR D 136 13.15 29.28 16.32
C THR D 136 12.36 28.34 15.43
N ALA D 137 12.20 28.69 14.15
CA ALA D 137 11.56 27.76 13.24
C ALA D 137 12.34 26.46 13.16
N GLU D 138 13.67 26.52 13.05
CA GLU D 138 14.39 25.26 12.91
C GLU D 138 14.39 24.45 14.20
N ALA D 139 14.23 25.11 15.35
CA ALA D 139 14.01 24.36 16.60
C ALA D 139 12.70 23.61 16.56
N ALA D 140 11.62 24.26 16.10
CA ALA D 140 10.34 23.58 15.99
C ALA D 140 10.36 22.48 14.95
N LYS D 141 11.11 22.67 13.86
CA LYS D 141 11.27 21.61 12.88
C LYS D 141 11.90 20.38 13.53
N THR D 142 13.06 20.56 14.15
CA THR D 142 13.78 19.46 14.77
C THR D 142 12.86 18.68 15.71
N GLU D 143 12.18 19.40 16.59
CA GLU D 143 11.42 18.76 17.66
C GLU D 143 10.21 18.00 17.10
N VAL D 144 9.40 18.68 16.29
CA VAL D 144 8.24 18.00 15.71
C VAL D 144 8.66 16.89 14.76
N ALA D 145 9.75 17.08 14.01
CA ALA D 145 10.18 15.98 13.17
C ALA D 145 10.57 14.78 14.03
N ALA D 146 11.20 15.04 15.18
CA ALA D 146 11.68 13.96 16.02
C ALA D 146 10.54 13.20 16.69
N THR D 147 9.59 13.91 17.32
CA THR D 147 8.57 13.15 18.05
C THR D 147 7.68 12.40 17.09
N LYS D 148 7.37 12.99 15.93
CA LYS D 148 6.53 12.32 14.95
C LYS D 148 7.23 11.11 14.36
N THR D 149 8.54 11.22 14.07
CA THR D 149 9.28 10.05 13.63
C THR D 149 9.28 8.96 14.72
N ALA D 150 9.49 9.36 15.97
CA ALA D 150 9.49 8.40 17.05
C ALA D 150 8.15 7.69 17.17
N ALA D 151 7.07 8.45 17.28
CA ALA D 151 5.76 7.81 17.39
C ALA D 151 5.46 6.97 16.15
N ALA D 152 5.75 7.51 14.97
CA ALA D 152 5.43 6.79 13.73
C ALA D 152 6.18 5.47 13.65
N ILE D 153 7.44 5.48 14.03
CA ILE D 153 8.23 4.24 13.98
C ILE D 153 7.69 3.23 14.98
N LYS D 154 7.31 3.68 16.16
CA LYS D 154 6.81 2.75 17.17
C LYS D 154 5.54 2.07 16.69
N MET D 155 4.55 2.86 16.26
CA MET D 155 3.33 2.26 15.76
C MET D 155 3.62 1.29 14.61
N ASN D 156 4.41 1.73 13.62
CA ASN D 156 4.71 0.86 12.49
C ASN D 156 5.36 -0.45 12.93
N THR D 157 6.45 -0.40 13.72
CA THR D 157 7.24 -1.61 13.96
C THR D 157 6.41 -2.73 14.59
N GLU D 158 5.68 -2.46 15.68
CA GLU D 158 4.99 -3.60 16.30
C GLU D 158 3.72 -4.01 15.56
N ALA D 159 3.16 -3.14 14.70
CA ALA D 159 2.20 -3.60 13.72
C ALA D 159 2.78 -4.70 12.84
N ILE D 160 4.11 -4.81 12.80
CA ILE D 160 4.81 -5.84 12.04
C ILE D 160 5.31 -6.96 12.96
N GLU D 161 4.70 -7.13 14.14
CA GLU D 161 4.86 -8.37 14.91
C GLU D 161 3.54 -9.03 15.24
N ALA D 162 2.41 -8.37 14.97
CA ALA D 162 1.09 -8.98 15.02
C ALA D 162 0.51 -9.06 13.61
N ILE E 3 -0.12 -13.46 9.49
CA ILE E 3 0.95 -12.92 8.65
C ILE E 3 2.16 -13.83 8.76
N ALA E 4 2.24 -14.56 9.88
CA ALA E 4 3.21 -15.65 9.99
C ALA E 4 2.88 -16.80 9.05
N ALA E 5 1.64 -16.90 8.58
CA ALA E 5 1.24 -17.86 7.56
C ALA E 5 1.04 -17.23 6.18
N LEU E 6 0.99 -15.89 6.08
CA LEU E 6 0.72 -15.22 4.80
C LEU E 6 1.98 -15.11 3.92
N ALA E 7 3.15 -14.89 4.53
CA ALA E 7 4.39 -14.90 3.76
C ALA E 7 5.00 -16.29 3.64
N VAL E 8 4.49 -17.28 4.40
CA VAL E 8 4.74 -18.68 4.09
C VAL E 8 3.98 -19.09 2.82
N ASN E 9 2.70 -18.71 2.76
CA ASN E 9 1.89 -18.95 1.57
C ASN E 9 2.45 -18.20 0.35
N ALA E 10 2.81 -16.92 0.52
CA ALA E 10 3.27 -16.12 -0.62
C ALA E 10 4.57 -16.66 -1.20
N TRP E 11 5.42 -17.28 -0.36
CA TRP E 11 6.64 -17.91 -0.87
C TRP E 11 6.32 -19.26 -1.51
N LYS E 12 5.51 -20.09 -0.84
CA LYS E 12 5.06 -21.34 -1.45
C LYS E 12 4.40 -21.08 -2.81
N THR E 13 3.73 -19.94 -2.98
CA THR E 13 3.15 -19.61 -4.28
C THR E 13 4.24 -19.39 -5.32
N THR E 14 5.25 -18.57 -4.99
CA THR E 14 6.28 -18.28 -5.98
C THR E 14 7.20 -19.48 -6.19
N ALA E 15 7.39 -20.31 -5.17
CA ALA E 15 8.08 -21.58 -5.38
C ALA E 15 7.32 -22.42 -6.40
N LEU E 16 5.99 -22.33 -6.39
CA LEU E 16 5.19 -23.12 -7.31
C LEU E 16 5.34 -22.62 -8.73
N LYS E 17 5.24 -21.31 -8.93
CA LYS E 17 5.46 -20.73 -10.26
C LYS E 17 6.80 -21.15 -10.83
N ASN E 18 7.81 -21.33 -9.97
CA ASN E 18 9.10 -21.83 -10.43
C ASN E 18 8.99 -23.29 -10.81
N ALA E 19 8.56 -24.14 -9.88
CA ALA E 19 8.48 -25.57 -10.14
C ALA E 19 7.70 -25.88 -11.40
N ILE E 20 6.77 -25.01 -11.80
CA ILE E 20 6.10 -25.18 -13.08
C ILE E 20 7.11 -25.06 -14.21
N ALA E 21 7.81 -23.92 -14.26
CA ALA E 21 8.77 -23.66 -15.34
C ALA E 21 9.92 -24.64 -15.31
N ALA E 22 10.32 -25.11 -14.12
CA ALA E 22 11.32 -26.17 -14.03
C ALA E 22 10.80 -27.45 -14.68
N ALA E 23 9.64 -27.92 -14.24
CA ALA E 23 9.13 -29.18 -14.74
C ALA E 23 8.99 -29.15 -16.26
N GLN E 24 8.56 -28.02 -16.83
CA GLN E 24 8.51 -27.92 -18.27
C GLN E 24 9.90 -27.99 -18.89
N LYS E 25 10.85 -27.20 -18.37
CA LYS E 25 12.23 -27.24 -18.87
C LYS E 25 12.80 -28.65 -18.77
N ALA E 26 12.61 -29.31 -17.62
CA ALA E 26 13.03 -30.70 -17.49
C ALA E 26 12.40 -31.57 -18.57
N GLY E 27 11.07 -31.54 -18.65
CA GLY E 27 10.38 -32.34 -19.65
C GLY E 27 10.90 -32.10 -21.05
N ASP E 28 11.14 -30.84 -21.39
CA ASP E 28 11.58 -30.53 -22.75
C ASP E 28 12.98 -31.05 -23.00
N ALA E 29 13.89 -30.88 -22.05
CA ALA E 29 15.22 -31.46 -22.19
C ALA E 29 15.14 -32.97 -22.28
N ALA E 30 14.45 -33.60 -21.33
CA ALA E 30 14.24 -35.04 -21.41
C ALA E 30 13.70 -35.46 -22.77
N GLY E 31 12.76 -34.70 -23.33
CA GLY E 31 12.07 -35.14 -24.53
C GLY E 31 12.95 -35.04 -25.77
N LYS E 32 13.71 -33.95 -25.88
CA LYS E 32 14.62 -33.78 -27.02
C LYS E 32 15.63 -34.93 -27.08
N ILE E 33 16.23 -35.26 -25.92
CA ILE E 33 17.18 -36.36 -25.87
C ILE E 33 16.54 -37.65 -26.42
N ALA E 34 15.35 -38.01 -25.92
CA ALA E 34 14.71 -39.22 -26.40
C ALA E 34 14.31 -39.11 -27.87
N GLY E 35 13.96 -37.89 -28.33
CA GLY E 35 13.60 -37.71 -29.72
C GLY E 35 14.77 -38.01 -30.65
N GLU E 36 15.94 -37.43 -30.35
CA GLU E 36 17.14 -37.74 -31.13
C GLU E 36 17.48 -39.23 -31.07
N SER E 37 17.29 -39.88 -29.93
CA SER E 37 17.59 -41.31 -29.86
C SER E 37 16.60 -42.15 -30.65
N LYS E 38 15.30 -41.87 -30.53
CA LYS E 38 14.34 -42.67 -31.28
C LYS E 38 14.47 -42.41 -32.78
N GLY E 39 14.71 -41.15 -33.15
CA GLY E 39 14.96 -40.80 -34.54
C GLY E 39 16.05 -41.69 -35.12
N VAL E 40 17.24 -41.63 -34.49
CA VAL E 40 18.38 -42.41 -34.95
C VAL E 40 18.03 -43.90 -35.00
N GLU E 41 17.49 -44.44 -33.91
CA GLU E 41 17.23 -45.88 -33.87
C GLU E 41 16.22 -46.28 -34.95
N THR E 42 15.32 -45.38 -35.33
CA THR E 42 14.32 -45.74 -36.33
C THR E 42 14.94 -45.82 -37.73
N ILE E 43 15.73 -44.81 -38.12
CA ILE E 43 16.30 -44.83 -39.46
C ILE E 43 17.22 -46.05 -39.63
N ILE E 44 18.09 -46.28 -38.63
CA ILE E 44 18.93 -47.48 -38.66
C ILE E 44 18.07 -48.73 -38.80
N GLY E 45 17.05 -48.87 -37.96
CA GLY E 45 16.12 -49.99 -38.12
C GLY E 45 15.63 -50.14 -39.55
N ILE E 46 15.24 -49.03 -40.17
CA ILE E 46 14.66 -49.10 -41.51
C ILE E 46 15.74 -49.39 -42.55
N LEU E 47 16.89 -48.72 -42.45
CA LEU E 47 17.94 -48.95 -43.42
C LEU E 47 18.45 -50.39 -43.36
N GLU E 48 18.52 -50.97 -42.16
CA GLU E 48 19.06 -52.31 -42.03
C GLU E 48 18.04 -53.38 -42.42
N GLN E 49 16.77 -53.16 -42.14
CA GLN E 49 15.82 -54.25 -42.32
C GLN E 49 15.15 -54.24 -43.69
N TYR E 50 14.74 -53.07 -44.18
CA TYR E 50 14.05 -52.96 -45.45
C TYR E 50 15.02 -52.79 -46.64
N TYR E 51 16.23 -52.30 -46.39
CA TYR E 51 17.17 -52.06 -47.48
C TYR E 51 18.53 -52.73 -47.25
N SER E 52 18.71 -53.48 -46.16
CA SER E 52 19.93 -54.25 -45.92
C SER E 52 21.18 -53.39 -46.04
N ILE E 53 21.08 -52.12 -45.66
CA ILE E 53 22.22 -51.23 -45.59
C ILE E 53 22.67 -51.22 -44.14
N TYR E 54 23.93 -51.56 -43.89
CA TYR E 54 24.49 -51.64 -42.55
C TYR E 54 25.63 -50.66 -42.36
N GLU E 55 25.91 -49.85 -43.36
CA GLU E 55 26.87 -48.77 -43.20
C GLU E 55 26.63 -47.76 -44.30
N LEU E 56 27.13 -46.55 -44.07
CA LEU E 56 27.17 -45.49 -45.08
C LEU E 56 28.49 -44.79 -44.90
N LYS E 57 29.10 -44.35 -46.02
CA LYS E 57 30.43 -43.74 -45.99
C LYS E 57 31.50 -44.72 -45.51
N GLY E 58 31.28 -46.02 -45.70
CA GLY E 58 32.19 -46.97 -45.13
C GLY E 58 32.38 -46.79 -43.64
N THR E 59 31.31 -46.49 -42.92
CA THR E 59 31.29 -46.50 -41.46
C THR E 59 29.91 -47.00 -41.03
N PRO E 60 29.78 -47.62 -39.86
CA PRO E 60 28.48 -48.18 -39.48
C PRO E 60 27.47 -47.10 -39.11
N LEU E 61 26.20 -47.41 -39.37
CA LEU E 61 25.15 -46.41 -39.22
C LEU E 61 25.20 -45.68 -37.87
N LYS E 62 25.54 -46.38 -36.79
CA LYS E 62 25.57 -45.69 -35.49
C LYS E 62 26.67 -44.62 -35.48
N SER E 63 27.79 -44.89 -36.15
CA SER E 63 28.83 -43.87 -36.30
C SER E 63 28.44 -42.82 -37.31
N PHE E 64 27.74 -43.22 -38.37
CA PHE E 64 27.32 -42.23 -39.35
C PHE E 64 26.42 -41.18 -38.71
N PHE E 65 25.37 -41.64 -38.02
CA PHE E 65 24.36 -40.73 -37.52
C PHE E 65 24.76 -40.00 -36.26
N ALA E 66 26.00 -40.16 -35.82
CA ALA E 66 26.54 -39.27 -34.82
C ALA E 66 27.10 -38.00 -35.45
N THR E 67 27.56 -38.08 -36.71
CA THR E 67 28.15 -36.91 -37.36
C THR E 67 27.24 -36.24 -38.36
N THR E 68 26.30 -36.94 -38.98
CA THR E 68 25.31 -36.27 -39.81
C THR E 68 23.93 -36.62 -39.26
N HIS E 69 23.05 -35.61 -39.23
CA HIS E 69 21.84 -35.70 -38.43
C HIS E 69 20.79 -36.53 -39.17
N TYR E 70 20.05 -37.35 -38.43
CA TYR E 70 19.17 -38.29 -39.11
C TYR E 70 18.08 -37.60 -39.90
N THR E 71 17.92 -36.29 -39.76
CA THR E 71 16.94 -35.59 -40.55
C THR E 71 17.53 -34.94 -41.79
N ASP E 72 18.85 -34.98 -41.93
CA ASP E 72 19.57 -34.26 -42.98
C ASP E 72 19.42 -35.04 -44.29
N ILE E 73 18.29 -34.81 -44.96
CA ILE E 73 17.98 -35.55 -46.17
C ILE E 73 18.97 -35.25 -47.28
N SER E 74 19.38 -33.99 -47.41
CA SER E 74 20.37 -33.66 -48.43
C SER E 74 21.62 -34.52 -48.27
N ASN E 75 22.20 -34.57 -47.08
CA ASN E 75 23.50 -35.21 -46.95
C ASN E 75 23.40 -36.72 -46.97
N ILE E 76 22.37 -37.28 -46.35
CA ILE E 76 22.17 -38.70 -46.48
C ILE E 76 22.00 -39.08 -47.97
N ALA E 77 21.20 -38.31 -48.71
CA ALA E 77 21.00 -38.65 -50.12
C ALA E 77 22.30 -38.51 -50.90
N THR E 78 23.05 -37.43 -50.66
CA THR E 78 24.31 -37.25 -51.39
C THR E 78 25.29 -38.37 -51.06
N VAL E 79 25.40 -38.73 -49.78
CA VAL E 79 26.33 -39.82 -49.42
C VAL E 79 26.00 -41.07 -50.23
N ILE E 80 24.72 -41.45 -50.27
CA ILE E 80 24.30 -42.66 -50.99
C ILE E 80 24.55 -42.52 -52.48
N ASP E 81 24.14 -41.37 -53.06
CA ASP E 81 24.38 -41.12 -54.47
C ASP E 81 25.86 -41.27 -54.85
N THR E 82 26.75 -40.70 -54.02
CA THR E 82 28.18 -40.80 -54.30
C THR E 82 28.70 -42.22 -54.11
N GLU E 83 28.08 -42.99 -53.22
CA GLU E 83 28.56 -44.34 -52.96
C GLU E 83 28.24 -45.26 -54.13
N LEU E 84 26.98 -45.29 -54.57
CA LEU E 84 26.64 -46.05 -55.78
C LEU E 84 27.52 -45.69 -56.99
N ASN E 85 27.94 -44.43 -57.11
CA ASN E 85 28.67 -44.03 -58.30
C ASN E 85 30.11 -44.49 -58.27
N THR E 86 30.71 -44.53 -57.10
CA THR E 86 32.12 -44.88 -57.01
C THR E 86 32.35 -46.31 -56.54
N SER E 87 31.30 -47.01 -56.10
CA SER E 87 31.40 -48.42 -55.72
C SER E 87 30.71 -49.35 -56.69
N CYS E 88 29.89 -48.82 -57.59
CA CYS E 88 29.21 -49.60 -58.61
C CYS E 88 29.47 -49.02 -59.99
N GLY E 89 30.61 -48.37 -60.16
CA GLY E 89 30.98 -47.83 -61.45
C GLY E 89 31.64 -48.85 -62.37
N LEU E 90 32.68 -48.41 -63.08
CA LEU E 90 33.36 -49.22 -64.10
C LEU E 90 34.47 -50.06 -63.48
N ASN E 91 34.08 -50.86 -62.51
CA ASN E 91 35.06 -51.44 -61.62
C ASN E 91 34.35 -52.29 -60.59
N SER E 92 34.76 -53.55 -60.48
CA SER E 92 33.93 -54.57 -59.85
C SER E 92 34.32 -54.95 -58.43
N LEU E 93 35.59 -54.82 -58.05
CA LEU E 93 35.94 -55.26 -56.70
C LEU E 93 35.73 -54.15 -55.66
N ALA E 94 34.65 -53.40 -55.77
CA ALA E 94 34.29 -52.47 -54.71
C ALA E 94 33.20 -53.09 -53.84
N ASN E 95 33.15 -52.68 -52.58
CA ASN E 95 32.17 -53.20 -51.62
C ASN E 95 30.77 -53.17 -52.21
N GLN E 96 30.42 -54.21 -52.98
CA GLN E 96 29.16 -54.22 -53.71
C GLN E 96 27.93 -54.39 -52.81
N ALA E 97 28.07 -54.23 -51.49
CA ALA E 97 26.89 -54.28 -50.63
C ALA E 97 25.87 -53.23 -51.05
N ILE E 98 26.32 -52.01 -51.31
CA ILE E 98 25.42 -50.92 -51.60
C ILE E 98 24.77 -51.08 -52.96
N CYS E 99 25.43 -51.77 -53.88
CA CYS E 99 24.96 -51.81 -55.26
C CYS E 99 23.58 -52.42 -55.39
N GLY E 100 23.19 -53.29 -54.46
CA GLY E 100 21.84 -53.82 -54.47
C GLY E 100 20.79 -52.74 -54.59
N LEU E 101 21.10 -51.55 -54.07
CA LEU E 101 20.13 -50.47 -54.05
C LEU E 101 19.60 -50.17 -55.45
N ARG E 102 20.44 -50.36 -56.48
CA ARG E 102 20.00 -50.06 -57.84
C ARG E 102 18.87 -50.98 -58.27
N THR E 103 18.92 -52.25 -57.86
CA THR E 103 17.79 -53.13 -58.11
C THR E 103 16.57 -52.69 -57.32
N LYS E 104 16.74 -52.50 -56.01
CA LYS E 104 15.59 -52.25 -55.15
C LYS E 104 14.88 -50.96 -55.52
N LEU E 105 15.64 -49.90 -55.82
CA LEU E 105 15.04 -48.65 -56.24
C LEU E 105 14.56 -48.66 -57.68
N GLY E 106 14.82 -49.73 -58.43
CA GLY E 106 14.38 -49.83 -59.81
C GLY E 106 15.18 -49.01 -60.80
N LEU E 107 16.48 -48.89 -60.59
CA LEU E 107 17.37 -48.06 -61.39
C LEU E 107 18.03 -48.82 -62.55
N VAL E 108 17.98 -50.14 -62.55
CA VAL E 108 18.69 -50.91 -63.57
C VAL E 108 18.05 -50.67 -64.92
N ALA E 109 18.89 -50.56 -65.95
CA ALA E 109 18.42 -50.16 -67.29
C ALA E 109 17.68 -51.33 -67.92
N LYS E 110 16.34 -51.21 -67.97
CA LYS E 110 15.51 -52.30 -68.46
C LYS E 110 15.33 -52.14 -69.95
N PRO E 111 15.87 -53.10 -70.79
CA PRO E 111 16.04 -52.85 -72.23
C PRO E 111 14.82 -52.20 -72.82
N GLY E 112 14.92 -50.92 -73.13
CA GLY E 112 13.75 -50.18 -73.53
C GLY E 112 12.71 -50.05 -72.44
N GLN E 113 12.80 -48.98 -71.65
CA GLN E 113 11.85 -48.65 -70.59
C GLN E 113 12.01 -47.17 -70.27
N VAL E 114 11.13 -46.66 -69.38
CA VAL E 114 11.31 -45.29 -68.88
C VAL E 114 12.52 -45.27 -67.95
N MET E 115 13.16 -44.11 -67.85
CA MET E 115 14.33 -43.97 -66.99
C MET E 115 13.91 -43.52 -65.59
N VAL E 116 14.63 -44.03 -64.58
CA VAL E 116 14.53 -43.53 -63.21
C VAL E 116 15.88 -42.93 -62.85
N THR E 117 15.89 -41.62 -62.60
CA THR E 117 17.10 -40.93 -62.17
C THR E 117 17.57 -41.41 -60.79
N GLN E 118 18.88 -41.52 -60.62
CA GLN E 118 19.45 -42.01 -59.37
C GLN E 118 19.17 -41.04 -58.23
N LYS E 119 19.62 -39.80 -58.37
CA LYS E 119 19.41 -38.81 -57.32
C LYS E 119 17.92 -38.72 -56.94
N GLU E 120 17.03 -38.60 -57.92
CA GLU E 120 15.61 -38.48 -57.60
C GLU E 120 15.11 -39.71 -56.85
N ALA E 121 15.55 -40.91 -57.25
CA ALA E 121 15.03 -42.07 -56.54
C ALA E 121 15.60 -42.14 -55.13
N ILE E 122 16.85 -41.72 -54.96
CA ILE E 122 17.46 -41.73 -53.64
C ILE E 122 16.74 -40.74 -52.73
N THR E 123 16.69 -39.47 -53.13
CA THR E 123 16.08 -38.52 -52.22
C THR E 123 14.59 -38.78 -52.07
N LYS E 124 13.99 -39.61 -52.92
CA LYS E 124 12.62 -40.00 -52.62
C LYS E 124 12.60 -41.02 -51.50
N MET E 125 13.42 -42.07 -51.63
CA MET E 125 13.54 -43.06 -50.58
C MET E 125 13.90 -42.40 -49.25
N ILE E 126 15.01 -41.67 -49.21
CA ILE E 126 15.45 -41.05 -47.95
C ILE E 126 14.46 -40.04 -47.43
N THR E 127 13.68 -39.38 -48.31
CA THR E 127 12.62 -38.53 -47.78
C THR E 127 11.56 -39.38 -47.09
N ASN E 128 11.19 -40.50 -47.70
CA ASN E 128 10.25 -41.42 -47.06
C ASN E 128 10.83 -41.98 -45.76
N VAL E 129 12.10 -42.37 -45.78
CA VAL E 129 12.68 -43.00 -44.60
C VAL E 129 12.80 -41.97 -43.47
N VAL E 130 13.31 -40.76 -43.79
CA VAL E 130 13.52 -39.75 -42.76
C VAL E 130 12.19 -39.32 -42.14
N HIS E 131 11.17 -39.09 -42.97
CA HIS E 131 9.88 -38.63 -42.44
C HIS E 131 9.34 -39.61 -41.42
N LYS E 132 9.35 -40.90 -41.75
CA LYS E 132 8.90 -41.89 -40.78
C LYS E 132 9.73 -41.82 -39.51
N SER E 133 11.03 -41.62 -39.66
CA SER E 133 11.89 -41.51 -38.48
C SER E 133 11.50 -40.31 -37.64
N GLU E 134 11.36 -39.13 -38.28
CA GLU E 134 10.93 -37.93 -37.56
C GLU E 134 9.61 -38.16 -36.84
N ILE E 135 8.65 -38.81 -37.49
CA ILE E 135 7.34 -39.03 -36.88
C ILE E 135 7.48 -39.90 -35.63
N THR E 136 8.13 -41.06 -35.74
CA THR E 136 8.30 -41.86 -34.53
C THR E 136 9.20 -41.16 -33.51
N ALA E 137 10.04 -40.19 -33.94
CA ALA E 137 10.81 -39.40 -32.98
C ALA E 137 9.90 -38.50 -32.19
N GLU E 138 9.05 -37.74 -32.89
CA GLU E 138 8.12 -36.83 -32.24
C GLU E 138 7.17 -37.57 -31.31
N ALA E 139 6.88 -38.84 -31.59
CA ALA E 139 6.09 -39.62 -30.65
C ALA E 139 6.83 -39.79 -29.33
N ALA E 140 8.11 -40.16 -29.40
CA ALA E 140 8.84 -40.35 -28.16
C ALA E 140 9.11 -39.01 -27.48
N LYS E 141 9.40 -37.95 -28.24
CA LYS E 141 9.53 -36.63 -27.64
C LYS E 141 8.26 -36.28 -26.88
N THR E 142 7.10 -36.50 -27.51
CA THR E 142 5.82 -36.19 -26.88
C THR E 142 5.60 -37.03 -25.63
N GLU E 143 5.79 -38.35 -25.73
CA GLU E 143 5.57 -39.20 -24.56
C GLU E 143 6.55 -38.86 -23.44
N VAL E 144 7.84 -38.79 -23.75
CA VAL E 144 8.79 -38.66 -22.65
C VAL E 144 8.69 -37.29 -22.02
N ALA E 145 8.57 -36.22 -22.83
CA ALA E 145 8.43 -34.89 -22.23
C ALA E 145 7.27 -34.85 -21.24
N ALA E 146 6.12 -35.41 -21.65
CA ALA E 146 4.94 -35.39 -20.79
C ALA E 146 5.15 -36.20 -19.51
N THR E 147 5.66 -37.43 -19.63
CA THR E 147 5.91 -38.23 -18.44
C THR E 147 6.86 -37.54 -17.49
N LYS E 148 7.93 -36.94 -18.03
CA LYS E 148 8.87 -36.21 -17.20
C LYS E 148 8.20 -35.01 -16.55
N THR E 149 7.50 -34.19 -17.35
CA THR E 149 6.89 -32.98 -16.81
C THR E 149 5.87 -33.31 -15.74
N ALA E 150 5.08 -34.37 -15.92
CA ALA E 150 4.11 -34.78 -14.90
C ALA E 150 4.81 -35.19 -13.60
N ALA E 151 5.69 -36.19 -13.66
CA ALA E 151 6.38 -36.64 -12.47
C ALA E 151 7.17 -35.50 -11.81
N ALA E 152 7.66 -34.55 -12.60
CA ALA E 152 8.43 -33.45 -12.04
C ALA E 152 7.55 -32.51 -11.24
N ILE E 153 6.47 -32.03 -11.85
CA ILE E 153 5.60 -31.09 -11.17
C ILE E 153 4.97 -31.77 -9.96
N LYS E 154 4.70 -33.07 -10.05
CA LYS E 154 4.12 -33.78 -8.92
C LYS E 154 5.12 -33.85 -7.78
N MET E 155 6.38 -34.12 -8.09
CA MET E 155 7.41 -34.22 -7.06
C MET E 155 7.62 -32.88 -6.37
N ASN E 156 7.59 -31.78 -7.14
CA ASN E 156 7.95 -30.48 -6.59
C ASN E 156 6.85 -29.89 -5.73
N THR E 157 5.60 -29.96 -6.19
CA THR E 157 4.49 -29.51 -5.35
C THR E 157 4.42 -30.30 -4.04
N GLU E 158 4.86 -31.57 -4.05
CA GLU E 158 4.87 -32.35 -2.81
C GLU E 158 6.02 -31.93 -1.89
N ALA E 159 7.14 -31.49 -2.46
CA ALA E 159 8.15 -30.86 -1.63
C ALA E 159 7.75 -29.47 -1.18
N ILE E 160 6.89 -28.78 -1.93
CA ILE E 160 6.53 -27.42 -1.57
C ILE E 160 5.55 -27.40 -0.40
N GLU E 161 4.84 -28.50 -0.14
CA GLU E 161 3.99 -28.62 1.05
C GLU E 161 4.67 -29.39 2.18
N ALA E 162 5.90 -29.01 2.53
CA ALA E 162 6.60 -29.61 3.66
C ALA E 162 7.21 -28.53 4.57
N GLY F 1 19.54 49.28 28.55
CA GLY F 1 20.43 49.28 27.40
C GLY F 1 19.84 48.45 26.30
N GLU F 2 19.47 49.06 25.17
CA GLU F 2 18.96 48.23 24.09
C GLU F 2 20.06 47.38 23.47
N ILE F 3 21.17 48.00 23.02
CA ILE F 3 22.32 47.22 22.54
C ILE F 3 22.74 46.18 23.58
N ALA F 4 22.42 46.42 24.86
CA ALA F 4 22.56 45.36 25.87
C ALA F 4 21.52 44.25 25.65
N ALA F 5 20.24 44.62 25.61
CA ALA F 5 19.20 43.63 25.31
C ALA F 5 19.38 43.04 23.92
N LEU F 6 19.77 43.86 22.93
CA LEU F 6 19.98 43.34 21.58
C LEU F 6 21.04 42.23 21.55
N ALA F 7 22.12 42.39 22.32
CA ALA F 7 23.16 41.38 22.37
C ALA F 7 22.74 40.13 23.16
N VAL F 8 21.76 40.26 24.07
CA VAL F 8 21.17 39.10 24.72
C VAL F 8 20.60 38.14 23.67
N ASN F 9 19.67 38.64 22.85
CA ASN F 9 18.96 37.78 21.91
C ASN F 9 19.82 37.36 20.74
N ALA F 10 20.98 37.99 20.50
CA ALA F 10 21.91 37.44 19.53
C ALA F 10 22.70 36.28 20.14
N TRP F 11 23.02 36.38 21.43
CA TRP F 11 23.63 35.26 22.16
C TRP F 11 22.63 34.15 22.40
N LYS F 12 21.38 34.50 22.75
CA LYS F 12 20.33 33.49 22.91
C LYS F 12 20.09 32.73 21.62
N THR F 13 19.96 33.47 20.52
CA THR F 13 19.67 32.85 19.23
C THR F 13 20.81 31.96 18.75
N THR F 14 22.06 32.32 19.05
CA THR F 14 23.14 31.39 18.69
C THR F 14 23.23 30.26 19.70
N ALA F 15 22.86 30.52 20.96
CA ALA F 15 22.78 29.44 21.94
C ALA F 15 21.80 28.37 21.49
N LEU F 16 20.68 28.80 20.92
CA LEU F 16 19.73 27.87 20.31
C LEU F 16 20.38 27.14 19.15
N LYS F 17 20.98 27.89 18.21
CA LYS F 17 21.61 27.30 17.04
C LYS F 17 22.55 26.14 17.39
N ASN F 18 23.27 26.25 18.51
CA ASN F 18 24.11 25.12 18.91
C ASN F 18 23.29 24.02 19.55
N ALA F 19 22.26 24.39 20.33
CA ALA F 19 21.45 23.40 21.05
C ALA F 19 20.92 22.34 20.11
N ILE F 20 20.56 22.73 18.89
CA ILE F 20 20.06 21.78 17.90
C ILE F 20 21.15 20.79 17.51
N ALA F 21 22.37 21.26 17.25
CA ALA F 21 23.45 20.32 16.99
C ALA F 21 23.70 19.45 18.21
N ALA F 22 23.71 20.05 19.41
CA ALA F 22 23.92 19.27 20.63
C ALA F 22 22.86 18.18 20.78
N ALA F 23 21.60 18.52 20.48
CA ALA F 23 20.53 17.53 20.54
C ALA F 23 20.72 16.45 19.48
N GLN F 24 20.97 16.85 18.23
CA GLN F 24 21.15 15.85 17.19
C GLN F 24 22.36 14.96 17.47
N LYS F 25 23.49 15.55 17.88
CA LYS F 25 24.64 14.70 18.21
C LYS F 25 24.34 13.82 19.41
N ALA F 26 23.52 14.31 20.35
CA ALA F 26 23.11 13.45 21.45
C ALA F 26 22.13 12.39 20.99
N GLY F 27 21.37 12.66 19.93
CA GLY F 27 20.45 11.66 19.41
C GLY F 27 21.17 10.50 18.75
N ASP F 28 22.12 10.82 17.87
CA ASP F 28 22.94 9.77 17.27
C ASP F 28 23.59 8.90 18.32
N ALA F 29 24.26 9.53 19.28
CA ALA F 29 24.93 8.80 20.35
C ALA F 29 23.99 7.77 20.95
N ALA F 30 22.86 8.22 21.48
CA ALA F 30 21.87 7.30 22.02
C ALA F 30 21.40 6.31 20.94
N GLY F 31 21.26 6.77 19.71
CA GLY F 31 20.79 5.88 18.65
C GLY F 31 21.72 4.71 18.42
N LYS F 32 23.00 5.00 18.22
CA LYS F 32 23.99 3.94 17.99
C LYS F 32 23.98 2.91 19.12
N ILE F 33 24.08 3.38 20.36
CA ILE F 33 24.04 2.46 21.50
C ILE F 33 22.78 1.60 21.46
N ALA F 34 21.63 2.22 21.17
CA ALA F 34 20.39 1.46 21.16
C ALA F 34 20.41 0.43 20.03
N GLY F 35 20.92 0.84 18.88
CA GLY F 35 20.99 -0.02 17.73
C GLY F 35 21.77 -1.26 18.01
N GLU F 36 23.04 -1.13 18.42
CA GLU F 36 23.86 -2.33 18.56
C GLU F 36 23.53 -3.08 19.82
N SER F 37 22.38 -2.73 20.41
CA SER F 37 21.76 -3.54 21.44
C SER F 37 20.53 -4.27 20.94
N LYS F 38 19.59 -3.59 20.26
CA LYS F 38 18.50 -4.34 19.64
C LYS F 38 19.04 -5.41 18.69
N GLY F 39 20.16 -5.12 18.02
CA GLY F 39 20.69 -6.06 17.05
C GLY F 39 21.13 -7.36 17.69
N VAL F 40 21.95 -7.25 18.73
CA VAL F 40 22.33 -8.43 19.49
C VAL F 40 21.09 -9.09 20.08
N GLU F 41 20.26 -8.31 20.77
CA GLU F 41 19.05 -8.86 21.39
C GLU F 41 18.19 -9.59 20.35
N THR F 42 18.10 -9.05 19.12
CA THR F 42 17.26 -9.69 18.10
C THR F 42 17.84 -11.01 17.61
N ILE F 43 19.13 -11.02 17.22
CA ILE F 43 19.71 -12.25 16.70
C ILE F 43 19.78 -13.33 17.77
N ILE F 44 19.98 -12.97 19.03
CA ILE F 44 19.90 -13.96 20.10
C ILE F 44 18.49 -14.53 20.15
N GLY F 45 17.48 -13.65 20.14
CA GLY F 45 16.11 -14.11 20.21
C GLY F 45 15.76 -15.09 19.11
N ILE F 46 16.18 -14.80 17.88
CA ILE F 46 15.81 -15.67 16.77
C ILE F 46 16.54 -16.99 16.87
N LEU F 47 17.84 -16.97 17.14
CA LEU F 47 18.56 -18.23 17.29
C LEU F 47 18.02 -19.06 18.45
N GLU F 48 17.32 -18.44 19.39
CA GLU F 48 16.82 -19.21 20.52
C GLU F 48 15.42 -19.76 20.27
N GLN F 49 14.48 -18.94 19.82
CA GLN F 49 13.10 -19.39 19.72
C GLN F 49 12.76 -20.06 18.40
N TYR F 50 13.54 -19.85 17.34
CA TYR F 50 13.26 -20.45 16.05
C TYR F 50 14.26 -21.52 15.67
N TYR F 51 15.33 -21.69 16.45
CA TYR F 51 16.33 -22.72 16.19
C TYR F 51 16.82 -23.40 17.47
N SER F 52 16.34 -22.98 18.63
CA SER F 52 16.73 -23.60 19.89
C SER F 52 18.25 -23.73 20.00
N ILE F 53 18.94 -22.71 19.50
CA ILE F 53 20.38 -22.57 19.61
C ILE F 53 20.66 -21.56 20.70
N TYR F 54 21.36 -21.97 21.75
CA TYR F 54 21.62 -21.09 22.89
C TYR F 54 23.09 -20.89 23.14
N GLU F 55 23.94 -21.65 22.46
CA GLU F 55 25.37 -21.47 22.56
C GLU F 55 25.93 -21.54 21.16
N LEU F 56 27.11 -20.98 20.99
CA LEU F 56 27.81 -21.02 19.71
C LEU F 56 29.29 -21.08 20.06
N LYS F 57 30.03 -21.98 19.39
CA LYS F 57 31.46 -22.14 19.64
C LYS F 57 31.72 -22.51 21.11
N GLY F 58 30.79 -23.28 21.69
CA GLY F 58 30.87 -23.66 23.08
C GLY F 58 30.69 -22.55 24.09
N THR F 59 30.29 -21.37 23.67
CA THR F 59 30.03 -20.32 24.64
C THR F 59 28.63 -19.80 24.41
N PRO F 60 27.98 -19.26 25.43
CA PRO F 60 26.59 -18.81 25.25
C PRO F 60 26.55 -17.53 24.42
N LEU F 61 25.38 -17.27 23.82
CA LEU F 61 25.28 -16.25 22.78
C LEU F 61 25.76 -14.89 23.27
N LYS F 62 25.24 -14.40 24.39
CA LYS F 62 25.63 -13.07 24.87
C LYS F 62 27.14 -12.91 24.97
N SER F 63 27.85 -13.99 25.32
CA SER F 63 29.31 -13.97 25.21
C SER F 63 29.72 -13.93 23.75
N PHE F 64 29.16 -14.83 22.93
CA PHE F 64 29.62 -15.00 21.55
C PHE F 64 29.54 -13.69 20.79
N PHE F 65 28.43 -12.98 20.91
CA PHE F 65 28.26 -11.75 20.16
C PHE F 65 28.96 -10.56 20.79
N ALA F 66 29.69 -10.74 21.88
CA ALA F 66 30.55 -9.68 22.40
C ALA F 66 31.91 -9.69 21.75
N THR F 67 32.30 -10.81 21.13
CA THR F 67 33.56 -10.92 20.38
C THR F 67 33.34 -10.94 18.87
N THR F 68 32.15 -11.30 18.40
CA THR F 68 31.79 -11.33 16.99
C THR F 68 30.57 -10.45 16.77
N HIS F 69 30.71 -9.41 15.93
CA HIS F 69 29.59 -8.53 15.69
C HIS F 69 28.41 -9.29 15.10
N TYR F 70 27.19 -8.94 15.52
CA TYR F 70 26.02 -9.64 15.01
C TYR F 70 25.82 -9.43 13.51
N THR F 71 26.54 -8.50 12.90
CA THR F 71 26.43 -8.32 11.46
C THR F 71 27.40 -9.19 10.70
N ASP F 72 28.44 -9.70 11.37
CA ASP F 72 29.44 -10.54 10.74
C ASP F 72 28.83 -11.84 10.23
N ILE F 73 28.09 -11.77 9.12
CA ILE F 73 27.45 -12.96 8.52
C ILE F 73 28.45 -14.07 8.31
N SER F 74 29.64 -13.72 7.84
CA SER F 74 30.50 -14.74 7.29
C SER F 74 31.11 -15.60 8.40
N ASN F 75 31.53 -14.97 9.52
CA ASN F 75 32.15 -15.71 10.63
C ASN F 75 31.12 -16.45 11.48
N ILE F 76 29.91 -15.91 11.61
CA ILE F 76 28.84 -16.65 12.27
C ILE F 76 28.53 -17.91 11.50
N ALA F 77 28.60 -17.84 10.16
CA ALA F 77 28.25 -19.03 9.41
C ALA F 77 29.37 -20.06 9.46
N THR F 78 30.62 -19.61 9.32
CA THR F 78 31.73 -20.53 9.44
C THR F 78 31.72 -21.24 10.79
N VAL F 79 31.30 -20.53 11.84
CA VAL F 79 31.26 -21.14 13.17
C VAL F 79 30.22 -22.25 13.20
N ILE F 80 29.00 -21.94 12.73
CA ILE F 80 27.97 -22.96 12.69
C ILE F 80 28.38 -24.12 11.77
N ASP F 81 28.98 -23.80 10.61
CA ASP F 81 29.48 -24.83 9.70
C ASP F 81 30.49 -25.72 10.40
N THR F 82 31.57 -25.13 10.92
CA THR F 82 32.56 -25.92 11.66
C THR F 82 31.94 -26.69 12.82
N GLU F 83 31.11 -26.04 13.63
CA GLU F 83 30.57 -26.70 14.80
C GLU F 83 29.67 -27.88 14.39
N LEU F 84 28.92 -27.75 13.29
CA LEU F 84 28.08 -28.87 12.88
C LEU F 84 28.94 -30.03 12.40
N ASN F 85 30.01 -29.75 11.68
CA ASN F 85 30.85 -30.83 11.17
C ASN F 85 31.57 -31.55 12.31
N THR F 86 32.11 -30.80 13.25
CA THR F 86 32.92 -31.35 14.34
C THR F 86 32.11 -31.46 15.62
N SER F 87 30.97 -32.15 15.58
CA SER F 87 30.03 -32.28 16.71
C SER F 87 28.92 -33.21 16.31
N CYS F 88 28.74 -33.35 15.00
CA CYS F 88 27.64 -34.13 14.46
C CYS F 88 28.15 -35.14 13.46
N GLY F 89 29.37 -35.63 13.65
CA GLY F 89 29.92 -36.66 12.79
C GLY F 89 29.50 -38.04 13.21
N LEU F 90 30.45 -38.86 13.68
CA LEU F 90 30.17 -40.21 14.14
C LEU F 90 30.76 -40.35 15.53
N ASN F 91 29.94 -40.14 16.57
CA ASN F 91 30.41 -40.15 17.96
C ASN F 91 29.30 -39.84 18.95
N SER F 92 29.69 -39.62 20.20
CA SER F 92 28.81 -39.11 21.24
C SER F 92 29.62 -38.40 22.35
N ASN F 95 28.55 -33.40 22.84
CA ASN F 95 27.12 -33.12 22.91
C ASN F 95 26.58 -32.77 21.53
N GLN F 96 25.34 -33.15 21.29
CA GLN F 96 24.73 -33.07 19.96
C GLN F 96 23.54 -32.10 19.95
N ALA F 97 23.62 -31.03 20.74
CA ALA F 97 22.52 -30.06 20.79
C ALA F 97 22.38 -29.34 19.45
N ILE F 98 23.47 -28.73 18.98
CA ILE F 98 23.51 -27.99 17.73
C ILE F 98 23.02 -28.81 16.53
N CYS F 99 23.10 -30.15 16.62
CA CYS F 99 22.89 -31.01 15.45
C CYS F 99 21.47 -30.92 14.92
N GLY F 100 20.50 -30.57 15.77
CA GLY F 100 19.13 -30.37 15.34
C GLY F 100 18.99 -29.45 14.15
N LEU F 101 19.99 -28.59 13.93
CA LEU F 101 19.96 -27.69 12.79
C LEU F 101 19.85 -28.45 11.48
N ARG F 102 20.65 -29.52 11.32
CA ARG F 102 20.73 -30.19 10.02
C ARG F 102 19.35 -30.68 9.59
N THR F 103 18.52 -31.08 10.55
CA THR F 103 17.11 -31.34 10.31
C THR F 103 16.42 -30.10 9.75
N LYS F 104 16.39 -29.01 10.55
CA LYS F 104 15.62 -27.82 10.23
C LYS F 104 15.99 -27.26 8.86
N LEU F 105 17.28 -26.98 8.63
CA LEU F 105 17.64 -26.42 7.33
C LEU F 105 17.51 -27.42 6.19
N GLY F 106 17.08 -28.66 6.47
CA GLY F 106 16.92 -29.67 5.44
C GLY F 106 18.17 -30.01 4.65
N LEU F 107 19.23 -30.42 5.36
CA LEU F 107 20.37 -31.06 4.71
C LEU F 107 20.39 -32.55 4.99
N VAL F 108 19.38 -33.05 5.72
CA VAL F 108 19.20 -34.49 5.93
C VAL F 108 19.13 -35.19 4.59
N ALA F 109 19.74 -36.36 4.51
CA ALA F 109 19.79 -37.09 3.26
C ALA F 109 18.45 -37.74 2.92
N VAL F 116 21.99 -30.31 -1.34
CA VAL F 116 21.84 -29.17 -0.43
C VAL F 116 23.12 -28.90 0.36
N THR F 117 24.09 -28.16 -0.21
CA THR F 117 25.39 -27.88 0.40
C THR F 117 25.24 -27.44 1.86
N GLN F 118 26.24 -27.71 2.71
CA GLN F 118 26.11 -27.27 4.09
C GLN F 118 26.28 -25.76 4.25
N LYS F 119 27.44 -25.22 3.84
CA LYS F 119 27.71 -23.83 4.20
C LYS F 119 26.67 -22.90 3.62
N GLU F 120 26.32 -23.08 2.35
CA GLU F 120 25.40 -22.14 1.74
C GLU F 120 24.02 -22.21 2.39
N ALA F 121 23.54 -23.42 2.71
CA ALA F 121 22.33 -23.49 3.51
C ALA F 121 22.49 -22.78 4.85
N ILE F 122 23.72 -22.73 5.38
CA ILE F 122 23.93 -21.98 6.62
C ILE F 122 24.03 -20.50 6.34
N THR F 123 24.89 -20.08 5.40
CA THR F 123 24.98 -18.66 5.12
C THR F 123 23.66 -18.09 4.62
N LYS F 124 22.78 -18.94 4.06
CA LYS F 124 21.47 -18.40 3.75
C LYS F 124 20.64 -18.23 5.01
N MET F 125 20.73 -19.18 5.95
CA MET F 125 20.00 -19.00 7.20
C MET F 125 20.53 -17.79 7.97
N ILE F 126 21.85 -17.59 7.94
CA ILE F 126 22.42 -16.51 8.74
C ILE F 126 22.22 -15.17 8.03
N THR F 127 22.38 -15.12 6.72
CA THR F 127 22.10 -13.88 6.01
C THR F 127 20.67 -13.41 6.29
N ASN F 128 19.72 -14.35 6.27
CA ASN F 128 18.34 -13.98 6.56
C ASN F 128 18.22 -13.45 7.99
N VAL F 129 18.76 -14.20 8.96
CA VAL F 129 18.67 -13.79 10.37
C VAL F 129 19.38 -12.47 10.62
N VAL F 130 20.58 -12.28 10.05
CA VAL F 130 21.31 -11.04 10.27
C VAL F 130 20.59 -9.85 9.65
N HIS F 131 19.96 -10.05 8.50
CA HIS F 131 19.27 -8.93 7.86
C HIS F 131 18.11 -8.46 8.74
N LYS F 132 17.31 -9.40 9.26
CA LYS F 132 16.25 -8.99 10.18
C LYS F 132 16.82 -8.37 11.44
N SER F 133 18.00 -8.82 11.88
CA SER F 133 18.60 -8.21 13.05
C SER F 133 19.06 -6.79 12.76
N GLU F 134 19.64 -6.55 11.59
CA GLU F 134 20.12 -5.21 11.28
C GLU F 134 18.98 -4.23 11.14
N ILE F 135 17.86 -4.65 10.56
CA ILE F 135 16.76 -3.72 10.34
C ILE F 135 16.02 -3.40 11.64
N THR F 136 15.84 -4.38 12.54
CA THR F 136 15.27 -4.05 13.84
C THR F 136 16.21 -3.12 14.62
N ALA F 137 17.51 -3.22 14.37
CA ALA F 137 18.45 -2.29 14.98
C ALA F 137 18.28 -0.90 14.38
N GLU F 138 18.18 -0.80 13.05
CA GLU F 138 17.99 0.52 12.46
C GLU F 138 16.68 1.13 12.94
N ALA F 139 15.66 0.30 13.17
CA ALA F 139 14.42 0.79 13.76
C ALA F 139 14.65 1.35 15.16
N ALA F 140 15.33 0.60 16.02
CA ALA F 140 15.61 1.12 17.36
C ALA F 140 16.42 2.39 17.31
N LYS F 141 17.49 2.40 16.50
CA LYS F 141 18.31 3.61 16.35
C LYS F 141 17.45 4.80 15.96
N THR F 142 16.55 4.61 15.00
CA THR F 142 15.75 5.73 14.51
C THR F 142 14.80 6.23 15.58
N GLU F 143 14.19 5.31 16.34
CA GLU F 143 13.27 5.69 17.41
C GLU F 143 14.00 6.36 18.57
N VAL F 144 15.08 5.74 19.07
CA VAL F 144 15.74 6.27 20.26
C VAL F 144 16.38 7.62 19.96
N ALA F 145 17.10 7.71 18.84
CA ALA F 145 17.66 9.01 18.46
C ALA F 145 16.55 10.05 18.33
N ALA F 146 15.40 9.66 17.79
CA ALA F 146 14.32 10.63 17.61
C ALA F 146 13.86 11.18 18.95
N THR F 147 13.52 10.30 19.90
CA THR F 147 12.99 10.82 21.15
C THR F 147 14.09 11.52 21.95
N LYS F 148 15.32 11.00 21.93
CA LYS F 148 16.41 11.71 22.61
C LYS F 148 16.63 13.09 22.00
N THR F 149 16.69 13.19 20.67
CA THR F 149 16.74 14.50 20.03
C THR F 149 15.59 15.40 20.49
N ALA F 150 14.37 14.87 20.46
CA ALA F 150 13.21 15.69 20.77
C ALA F 150 13.28 16.23 22.19
N ALA F 151 13.55 15.37 23.17
CA ALA F 151 13.57 15.82 24.54
C ALA F 151 14.73 16.78 24.78
N ALA F 152 15.83 16.59 24.05
CA ALA F 152 16.99 17.45 24.22
C ALA F 152 16.72 18.86 23.66
N ILE F 153 16.27 18.94 22.40
CA ILE F 153 15.96 20.24 21.82
C ILE F 153 14.92 20.97 22.65
N LYS F 154 14.01 20.24 23.31
CA LYS F 154 12.98 20.88 24.12
C LYS F 154 13.51 21.33 25.47
N MET F 155 14.39 20.54 26.08
CA MET F 155 14.97 20.94 27.35
C MET F 155 15.83 22.20 27.18
N ASN F 156 16.69 22.22 26.15
CA ASN F 156 17.52 23.37 25.87
C ASN F 156 16.68 24.63 25.67
N THR F 157 15.66 24.55 24.81
CA THR F 157 14.79 25.70 24.50
C THR F 157 14.16 26.31 25.76
N GLU F 158 13.83 25.49 26.75
CA GLU F 158 13.28 26.04 27.98
C GLU F 158 14.38 26.63 28.87
N ALA F 159 15.60 26.12 28.76
CA ALA F 159 16.71 26.74 29.46
C ALA F 159 17.04 28.10 28.85
N ILE F 160 17.32 28.12 27.54
CA ILE F 160 17.71 29.32 26.80
C ILE F 160 16.60 30.38 26.84
N GLU F 161 15.55 30.15 27.65
CA GLU F 161 14.57 31.18 27.93
C GLU F 161 14.56 31.49 29.43
N ALA F 162 15.73 31.82 29.97
CA ALA F 162 15.89 32.24 31.37
C ALA F 162 17.21 33.00 31.51
N ASP G 10 -6.78 17.15 19.52
CA ASP G 10 -6.58 17.98 18.35
C ASP G 10 -7.91 18.27 17.61
N LEU G 11 -8.64 17.15 17.15
CA LEU G 11 -9.90 17.23 16.38
C LEU G 11 -11.10 17.16 17.31
N PRO G 12 -12.08 18.05 17.18
CA PRO G 12 -13.23 18.01 18.09
C PRO G 12 -14.16 16.83 17.78
N ARG G 13 -14.92 16.41 18.79
CA ARG G 13 -15.85 15.31 18.59
C ARG G 13 -17.01 15.76 17.70
N PRO G 14 -17.45 14.92 16.77
CA PRO G 14 -18.58 15.27 15.92
C PRO G 14 -19.87 15.21 16.70
N SER G 15 -20.89 15.87 16.16
CA SER G 15 -22.22 15.87 16.72
C SER G 15 -23.17 15.16 15.77
N ILE G 16 -24.09 14.39 16.34
CA ILE G 16 -25.06 13.67 15.54
C ILE G 16 -26.42 14.29 15.82
N SER G 17 -27.30 14.23 14.82
CA SER G 17 -28.66 14.66 15.02
C SER G 17 -29.56 13.96 13.99
N ALA G 18 -30.88 14.13 14.15
CA ALA G 18 -31.86 13.40 13.34
C ALA G 18 -32.95 14.32 12.81
N GLU G 19 -33.30 14.15 11.55
CA GLU G 19 -34.38 14.91 10.95
C GLU G 19 -35.32 13.92 10.29
N PRO G 20 -36.62 13.93 10.62
CA PRO G 20 -37.26 14.89 11.53
C PRO G 20 -37.11 14.60 13.03
N GLY G 21 -36.56 13.44 13.40
CA GLY G 21 -36.46 13.06 14.79
C GLY G 21 -36.00 11.61 14.89
N THR G 22 -36.04 11.07 16.11
CA THR G 22 -35.55 9.72 16.32
C THR G 22 -36.63 8.65 16.48
N VAL G 23 -37.90 9.03 16.50
CA VAL G 23 -39.01 8.07 16.55
C VAL G 23 -39.71 8.16 15.20
N ILE G 24 -39.43 7.22 14.31
CA ILE G 24 -39.88 7.34 12.93
C ILE G 24 -40.95 6.29 12.64
N PRO G 25 -42.04 6.66 11.97
CA PRO G 25 -43.02 5.65 11.55
C PRO G 25 -42.40 4.70 10.54
N LEU G 26 -42.71 3.42 10.71
CA LEU G 26 -42.27 2.36 9.81
C LEU G 26 -42.62 2.70 8.36
N GLY G 27 -41.64 2.56 7.47
CA GLY G 27 -41.80 2.94 6.09
C GLY G 27 -41.48 4.38 5.78
N SER G 28 -41.47 5.27 6.77
CA SER G 28 -41.18 6.66 6.47
C SER G 28 -39.66 6.89 6.38
N HIS G 29 -39.27 8.12 6.04
CA HIS G 29 -37.86 8.45 5.91
C HIS G 29 -37.34 9.14 7.17
N VAL G 30 -36.02 9.05 7.34
CA VAL G 30 -35.28 9.81 8.35
C VAL G 30 -33.94 10.18 7.75
N THR G 31 -33.36 11.28 8.25
CA THR G 31 -32.03 11.69 7.83
C THR G 31 -31.18 11.97 9.06
N PHE G 32 -30.01 11.32 9.11
CA PHE G 32 -29.01 11.62 10.12
C PHE G 32 -28.03 12.66 9.59
N VAL G 33 -27.74 13.66 10.42
CA VAL G 33 -26.78 14.71 10.12
C VAL G 33 -25.59 14.56 11.05
N CYS G 34 -24.40 14.45 10.48
CA CYS G 34 -23.16 14.53 11.24
C CYS G 34 -22.50 15.89 11.04
N ARG G 35 -21.99 16.48 12.13
CA ARG G 35 -21.38 17.80 12.09
C ARG G 35 -19.99 17.71 12.69
N GLY G 36 -19.02 18.35 12.04
CA GLY G 36 -17.66 18.37 12.52
C GLY G 36 -16.94 19.64 12.11
N PRO G 37 -15.63 19.70 12.33
CA PRO G 37 -14.84 20.86 11.89
C PRO G 37 -14.88 21.03 10.38
N VAL G 38 -14.35 22.17 9.92
CA VAL G 38 -14.07 22.41 8.50
C VAL G 38 -12.89 21.54 8.05
N GLY G 39 -12.93 21.15 6.77
CA GLY G 39 -11.87 20.36 6.19
C GLY G 39 -12.01 18.86 6.33
N VAL G 40 -13.22 18.36 6.55
CA VAL G 40 -13.48 16.95 6.72
C VAL G 40 -13.61 16.29 5.34
N GLN G 41 -12.91 15.18 5.15
CA GLN G 41 -12.93 14.50 3.87
C GLN G 41 -14.08 13.48 3.80
N THR G 42 -14.24 12.70 4.86
CA THR G 42 -15.21 11.61 4.92
C THR G 42 -15.99 11.72 6.22
N PHE G 43 -17.31 11.56 6.14
CA PHE G 43 -18.14 11.32 7.31
C PHE G 43 -18.62 9.87 7.29
N ARG G 44 -18.57 9.21 8.45
CA ARG G 44 -18.98 7.83 8.58
C ARG G 44 -20.06 7.73 9.64
N LEU G 45 -21.22 7.19 9.26
CA LEU G 45 -22.33 6.93 10.19
C LEU G 45 -22.25 5.47 10.61
N GLU G 46 -21.92 5.20 11.86
CA GLU G 46 -21.69 3.85 12.33
C GLU G 46 -22.94 3.29 12.99
N ARG G 47 -22.93 1.99 13.24
CA ARG G 47 -23.98 1.37 14.03
C ARG G 47 -23.38 0.66 15.23
N GLU G 48 -24.16 -0.25 15.82
CA GLU G 48 -23.74 -1.01 16.98
C GLU G 48 -22.36 -1.60 16.76
N SER G 49 -22.17 -2.23 15.60
CA SER G 49 -20.89 -2.76 15.21
C SER G 49 -20.16 -1.70 14.40
N ARG G 50 -18.85 -1.64 14.58
CA ARG G 50 -18.09 -0.66 13.81
C ARG G 50 -17.86 -1.09 12.37
N SER G 51 -18.11 -2.36 12.03
CA SER G 51 -18.06 -2.74 10.63
C SER G 51 -19.38 -2.47 9.91
N LEU G 52 -20.36 -1.89 10.58
CA LEU G 52 -21.64 -1.57 9.95
C LEU G 52 -21.73 -0.05 9.86
N TYR G 53 -21.65 0.49 8.66
CA TYR G 53 -21.58 1.94 8.57
C TYR G 53 -21.84 2.36 7.13
N SER G 54 -21.94 3.67 6.94
CA SER G 54 -22.07 4.26 5.61
C SER G 54 -21.11 5.45 5.53
N ASP G 55 -20.28 5.50 4.50
CA ASP G 55 -19.41 6.66 4.28
C ASP G 55 -20.05 7.65 3.32
N THR G 56 -19.71 8.92 3.48
CA THR G 56 -19.94 9.89 2.42
C THR G 56 -18.76 10.84 2.39
N GLU G 57 -18.47 11.33 1.17
CA GLU G 57 -17.54 12.43 0.93
C GLU G 57 -18.25 13.70 0.53
N ASP G 58 -19.57 13.66 0.34
CA ASP G 58 -20.38 14.82 -0.03
C ASP G 58 -20.52 15.70 1.21
N VAL G 59 -19.43 16.37 1.54
CA VAL G 59 -19.34 17.24 2.70
C VAL G 59 -19.65 18.68 2.29
N SER G 60 -20.65 19.29 2.92
CA SER G 60 -20.94 20.70 2.78
C SER G 60 -20.35 21.46 3.97
N GLN G 61 -19.90 22.69 3.72
CA GLN G 61 -19.40 23.56 4.77
C GLN G 61 -20.52 24.52 5.14
N THR G 62 -20.96 24.45 6.40
CA THR G 62 -22.16 25.16 6.83
C THR G 62 -21.82 26.57 7.26
N SER G 63 -20.67 26.72 7.89
CA SER G 63 -20.30 27.92 8.62
C SER G 63 -18.78 28.06 8.46
N PRO G 64 -18.23 29.19 8.93
CA PRO G 64 -16.76 29.36 8.84
C PRO G 64 -15.94 28.40 9.70
N SER G 65 -16.56 27.52 10.50
CA SER G 65 -15.79 26.64 11.37
C SER G 65 -16.36 25.23 11.46
N GLU G 66 -17.36 24.91 10.62
CA GLU G 66 -18.18 23.71 10.73
C GLU G 66 -18.47 23.15 9.34
N SER G 67 -18.43 21.82 9.20
CA SER G 67 -18.91 21.15 8.00
C SER G 67 -19.79 19.98 8.39
N GLU G 68 -20.64 19.57 7.46
CA GLU G 68 -21.63 18.56 7.79
C GLU G 68 -21.94 17.66 6.59
N ALA G 69 -22.38 16.44 6.89
CA ALA G 69 -22.87 15.49 5.90
C ALA G 69 -24.23 14.96 6.33
N ARG G 70 -24.96 14.41 5.36
CA ARG G 70 -26.30 13.89 5.62
C ARG G 70 -26.45 12.47 5.11
N PHE G 71 -27.01 11.62 5.95
CA PHE G 71 -27.32 10.25 5.57
C PHE G 71 -28.84 10.10 5.58
N ARG G 72 -29.45 9.95 4.41
CA ARG G 72 -30.89 9.77 4.31
C ARG G 72 -31.23 8.28 4.19
N ILE G 73 -32.02 7.76 5.13
CA ILE G 73 -32.66 6.45 5.00
C ILE G 73 -34.04 6.69 4.44
N ASP G 74 -34.34 6.08 3.30
CA ASP G 74 -35.56 6.46 2.57
C ASP G 74 -36.82 5.76 3.08
N SER G 75 -36.72 4.51 3.53
CA SER G 75 -37.85 3.88 4.18
C SER G 75 -37.32 3.01 5.31
N VAL G 76 -37.51 3.53 6.54
CA VAL G 76 -37.06 2.87 7.74
C VAL G 76 -37.73 1.50 7.85
N SER G 77 -37.03 0.57 8.52
CA SER G 77 -37.56 -0.76 8.79
C SER G 77 -37.12 -1.16 10.19
N GLU G 78 -37.88 -2.04 10.83
CA GLU G 78 -37.37 -2.64 12.06
C GLU G 78 -36.00 -3.22 11.70
N GLY G 79 -35.00 -2.90 12.50
CA GLY G 79 -33.65 -3.25 12.14
C GLY G 79 -32.85 -2.12 11.51
N ASN G 80 -33.52 -1.10 10.98
CA ASN G 80 -32.91 0.21 11.00
C ASN G 80 -32.82 0.79 12.41
N ALA G 81 -33.57 0.21 13.36
CA ALA G 81 -33.54 0.71 14.72
C ALA G 81 -32.23 0.32 15.38
N GLY G 82 -31.89 1.05 16.44
CA GLY G 82 -30.64 0.86 17.15
C GLY G 82 -29.85 2.14 17.25
N PRO G 83 -28.66 2.06 17.84
CA PRO G 83 -27.83 3.25 18.03
C PRO G 83 -27.18 3.70 16.73
N TYR G 84 -26.86 5.00 16.67
CA TYR G 84 -26.07 5.59 15.60
C TYR G 84 -25.01 6.51 16.22
N ARG G 85 -23.83 6.53 15.59
CA ARG G 85 -22.69 7.33 16.03
C ARG G 85 -22.05 7.93 14.78
N CYS G 86 -21.43 9.10 14.91
CA CYS G 86 -20.66 9.69 13.81
C CYS G 86 -19.17 9.63 14.09
N ILE G 87 -18.40 9.50 13.01
CA ILE G 87 -16.97 9.64 13.06
C ILE G 87 -16.52 10.18 11.70
N TYR G 88 -15.60 11.13 11.72
CA TYR G 88 -15.23 11.84 10.51
C TYR G 88 -13.73 11.73 10.33
N TYR G 89 -13.30 11.75 9.07
CA TYR G 89 -11.89 11.66 8.74
C TYR G 89 -11.41 13.02 8.26
N LYS G 90 -10.50 13.65 9.03
CA LYS G 90 -9.68 14.76 8.57
C LYS G 90 -8.25 14.26 8.43
N PRO G 91 -7.68 14.25 7.23
CA PRO G 91 -6.35 13.62 7.03
C PRO G 91 -5.32 14.30 7.89
N PRO G 92 -4.45 13.53 8.55
CA PRO G 92 -4.38 12.08 8.41
C PRO G 92 -5.04 11.26 9.52
N LYS G 93 -5.95 11.79 10.33
CA LYS G 93 -6.44 11.00 11.45
C LYS G 93 -7.96 10.93 11.49
N TRP G 94 -8.46 9.78 11.93
CA TRP G 94 -9.87 9.62 12.26
C TRP G 94 -10.18 10.39 13.54
N SER G 95 -11.38 10.94 13.62
CA SER G 95 -11.79 11.60 14.85
C SER G 95 -12.19 10.58 15.91
N GLU G 96 -12.54 11.07 17.10
CA GLU G 96 -13.20 10.21 18.08
C GLU G 96 -14.67 10.09 17.72
N GLN G 97 -15.36 9.17 18.38
CA GLN G 97 -16.76 8.98 18.04
C GLN G 97 -17.65 10.00 18.74
N SER G 98 -18.76 10.32 18.07
CA SER G 98 -19.76 11.16 18.68
C SER G 98 -20.54 10.38 19.75
N ASP G 99 -21.54 11.06 20.31
CA ASP G 99 -22.51 10.43 21.19
C ASP G 99 -23.35 9.42 20.40
N TYR G 100 -23.97 8.51 21.11
CA TYR G 100 -24.90 7.60 20.45
C TYR G 100 -26.27 8.27 20.36
N LEU G 101 -26.98 7.97 19.29
CA LEU G 101 -28.36 8.42 19.10
C LEU G 101 -29.18 7.20 18.69
N GLU G 102 -30.33 6.99 19.33
CA GLU G 102 -31.07 5.74 19.18
C GLU G 102 -32.33 5.93 18.35
N LEU G 103 -32.42 5.22 17.23
CA LEU G 103 -33.57 5.33 16.35
C LEU G 103 -34.63 4.32 16.78
N LEU G 104 -35.83 4.80 17.09
CA LEU G 104 -36.96 3.92 17.42
C LEU G 104 -37.97 3.93 16.30
N VAL G 105 -38.40 2.74 15.87
CA VAL G 105 -39.32 2.57 14.75
C VAL G 105 -40.71 2.25 15.28
N LYS G 106 -41.67 3.15 15.04
CA LYS G 106 -43.06 2.93 15.40
C LYS G 106 -43.84 2.59 14.12
N GLU G 107 -45.16 2.38 14.27
CA GLU G 107 -46.07 1.99 13.19
C GLU G 107 -46.59 3.16 12.35
N ALA G 108 -46.91 4.30 12.99
CA ALA G 108 -47.63 5.45 12.39
C ALA G 108 -47.98 6.49 13.50
N ASP H 10 -31.65 -2.64 25.06
CA ASP H 10 -30.36 -2.30 24.45
C ASP H 10 -29.56 -1.30 25.31
N LEU H 11 -28.26 -1.59 25.45
CA LEU H 11 -27.29 -0.75 26.14
C LEU H 11 -26.17 -0.42 25.17
N PRO H 12 -25.86 0.85 24.96
CA PRO H 12 -24.88 1.20 23.93
C PRO H 12 -23.48 0.71 24.29
N ARG H 13 -22.70 0.40 23.27
CA ARG H 13 -21.31 -0.02 23.46
C ARG H 13 -20.46 1.18 23.89
N PRO H 14 -19.53 1.00 24.83
CA PRO H 14 -18.75 2.15 25.32
C PRO H 14 -17.59 2.50 24.40
N SER H 15 -17.11 3.74 24.54
CA SER H 15 -15.94 4.23 23.79
C SER H 15 -14.73 4.29 24.71
N ILE H 16 -13.56 3.93 24.20
CA ILE H 16 -12.33 4.06 24.98
C ILE H 16 -11.34 4.97 24.26
N SER H 17 -10.75 5.92 25.01
CA SER H 17 -9.69 6.78 24.51
C SER H 17 -8.55 6.88 25.54
N ALA H 18 -7.43 7.46 25.10
CA ALA H 18 -6.19 7.55 25.88
C ALA H 18 -5.60 8.96 25.83
N GLU H 19 -5.24 9.50 27.00
CA GLU H 19 -4.72 10.85 27.13
C GLU H 19 -3.36 10.82 27.81
N PRO H 20 -2.31 11.42 27.21
CA PRO H 20 -2.31 12.24 25.99
C PRO H 20 -2.40 11.49 24.66
N GLY H 21 -2.20 10.18 24.67
CA GLY H 21 -2.25 9.43 23.44
C GLY H 21 -1.96 7.98 23.71
N THR H 22 -1.66 7.23 22.65
CA THR H 22 -1.39 5.80 22.84
C THR H 22 0.09 5.48 22.72
N VAL H 23 0.91 6.45 22.37
CA VAL H 23 2.36 6.26 22.33
C VAL H 23 2.93 7.02 23.52
N ILE H 24 3.28 6.30 24.56
CA ILE H 24 3.65 6.89 25.85
C ILE H 24 5.09 6.54 26.13
N PRO H 25 5.94 7.50 26.49
CA PRO H 25 7.32 7.18 26.88
C PRO H 25 7.34 6.33 28.14
N LEU H 26 8.23 5.35 28.15
CA LEU H 26 8.44 4.49 29.32
C LEU H 26 8.66 5.33 30.56
N GLY H 27 7.98 4.96 31.65
CA GLY H 27 8.02 5.73 32.88
C GLY H 27 7.12 6.95 32.95
N SER H 28 6.61 7.44 31.82
CA SER H 28 5.67 8.55 31.85
C SER H 28 4.26 8.02 32.17
N HIS H 29 3.26 8.91 32.15
CA HIS H 29 1.91 8.56 32.59
C HIS H 29 0.92 8.56 31.42
N VAL H 30 -0.14 7.75 31.55
CA VAL H 30 -1.23 7.72 30.59
C VAL H 30 -2.54 7.64 31.35
N THR H 31 -3.60 8.22 30.79
CA THR H 31 -4.94 8.11 31.36
C THR H 31 -5.90 7.51 30.35
N PHE H 32 -6.58 6.43 30.74
CA PHE H 32 -7.58 5.84 29.87
C PHE H 32 -8.94 6.42 30.21
N VAL H 33 -9.76 6.66 29.20
CA VAL H 33 -11.01 7.38 29.37
C VAL H 33 -12.14 6.56 28.74
N CYS H 34 -12.90 5.81 29.56
CA CYS H 34 -14.08 5.09 29.10
C CYS H 34 -15.34 5.94 29.22
N ARG H 35 -16.09 6.04 28.10
CA ARG H 35 -17.36 6.78 28.02
C ARG H 35 -18.52 5.80 27.85
N GLY H 36 -19.66 6.15 28.48
CA GLY H 36 -20.86 5.37 28.33
C GLY H 36 -22.11 6.18 28.64
N PRO H 37 -23.26 5.50 28.76
CA PRO H 37 -24.52 6.21 28.99
C PRO H 37 -24.63 6.76 30.40
N VAL H 38 -25.59 7.67 30.59
CA VAL H 38 -25.85 8.17 31.93
C VAL H 38 -26.30 7.01 32.82
N GLY H 39 -25.99 7.12 34.11
CA GLY H 39 -26.40 6.09 35.05
C GLY H 39 -25.54 4.85 35.08
N VAL H 40 -24.33 4.90 34.51
CA VAL H 40 -23.40 3.78 34.68
C VAL H 40 -23.05 3.67 36.16
N GLN H 41 -22.99 2.42 36.66
CA GLN H 41 -22.61 2.20 38.06
C GLN H 41 -21.13 1.87 38.23
N THR H 42 -20.58 1.05 37.33
CA THR H 42 -19.22 0.53 37.41
C THR H 42 -18.63 0.52 36.00
N PHE H 43 -17.39 0.98 35.86
CA PHE H 43 -16.63 0.83 34.62
C PHE H 43 -15.46 -0.10 34.86
N ARG H 44 -15.19 -0.98 33.91
CA ARG H 44 -14.08 -1.91 34.04
C ARG H 44 -13.16 -1.77 32.83
N LEU H 45 -11.87 -1.57 33.09
CA LEU H 45 -10.85 -1.50 32.05
C LEU H 45 -10.13 -2.84 32.02
N GLU H 46 -10.40 -3.65 30.98
CA GLU H 46 -9.81 -4.97 30.89
C GLU H 46 -8.57 -4.92 30.02
N ARG H 47 -7.61 -5.76 30.35
CA ARG H 47 -6.52 -6.04 29.42
C ARG H 47 -6.92 -7.15 28.46
N GLU H 48 -5.93 -7.74 27.78
CA GLU H 48 -6.22 -8.78 26.81
C GLU H 48 -6.62 -10.07 27.53
N SER H 49 -5.90 -10.41 28.59
CA SER H 49 -6.19 -11.58 29.43
C SER H 49 -7.32 -11.19 30.39
N ARG H 50 -8.58 -11.32 29.94
CA ARG H 50 -9.64 -10.60 30.65
C ARG H 50 -10.02 -11.19 32.02
N SER H 51 -9.01 -11.66 32.77
CA SER H 51 -9.06 -11.64 34.22
C SER H 51 -8.25 -10.51 34.84
N LEU H 52 -7.40 -9.85 34.05
CA LEU H 52 -6.69 -8.65 34.50
C LEU H 52 -7.49 -7.43 34.13
N TYR H 53 -7.95 -6.67 35.13
CA TYR H 53 -8.75 -5.49 34.89
C TYR H 53 -8.75 -4.59 36.13
N SER H 54 -9.47 -3.48 36.03
CA SER H 54 -9.58 -2.50 37.10
C SER H 54 -11.00 -1.96 37.05
N ASP H 55 -11.71 -2.05 38.17
CA ASP H 55 -13.03 -1.46 38.26
C ASP H 55 -12.93 -0.07 38.87
N THR H 56 -13.98 0.71 38.62
CA THR H 56 -14.14 1.97 39.31
C THR H 56 -15.63 2.25 39.41
N GLU H 57 -16.06 2.76 40.57
CA GLU H 57 -17.40 3.31 40.72
C GLU H 57 -17.40 4.82 40.69
N ASP H 58 -16.24 5.44 40.65
CA ASP H 58 -16.11 6.87 40.49
C ASP H 58 -16.51 7.25 39.08
N VAL H 59 -17.79 7.46 38.84
CA VAL H 59 -18.30 7.68 37.49
C VAL H 59 -18.93 9.08 37.38
N SER H 60 -18.27 9.98 36.68
CA SER H 60 -18.82 11.31 36.46
C SER H 60 -19.93 11.27 35.41
N GLN H 61 -20.66 12.37 35.32
CA GLN H 61 -21.58 12.60 34.21
C GLN H 61 -21.02 13.71 33.33
N THR H 62 -20.57 13.36 32.10
CA THR H 62 -19.96 14.31 31.17
C THR H 62 -21.00 15.28 30.62
N SER H 63 -22.00 14.75 29.93
CA SER H 63 -23.05 15.50 29.25
C SER H 63 -24.37 15.20 29.92
N PRO H 64 -25.47 15.80 29.47
CA PRO H 64 -26.79 15.25 29.82
C PRO H 64 -27.01 13.82 29.33
N SER H 65 -26.17 13.29 28.44
CA SER H 65 -26.42 12.00 27.81
C SER H 65 -25.25 11.02 27.90
N GLU H 66 -24.15 11.39 28.58
CA GLU H 66 -22.97 10.56 28.67
C GLU H 66 -22.37 10.59 30.07
N SER H 67 -21.87 9.45 30.53
CA SER H 67 -21.05 9.38 31.72
C SER H 67 -19.70 8.75 31.38
N GLU H 68 -18.65 9.14 32.10
CA GLU H 68 -17.32 8.62 31.79
C GLU H 68 -16.54 8.31 33.06
N ALA H 69 -15.53 7.45 32.91
CA ALA H 69 -14.64 7.04 33.98
C ALA H 69 -13.22 7.18 33.48
N ARG H 70 -12.28 7.35 34.41
CA ARG H 70 -10.88 7.52 34.06
C ARG H 70 -10.01 6.54 34.84
N PHE H 71 -9.09 5.91 34.13
CA PHE H 71 -8.03 5.12 34.71
C PHE H 71 -6.69 5.77 34.40
N ARG H 72 -5.87 5.99 35.43
CA ARG H 72 -4.56 6.62 35.28
C ARG H 72 -3.48 5.64 35.70
N ILE H 73 -2.48 5.48 34.84
CA ILE H 73 -1.25 4.75 35.16
C ILE H 73 -0.16 5.81 35.34
N ASP H 74 0.37 5.94 36.56
CA ASP H 74 1.30 7.04 36.86
C ASP H 74 2.64 6.83 36.19
N SER H 75 3.10 5.59 36.15
CA SER H 75 4.42 5.25 35.63
C SER H 75 4.27 3.95 34.85
N VAL H 76 4.30 4.05 33.52
CA VAL H 76 4.04 2.88 32.68
C VAL H 76 5.30 2.03 32.55
N SER H 77 5.12 0.70 32.57
CA SER H 77 6.17 -0.29 32.33
C SER H 77 5.98 -0.93 30.97
N GLU H 78 7.01 -1.64 30.51
CA GLU H 78 6.88 -2.35 29.23
C GLU H 78 5.78 -3.39 29.32
N GLY H 79 5.42 -3.83 30.52
CA GLY H 79 4.29 -4.71 30.75
C GLY H 79 2.96 -4.00 30.88
N ASN H 80 2.93 -2.70 30.63
CA ASN H 80 1.67 -1.99 30.50
C ASN H 80 1.22 -1.90 29.06
N ALA H 81 2.08 -2.26 28.11
CA ALA H 81 1.74 -2.23 26.70
C ALA H 81 0.67 -3.27 26.36
N GLY H 82 -0.06 -3.03 25.27
CA GLY H 82 -0.98 -4.03 24.77
C GLY H 82 -2.43 -3.58 24.73
N PRO H 83 -3.34 -4.53 24.45
CA PRO H 83 -4.76 -4.17 24.32
C PRO H 83 -5.41 -3.69 25.61
N TYR H 84 -6.34 -2.74 25.47
CA TYR H 84 -7.18 -2.23 26.55
C TYR H 84 -8.60 -2.08 26.03
N ARG H 85 -9.57 -2.46 26.86
CA ARG H 85 -10.97 -2.48 26.48
C ARG H 85 -11.80 -1.99 27.65
N CYS H 86 -12.85 -1.23 27.37
CA CYS H 86 -13.79 -0.80 28.39
C CYS H 86 -15.07 -1.62 28.32
N ILE H 87 -15.68 -1.84 29.48
CA ILE H 87 -17.03 -2.38 29.56
C ILE H 87 -17.64 -1.86 30.84
N TYR H 88 -18.95 -1.66 30.84
CA TYR H 88 -19.59 -1.07 32.01
C TYR H 88 -20.76 -1.91 32.50
N TYR H 89 -21.14 -1.65 33.74
CA TYR H 89 -22.27 -2.34 34.35
C TYR H 89 -23.34 -1.30 34.63
N LYS H 90 -24.49 -1.47 33.99
CA LYS H 90 -25.69 -0.71 34.36
C LYS H 90 -26.73 -1.72 34.80
N PRO H 91 -27.24 -1.63 36.03
CA PRO H 91 -28.14 -2.70 36.57
C PRO H 91 -29.34 -2.94 35.67
N PRO H 92 -29.64 -4.21 35.34
CA PRO H 92 -28.96 -5.38 35.85
C PRO H 92 -28.03 -6.10 34.89
N LYS H 93 -27.51 -5.48 33.84
CA LYS H 93 -26.66 -6.23 32.94
C LYS H 93 -25.40 -5.46 32.58
N TRP H 94 -24.35 -6.22 32.33
CA TRP H 94 -23.16 -5.66 31.71
C TRP H 94 -23.48 -5.21 30.29
N SER H 95 -22.74 -4.21 29.82
CA SER H 95 -22.81 -3.80 28.43
C SER H 95 -22.00 -4.74 27.57
N GLU H 96 -22.07 -4.53 26.25
CA GLU H 96 -21.06 -5.14 25.40
C GLU H 96 -19.74 -4.42 25.63
N GLN H 97 -18.63 -5.11 25.34
CA GLN H 97 -17.31 -4.55 25.54
C GLN H 97 -16.94 -3.60 24.41
N SER H 98 -16.32 -2.49 24.79
CA SER H 98 -15.72 -1.58 23.84
C SER H 98 -14.71 -2.28 22.93
N ASP H 99 -14.23 -1.54 21.94
CA ASP H 99 -13.20 -2.03 21.05
C ASP H 99 -11.83 -1.82 21.66
N TYR H 100 -10.88 -2.65 21.26
CA TYR H 100 -9.55 -2.55 21.84
C TYR H 100 -8.83 -1.27 21.43
N LEU H 101 -8.11 -0.70 22.38
CA LEU H 101 -7.07 0.30 22.14
C LEU H 101 -5.70 -0.38 22.32
N GLU H 102 -4.69 0.10 21.61
CA GLU H 102 -3.37 -0.50 21.72
C GLU H 102 -2.42 0.49 22.38
N LEU H 103 -1.98 0.17 23.60
CA LEU H 103 -0.98 1.01 24.25
C LEU H 103 0.42 0.62 23.78
N LEU H 104 1.19 1.64 23.39
CA LEU H 104 2.53 1.45 22.87
C LEU H 104 3.50 2.24 23.74
N VAL H 105 4.49 1.53 24.28
CA VAL H 105 5.44 2.10 25.23
C VAL H 105 6.78 2.16 24.52
N LYS H 106 7.17 3.36 24.04
CA LYS H 106 8.51 3.61 23.51
C LYS H 106 9.50 3.78 24.66
N GLU H 107 10.79 3.60 24.34
CA GLU H 107 11.80 3.58 25.40
C GLU H 107 12.08 5.00 25.92
N ALA H 108 12.82 5.81 25.19
CA ALA H 108 13.44 6.98 25.81
C ALA H 108 12.44 8.12 26.09
N ASP I 10 -23.71 34.81 -15.77
CA ASP I 10 -23.14 33.57 -15.25
C ASP I 10 -23.16 33.54 -13.71
N LEU I 11 -22.17 34.19 -13.09
CA LEU I 11 -21.78 34.29 -11.67
C LEU I 11 -22.59 35.37 -10.96
N PRO I 12 -23.06 35.07 -9.73
CA PRO I 12 -23.91 36.04 -9.02
C PRO I 12 -23.16 37.31 -8.65
N ARG I 13 -23.89 38.41 -8.68
CA ARG I 13 -23.28 39.70 -8.39
C ARG I 13 -22.77 39.71 -6.95
N PRO I 14 -21.59 40.28 -6.68
CA PRO I 14 -21.08 40.33 -5.31
C PRO I 14 -21.85 41.33 -4.47
N SER I 15 -21.45 41.52 -3.22
CA SER I 15 -22.29 42.25 -2.29
C SER I 15 -21.38 42.97 -1.30
N ILE I 16 -21.31 44.28 -1.40
CA ILE I 16 -20.46 45.04 -0.49
C ILE I 16 -21.28 45.50 0.70
N SER I 17 -20.60 45.66 1.83
CA SER I 17 -21.18 46.24 3.03
C SER I 17 -20.02 46.63 3.92
N ALA I 18 -20.30 47.57 4.84
CA ALA I 18 -19.30 48.14 5.73
C ALA I 18 -19.71 47.96 7.19
N GLU I 19 -18.70 47.86 8.06
CA GLU I 19 -18.89 47.65 9.49
C GLU I 19 -17.97 48.57 10.29
N PRO I 20 -18.48 49.30 11.30
CA PRO I 20 -19.83 49.26 11.89
C PRO I 20 -20.93 49.96 11.08
N GLY I 21 -20.59 50.98 10.32
CA GLY I 21 -21.57 51.59 9.44
C GLY I 21 -20.93 52.07 8.16
N THR I 22 -21.64 52.86 7.35
CA THR I 22 -21.00 53.54 6.24
C THR I 22 -20.56 54.96 6.62
N VAL I 23 -20.72 55.35 7.89
CA VAL I 23 -20.33 56.67 8.36
C VAL I 23 -19.45 56.46 9.58
N ILE I 24 -18.17 56.82 9.46
CA ILE I 24 -17.15 56.43 10.41
C ILE I 24 -16.40 57.67 10.93
N PRO I 25 -16.29 57.84 12.25
CA PRO I 25 -15.48 58.96 12.77
C PRO I 25 -14.03 58.85 12.34
N LEU I 26 -13.45 60.01 12.02
CA LEU I 26 -12.04 60.12 11.72
C LEU I 26 -11.20 59.50 12.83
N GLY I 27 -10.13 58.79 12.43
CA GLY I 27 -9.21 58.18 13.36
C GLY I 27 -9.62 56.81 13.88
N SER I 28 -10.90 56.45 13.77
CA SER I 28 -11.40 55.12 14.10
C SER I 28 -11.23 54.17 12.93
N HIS I 29 -12.01 53.08 12.90
CA HIS I 29 -11.75 52.00 11.96
C HIS I 29 -13.00 51.66 11.15
N VAL I 30 -12.79 50.95 10.04
CA VAL I 30 -13.88 50.50 9.19
C VAL I 30 -13.45 49.18 8.56
N THR I 31 -14.44 48.36 8.17
CA THR I 31 -14.18 47.04 7.60
C THR I 31 -15.19 46.77 6.49
N PHE I 32 -14.74 46.79 5.25
CA PHE I 32 -15.64 46.45 4.16
C PHE I 32 -15.66 44.95 3.98
N VAL I 33 -16.85 44.42 3.72
CA VAL I 33 -17.07 43.00 3.68
C VAL I 33 -17.62 42.65 2.31
N CYS I 34 -16.95 41.73 1.63
CA CYS I 34 -17.30 41.38 0.26
C CYS I 34 -17.81 39.96 0.25
N ARG I 35 -19.03 39.77 -0.24
CA ARG I 35 -19.66 38.46 -0.23
C ARG I 35 -19.92 38.05 -1.67
N GLY I 36 -19.67 36.78 -1.95
CA GLY I 36 -19.98 36.21 -3.23
C GLY I 36 -20.14 34.71 -3.05
N PRO I 37 -20.25 33.97 -4.15
CA PRO I 37 -20.46 32.52 -4.07
C PRO I 37 -19.33 31.76 -3.40
N VAL I 38 -19.51 30.46 -3.23
CA VAL I 38 -18.44 29.62 -2.70
C VAL I 38 -17.38 29.44 -3.79
N GLY I 39 -16.13 29.25 -3.36
CA GLY I 39 -15.03 28.98 -4.27
C GLY I 39 -14.41 30.20 -4.93
N VAL I 40 -14.50 31.36 -4.28
CA VAL I 40 -13.97 32.60 -4.84
C VAL I 40 -12.48 32.67 -4.48
N GLN I 41 -11.64 32.76 -5.50
CA GLN I 41 -10.20 32.75 -5.25
C GLN I 41 -9.72 34.09 -4.70
N THR I 42 -10.06 35.17 -5.39
CA THR I 42 -9.59 36.51 -5.06
C THR I 42 -10.79 37.44 -4.94
N PHE I 43 -10.73 38.30 -3.92
CA PHE I 43 -11.70 39.37 -3.76
C PHE I 43 -11.02 40.72 -3.93
N ARG I 44 -11.55 41.53 -4.85
CA ARG I 44 -10.98 42.86 -5.13
C ARG I 44 -11.92 43.95 -4.63
N LEU I 45 -11.41 44.80 -3.73
CA LEU I 45 -12.13 45.97 -3.26
C LEU I 45 -11.69 47.20 -4.07
N GLU I 46 -12.41 47.51 -5.16
CA GLU I 46 -12.12 48.65 -6.02
C GLU I 46 -12.54 49.97 -5.38
N ARG I 47 -12.28 51.08 -6.06
CA ARG I 47 -12.60 52.39 -5.52
C ARG I 47 -13.10 53.35 -6.60
N GLU I 48 -12.83 54.63 -6.41
CA GLU I 48 -13.09 55.69 -7.39
C GLU I 48 -12.78 55.22 -8.83
N SER I 49 -11.51 54.94 -9.08
CA SER I 49 -11.03 54.40 -10.35
C SER I 49 -10.92 52.88 -10.25
N ARG I 50 -10.82 52.23 -11.41
CA ARG I 50 -10.58 50.80 -11.44
C ARG I 50 -9.10 50.44 -11.38
N SER I 51 -8.23 51.43 -11.16
CA SER I 51 -6.84 51.17 -10.86
C SER I 51 -6.55 51.24 -9.38
N LEU I 52 -7.46 51.79 -8.60
CA LEU I 52 -7.33 51.81 -7.14
C LEU I 52 -8.07 50.61 -6.58
N TYR I 53 -7.32 49.67 -5.98
CA TYR I 53 -7.97 48.52 -5.37
C TYR I 53 -6.98 47.80 -4.45
N SER I 54 -7.53 46.94 -3.61
CA SER I 54 -6.77 46.02 -2.76
C SER I 54 -7.31 44.61 -2.92
N ASP I 55 -6.44 43.67 -3.27
CA ASP I 55 -6.82 42.27 -3.40
C ASP I 55 -6.58 41.52 -2.10
N THR I 56 -7.23 40.37 -1.98
CA THR I 56 -6.96 39.41 -0.91
C THR I 56 -7.36 38.03 -1.38
N GLU I 57 -6.57 37.02 -1.00
CA GLU I 57 -6.92 35.62 -1.22
C GLU I 57 -7.31 34.92 0.08
N ASP I 58 -7.32 35.66 1.20
CA ASP I 58 -7.76 35.14 2.50
C ASP I 58 -9.29 35.15 2.55
N VAL I 59 -9.87 34.18 1.86
CA VAL I 59 -11.32 34.04 1.74
C VAL I 59 -11.78 32.95 2.70
N SER I 60 -12.70 33.29 3.60
CA SER I 60 -13.32 32.28 4.44
C SER I 60 -14.74 32.02 3.94
N GLN I 61 -15.19 30.75 4.00
CA GLN I 61 -16.53 30.41 3.55
C GLN I 61 -17.50 30.62 4.69
N THR I 62 -18.65 31.25 4.39
CA THR I 62 -19.56 31.69 5.45
C THR I 62 -20.81 30.83 5.57
N SER I 63 -21.19 30.14 4.50
CA SER I 63 -22.36 29.30 4.44
C SER I 63 -22.25 28.44 3.16
N PRO I 64 -23.02 27.36 3.06
CA PRO I 64 -22.93 26.52 1.85
C PRO I 64 -23.20 27.27 0.55
N SER I 65 -23.69 28.50 0.61
CA SER I 65 -24.02 29.24 -0.61
C SER I 65 -23.10 30.42 -0.90
N GLU I 66 -22.21 30.79 0.03
CA GLU I 66 -21.46 32.02 -0.18
C GLU I 66 -20.19 32.08 0.66
N SER I 67 -19.18 32.78 0.09
CA SER I 67 -17.89 33.05 0.71
C SER I 67 -17.69 34.55 0.87
N GLU I 68 -16.74 34.92 1.73
CA GLU I 68 -16.57 36.31 2.06
C GLU I 68 -15.10 36.61 2.38
N ALA I 69 -14.72 37.87 2.14
CA ALA I 69 -13.41 38.41 2.43
C ALA I 69 -13.59 39.73 3.14
N ARG I 70 -12.61 40.10 3.98
CA ARG I 70 -12.76 41.32 4.77
C ARG I 70 -11.54 42.21 4.61
N PHE I 71 -11.77 43.49 4.31
CA PHE I 71 -10.74 44.51 4.22
C PHE I 71 -10.90 45.48 5.39
N ARG I 72 -9.84 45.66 6.17
CA ARG I 72 -9.91 46.49 7.37
C ARG I 72 -9.00 47.71 7.22
N ILE I 73 -9.57 48.90 7.43
CA ILE I 73 -8.81 50.14 7.52
C ILE I 73 -8.67 50.51 9.00
N ASP I 74 -7.43 50.51 9.50
CA ASP I 74 -7.20 50.64 10.93
C ASP I 74 -7.55 52.04 11.45
N SER I 75 -7.02 53.08 10.79
CA SER I 75 -7.36 54.47 11.05
C SER I 75 -7.83 55.10 9.74
N VAL I 76 -9.02 55.66 9.76
CA VAL I 76 -9.62 56.28 8.59
C VAL I 76 -9.13 57.71 8.49
N SER I 77 -8.89 58.20 7.27
CA SER I 77 -8.52 59.59 7.06
C SER I 77 -9.39 60.17 5.96
N GLU I 78 -9.40 61.51 5.87
CA GLU I 78 -10.19 62.20 4.86
C GLU I 78 -9.92 61.70 3.44
N GLY I 79 -8.91 60.85 3.25
CA GLY I 79 -8.60 60.22 1.99
C GLY I 79 -9.21 58.86 1.78
N ASN I 80 -9.94 58.36 2.77
CA ASN I 80 -10.62 57.08 2.64
C ASN I 80 -12.06 57.22 2.14
N ALA I 81 -12.68 58.39 2.26
CA ALA I 81 -14.09 58.54 1.88
C ALA I 81 -14.27 58.30 0.39
N GLY I 82 -15.53 58.07 0.01
CA GLY I 82 -15.84 57.94 -1.40
C GLY I 82 -16.26 56.55 -1.75
N PRO I 83 -16.41 56.28 -3.05
CA PRO I 83 -16.93 54.98 -3.49
C PRO I 83 -16.03 53.79 -3.16
N TYR I 84 -16.69 52.65 -2.97
CA TYR I 84 -16.09 51.34 -2.78
C TYR I 84 -17.02 50.33 -3.43
N ARG I 85 -16.44 49.29 -3.99
CA ARG I 85 -17.24 48.18 -4.49
C ARG I 85 -16.37 46.94 -4.53
N CYS I 86 -17.00 45.78 -4.68
CA CYS I 86 -16.29 44.51 -4.74
C CYS I 86 -16.38 43.94 -6.14
N ILE I 87 -15.36 43.17 -6.49
CA ILE I 87 -15.44 42.25 -7.60
C ILE I 87 -14.64 41.04 -7.14
N TYR I 88 -14.95 39.87 -7.72
CA TYR I 88 -14.31 38.64 -7.29
C TYR I 88 -13.89 37.83 -8.50
N TYR I 89 -12.86 37.01 -8.33
CA TYR I 89 -12.36 36.15 -9.40
C TYR I 89 -12.56 34.71 -8.99
N LYS I 90 -13.47 34.01 -9.66
CA LYS I 90 -13.51 32.56 -9.58
C LYS I 90 -13.12 32.04 -10.95
N PRO I 91 -12.12 31.17 -11.07
CA PRO I 91 -11.56 30.84 -12.39
C PRO I 91 -12.62 30.28 -13.32
N PRO I 92 -12.61 30.67 -14.62
CA PRO I 92 -11.63 31.55 -15.26
C PRO I 92 -12.04 33.00 -15.32
N LYS I 93 -13.30 33.27 -15.01
CA LYS I 93 -13.92 34.55 -15.25
C LYS I 93 -14.01 35.34 -13.94
N TRP I 94 -13.81 36.65 -14.01
CA TRP I 94 -14.08 37.53 -12.88
C TRP I 94 -15.59 37.54 -12.61
N SER I 95 -16.03 38.37 -11.68
CA SER I 95 -17.45 38.64 -11.53
C SER I 95 -17.80 39.90 -12.31
N GLU I 96 -19.06 40.29 -12.25
CA GLU I 96 -19.40 41.67 -12.55
C GLU I 96 -19.38 42.44 -11.24
N GLN I 97 -19.18 43.75 -11.33
CA GLN I 97 -18.87 44.51 -10.12
C GLN I 97 -20.09 44.67 -9.23
N SER I 98 -19.83 45.04 -7.99
CA SER I 98 -20.92 45.25 -7.05
C SER I 98 -21.51 46.65 -7.26
N ASP I 99 -22.60 46.95 -6.56
CA ASP I 99 -23.05 48.33 -6.46
C ASP I 99 -22.03 49.13 -5.68
N TYR I 100 -21.85 50.39 -6.07
CA TYR I 100 -20.99 51.23 -5.25
C TYR I 100 -21.61 51.43 -3.88
N LEU I 101 -20.75 51.76 -2.92
CA LEU I 101 -21.16 52.14 -1.58
C LEU I 101 -20.37 53.39 -1.24
N GLU I 102 -20.89 54.24 -0.36
CA GLU I 102 -20.27 55.52 -0.06
C GLU I 102 -19.84 55.56 1.39
N LEU I 103 -18.52 55.60 1.62
CA LEU I 103 -18.04 55.90 2.96
C LEU I 103 -18.04 57.40 3.15
N LEU I 104 -18.46 57.82 4.34
CA LEU I 104 -18.43 59.22 4.75
C LEU I 104 -17.66 59.29 6.06
N VAL I 105 -16.69 60.18 6.12
CA VAL I 105 -15.88 60.40 7.33
C VAL I 105 -16.24 61.77 7.87
N LYS I 106 -16.62 61.86 9.15
CA LYS I 106 -16.96 63.15 9.72
C LYS I 106 -16.10 63.42 10.96
N GLU I 107 -16.17 64.68 11.41
CA GLU I 107 -15.15 65.30 12.27
C GLU I 107 -14.92 64.51 13.55
N ALA I 108 -15.93 64.40 14.41
CA ALA I 108 -15.77 63.79 15.74
C ALA I 108 -16.32 62.37 15.80
N ASP J 10 -31.12 23.87 37.67
CA ASP J 10 -30.73 22.51 37.31
C ASP J 10 -31.34 22.08 35.97
N LEU J 11 -32.63 22.39 35.78
CA LEU J 11 -33.39 22.01 34.59
C LEU J 11 -33.45 23.17 33.61
N PRO J 12 -32.97 23.02 32.37
CA PRO J 12 -33.02 24.14 31.41
C PRO J 12 -34.45 24.48 31.00
N ARG J 13 -34.72 25.77 30.83
CA ARG J 13 -36.03 26.18 30.35
C ARG J 13 -36.35 25.52 29.02
N PRO J 14 -37.58 25.05 28.82
CA PRO J 14 -37.97 24.51 27.51
C PRO J 14 -38.04 25.65 26.51
N SER J 15 -38.07 25.29 25.24
CA SER J 15 -38.27 26.28 24.19
C SER J 15 -39.45 25.86 23.35
N ILE J 16 -40.11 26.82 22.73
CA ILE J 16 -41.34 26.58 21.99
C ILE J 16 -41.18 27.12 20.58
N SER J 17 -41.69 26.38 19.60
CA SER J 17 -41.76 26.89 18.24
C SER J 17 -43.04 26.39 17.59
N ALA J 18 -43.40 27.00 16.45
CA ALA J 18 -44.63 26.66 15.74
C ALA J 18 -44.37 26.28 14.29
N GLU J 19 -45.17 25.37 13.79
CA GLU J 19 -45.07 24.90 12.42
C GLU J 19 -46.46 24.79 11.81
N PRO J 20 -46.73 25.51 10.71
CA PRO J 20 -45.77 26.28 9.90
C PRO J 20 -45.39 27.68 10.42
N GLY J 21 -46.10 28.21 11.42
CA GLY J 21 -45.82 29.54 11.92
C GLY J 21 -46.92 29.97 12.88
N THR J 22 -46.84 31.21 13.35
CA THR J 22 -47.80 31.63 14.37
C THR J 22 -49.04 32.30 13.80
N VAL J 23 -49.09 32.53 12.50
CA VAL J 23 -50.23 33.18 11.86
C VAL J 23 -50.88 32.14 10.94
N ILE J 24 -52.06 31.69 11.31
CA ILE J 24 -52.64 30.49 10.72
C ILE J 24 -53.95 30.84 10.05
N PRO J 25 -54.11 30.52 8.76
CA PRO J 25 -55.42 30.64 8.11
C PRO J 25 -56.47 29.89 8.90
N LEU J 26 -57.60 30.57 9.16
CA LEU J 26 -58.73 29.92 9.80
C LEU J 26 -59.04 28.60 9.11
N GLY J 27 -59.28 27.56 9.92
CA GLY J 27 -59.61 26.25 9.41
C GLY J 27 -58.42 25.35 9.13
N SER J 28 -57.24 25.91 8.88
CA SER J 28 -56.05 25.09 8.66
C SER J 28 -55.36 24.79 10.00
N HIS J 29 -54.21 24.12 9.93
CA HIS J 29 -53.58 23.51 11.09
C HIS J 29 -52.33 24.24 11.54
N VAL J 30 -51.93 23.95 12.78
CA VAL J 30 -50.69 24.43 13.36
C VAL J 30 -50.13 23.33 14.27
N THR J 31 -48.81 23.21 14.33
CA THR J 31 -48.20 22.32 15.31
C THR J 31 -47.22 23.08 16.18
N PHE J 32 -47.39 23.03 17.50
CA PHE J 32 -46.38 23.54 18.42
C PHE J 32 -45.38 22.46 18.77
N VAL J 33 -44.11 22.87 18.92
CA VAL J 33 -43.04 21.98 19.34
C VAL J 33 -42.49 22.48 20.67
N CYS J 34 -42.46 21.61 21.67
CA CYS J 34 -41.70 21.90 22.89
C CYS J 34 -40.39 21.14 22.86
N ARG J 35 -39.29 21.85 23.07
CA ARG J 35 -37.97 21.25 23.15
C ARG J 35 -37.43 21.39 24.55
N GLY J 36 -36.81 20.32 25.04
CA GLY J 36 -36.28 20.29 26.38
C GLY J 36 -35.15 19.30 26.47
N PRO J 37 -34.59 19.11 27.66
CA PRO J 37 -33.46 18.19 27.81
C PRO J 37 -33.91 16.74 27.66
N VAL J 38 -32.93 15.88 27.38
CA VAL J 38 -33.24 14.46 27.31
C VAL J 38 -33.69 13.95 28.68
N GLY J 39 -34.51 12.90 28.67
CA GLY J 39 -35.05 12.38 29.90
C GLY J 39 -36.28 13.08 30.40
N VAL J 40 -36.92 13.88 29.56
CA VAL J 40 -38.20 14.47 29.94
C VAL J 40 -39.24 13.37 30.03
N GLN J 41 -40.15 13.49 30.99
CA GLN J 41 -41.22 12.50 31.06
C GLN J 41 -42.45 12.97 30.32
N THR J 42 -42.97 14.14 30.69
CA THR J 42 -44.21 14.69 30.15
C THR J 42 -43.95 16.08 29.64
N PHE J 43 -44.44 16.38 28.45
CA PHE J 43 -44.45 17.74 27.95
C PHE J 43 -45.86 18.27 28.07
N ARG J 44 -46.00 19.48 28.61
CA ARG J 44 -47.29 20.12 28.76
C ARG J 44 -47.28 21.42 27.98
N LEU J 45 -48.21 21.56 27.03
CA LEU J 45 -48.45 22.82 26.33
C LEU J 45 -49.60 23.57 27.01
N GLU J 46 -49.28 24.71 27.64
CA GLU J 46 -50.26 25.51 28.37
C GLU J 46 -50.76 26.67 27.51
N ARG J 47 -52.00 27.07 27.75
CA ARG J 47 -52.59 28.30 27.23
C ARG J 47 -52.59 29.34 28.35
N GLU J 48 -53.11 30.53 28.04
CA GLU J 48 -53.02 31.61 29.03
C GLU J 48 -53.85 31.26 30.26
N SER J 49 -55.09 30.80 30.05
CA SER J 49 -55.90 30.22 31.13
C SER J 49 -55.29 28.91 31.56
N ARG J 50 -54.75 28.83 32.76
CA ARG J 50 -53.87 27.70 32.99
C ARG J 50 -54.59 26.44 33.44
N SER J 51 -55.92 26.40 33.28
CA SER J 51 -56.62 25.12 33.31
C SER J 51 -56.68 24.47 31.93
N LEU J 52 -56.42 25.22 30.86
CA LEU J 52 -56.37 24.66 29.52
C LEU J 52 -54.93 24.32 29.18
N TYR J 53 -54.69 23.05 28.86
CA TYR J 53 -53.35 22.60 28.59
C TYR J 53 -53.43 21.17 28.12
N SER J 54 -52.39 20.71 27.46
CA SER J 54 -52.35 19.34 26.99
C SER J 54 -51.03 18.71 27.36
N ASP J 55 -51.10 17.48 27.85
CA ASP J 55 -49.92 16.72 28.22
C ASP J 55 -49.57 15.71 27.13
N THR J 56 -48.30 15.30 27.09
CA THR J 56 -47.91 14.19 26.23
C THR J 56 -46.65 13.53 26.75
N GLU J 57 -46.65 12.22 26.69
CA GLU J 57 -45.48 11.42 26.95
C GLU J 57 -44.84 10.96 25.67
N ASP J 58 -45.45 11.26 24.52
CA ASP J 58 -44.99 10.85 23.20
C ASP J 58 -43.77 11.68 22.81
N VAL J 59 -42.60 11.40 23.45
CA VAL J 59 -41.37 12.18 23.34
C VAL J 59 -40.53 11.63 22.20
N SER J 60 -39.84 12.53 21.53
CA SER J 60 -38.87 12.18 20.50
C SER J 60 -37.56 12.93 20.77
N GLN J 61 -36.54 12.53 20.03
CA GLN J 61 -35.22 13.14 20.17
C GLN J 61 -34.74 13.65 18.84
N THR J 62 -34.07 14.79 18.90
CA THR J 62 -33.52 15.46 17.74
C THR J 62 -32.00 15.42 17.75
N SER J 63 -31.38 15.18 18.93
CA SER J 63 -29.98 15.28 19.30
C SER J 63 -29.79 14.50 20.60
N PRO J 64 -28.59 13.97 20.88
CA PRO J 64 -28.44 13.10 22.06
C PRO J 64 -28.83 13.77 23.37
N SER J 65 -28.63 15.08 23.51
CA SER J 65 -28.85 15.74 24.77
C SER J 65 -30.17 16.49 24.82
N GLU J 66 -31.07 16.23 23.87
CA GLU J 66 -32.34 16.93 23.74
C GLU J 66 -33.49 15.94 23.62
N SER J 67 -34.70 16.40 23.96
CA SER J 67 -35.92 15.68 23.65
C SER J 67 -36.98 16.72 23.32
N GLU J 68 -38.11 16.25 22.76
CA GLU J 68 -39.14 17.18 22.27
C GLU J 68 -40.45 16.45 22.05
N ALA J 69 -41.53 17.23 21.97
CA ALA J 69 -42.84 16.67 21.65
C ALA J 69 -43.66 17.70 20.88
N ARG J 70 -44.62 17.19 20.10
CA ARG J 70 -45.46 18.00 19.23
C ARG J 70 -46.90 18.04 19.74
N PHE J 71 -47.58 19.15 19.44
CA PHE J 71 -48.99 19.31 19.71
C PHE J 71 -49.62 19.87 18.44
N ARG J 72 -50.45 19.07 17.77
CA ARG J 72 -51.13 19.52 16.56
C ARG J 72 -52.55 19.96 16.89
N ILE J 73 -52.91 21.16 16.42
CA ILE J 73 -54.29 21.64 16.38
C ILE J 73 -54.77 21.49 14.94
N ASP J 74 -55.78 20.64 14.71
CA ASP J 74 -56.14 20.32 13.33
C ASP J 74 -56.90 21.45 12.64
N SER J 75 -57.79 22.14 13.34
CA SER J 75 -58.59 23.21 12.75
C SER J 75 -58.61 24.40 13.70
N VAL J 76 -57.94 25.47 13.30
CA VAL J 76 -57.76 26.64 14.16
C VAL J 76 -58.98 27.54 14.08
N SER J 77 -59.40 28.07 15.22
CA SER J 77 -60.40 29.12 15.29
C SER J 77 -59.86 30.27 16.13
N GLU J 78 -60.57 31.40 16.14
CA GLU J 78 -60.07 32.57 16.88
C GLU J 78 -60.11 32.35 18.38
N GLY J 79 -60.83 31.34 18.86
CA GLY J 79 -60.72 30.95 20.25
C GLY J 79 -59.50 30.12 20.56
N ASN J 80 -58.81 29.65 19.53
CA ASN J 80 -57.48 29.09 19.68
C ASN J 80 -56.43 30.19 19.81
N ALA J 81 -56.69 31.35 19.24
CA ALA J 81 -55.72 32.43 19.25
C ALA J 81 -55.37 32.82 20.68
N GLY J 82 -54.10 33.09 20.92
CA GLY J 82 -53.67 33.51 22.23
C GLY J 82 -52.27 33.05 22.51
N PRO J 83 -51.85 33.26 23.75
CA PRO J 83 -50.52 32.79 24.17
C PRO J 83 -50.46 31.28 24.33
N TYR J 84 -49.27 30.72 24.07
CA TYR J 84 -48.97 29.30 24.30
C TYR J 84 -47.58 29.17 24.87
N ARG J 85 -47.42 28.27 25.83
CA ARG J 85 -46.17 28.08 26.57
C ARG J 85 -45.86 26.59 26.72
N CYS J 86 -44.59 26.29 26.92
CA CYS J 86 -44.20 24.94 27.29
C CYS J 86 -43.71 24.92 28.73
N ILE J 87 -43.95 23.78 29.36
CA ILE J 87 -43.31 23.39 30.60
C ILE J 87 -43.21 21.87 30.56
N TYR J 88 -42.17 21.31 31.17
CA TYR J 88 -41.98 19.87 31.12
C TYR J 88 -41.71 19.32 32.51
N TYR J 89 -41.94 18.00 32.65
CA TYR J 89 -41.73 17.32 33.92
C TYR J 89 -40.63 16.27 33.81
N LYS J 90 -39.56 16.46 34.55
CA LYS J 90 -38.52 15.44 34.68
C LYS J 90 -38.42 15.10 36.16
N PRO J 91 -38.81 13.89 36.55
CA PRO J 91 -38.99 13.52 37.99
C PRO J 91 -37.79 13.90 38.84
N PRO J 92 -38.02 14.57 39.98
CA PRO J 92 -39.30 14.84 40.66
C PRO J 92 -39.84 16.26 40.46
N LYS J 93 -39.48 16.88 39.37
CA LYS J 93 -39.52 18.33 39.29
C LYS J 93 -40.15 18.76 37.99
N TRP J 94 -41.08 19.73 38.07
CA TRP J 94 -41.49 20.48 36.89
C TRP J 94 -40.46 21.55 36.61
N SER J 95 -40.12 21.70 35.33
CA SER J 95 -39.22 22.77 34.90
C SER J 95 -39.91 24.13 35.06
N GLU J 96 -39.23 25.18 34.63
CA GLU J 96 -39.86 26.49 34.62
C GLU J 96 -40.41 26.70 33.21
N GLN J 97 -41.08 27.81 33.00
CA GLN J 97 -41.96 27.89 31.84
C GLN J 97 -41.22 28.48 30.62
N SER J 98 -41.67 28.09 29.43
CA SER J 98 -41.08 28.66 28.24
C SER J 98 -41.54 30.10 28.04
N ASP J 99 -40.83 30.83 27.17
CA ASP J 99 -41.40 32.07 26.66
C ASP J 99 -42.73 31.79 25.99
N TYR J 100 -43.55 32.82 25.85
CA TYR J 100 -44.84 32.67 25.21
C TYR J 100 -44.70 32.77 23.70
N LEU J 101 -45.61 32.10 23.00
CA LEU J 101 -45.72 32.20 21.55
C LEU J 101 -47.16 32.57 21.24
N GLU J 102 -47.37 33.74 20.65
CA GLU J 102 -48.71 34.26 20.41
C GLU J 102 -49.21 33.76 19.07
N LEU J 103 -50.28 32.95 19.10
CA LEU J 103 -50.88 32.42 17.89
C LEU J 103 -52.02 33.33 17.43
N LEU J 104 -52.04 33.63 16.14
CA LEU J 104 -53.04 34.53 15.56
C LEU J 104 -53.77 33.83 14.44
N VAL J 105 -55.01 34.27 14.17
CA VAL J 105 -55.84 33.66 13.14
C VAL J 105 -56.11 34.65 12.02
N LYS J 106 -55.78 34.25 10.80
CA LYS J 106 -56.02 35.06 9.61
C LYS J 106 -57.39 34.72 9.02
N GLU J 107 -58.02 35.74 8.42
CA GLU J 107 -59.36 35.56 7.86
C GLU J 107 -59.36 34.54 6.73
N ALA J 108 -58.50 34.73 5.73
CA ALA J 108 -58.51 33.90 4.53
C ALA J 108 -57.45 32.81 4.57
N ASP K 10 -25.98 45.97 15.10
CA ASP K 10 -27.32 46.17 15.63
C ASP K 10 -28.19 44.92 15.36
N LEU K 11 -28.78 44.86 14.15
CA LEU K 11 -29.73 43.90 13.59
C LEU K 11 -29.00 42.71 12.99
N PRO K 12 -29.53 41.51 13.22
CA PRO K 12 -28.90 40.30 12.66
C PRO K 12 -29.21 40.14 11.18
N ARG K 13 -28.26 39.57 10.46
CA ARG K 13 -28.47 39.23 9.07
C ARG K 13 -29.65 38.25 8.95
N PRO K 14 -30.52 38.42 7.95
CA PRO K 14 -31.61 37.47 7.76
C PRO K 14 -31.09 36.16 7.19
N SER K 15 -31.98 35.18 7.13
CA SER K 15 -31.72 33.87 6.58
C SER K 15 -32.76 33.61 5.52
N ILE K 16 -32.34 33.02 4.41
CA ILE K 16 -33.26 32.64 3.35
C ILE K 16 -33.25 31.13 3.28
N SER K 17 -34.35 30.56 2.80
CA SER K 17 -34.44 29.13 2.56
C SER K 17 -35.61 28.89 1.63
N ALA K 18 -35.57 27.77 0.91
CA ALA K 18 -36.60 27.44 -0.08
C ALA K 18 -37.27 26.13 0.27
N GLU K 19 -38.60 26.10 0.10
CA GLU K 19 -39.41 24.90 0.25
C GLU K 19 -40.20 24.67 -1.03
N PRO K 20 -40.20 23.45 -1.59
CA PRO K 20 -39.66 22.24 -0.97
C PRO K 20 -38.15 22.15 -1.08
N GLY K 21 -37.53 22.94 -1.95
CA GLY K 21 -36.08 22.92 -2.06
C GLY K 21 -35.61 23.79 -3.20
N THR K 22 -34.28 23.90 -3.28
CA THR K 22 -33.57 24.79 -4.20
C THR K 22 -33.58 24.32 -5.65
N VAL K 23 -34.10 23.12 -5.93
CA VAL K 23 -34.17 22.58 -7.29
C VAL K 23 -35.62 22.26 -7.59
N ILE K 24 -36.17 22.90 -8.62
CA ILE K 24 -37.60 22.74 -8.88
C ILE K 24 -37.83 22.40 -10.35
N PRO K 25 -38.75 21.47 -10.64
CA PRO K 25 -39.04 21.13 -12.04
C PRO K 25 -39.93 22.19 -12.67
N LEU K 26 -39.62 22.52 -13.92
CA LEU K 26 -40.37 23.54 -14.64
C LEU K 26 -41.87 23.26 -14.57
N GLY K 27 -42.62 24.27 -14.14
CA GLY K 27 -44.04 24.15 -13.89
C GLY K 27 -44.43 23.91 -12.45
N SER K 28 -43.51 23.42 -11.62
CA SER K 28 -43.79 23.21 -10.21
C SER K 28 -43.73 24.55 -9.45
N HIS K 29 -43.85 24.47 -8.12
CA HIS K 29 -43.92 25.65 -7.26
C HIS K 29 -42.78 25.62 -6.23
N VAL K 30 -42.27 26.80 -5.92
CA VAL K 30 -41.29 26.98 -4.85
C VAL K 30 -41.90 27.92 -3.81
N THR K 31 -41.19 28.08 -2.68
CA THR K 31 -41.62 29.03 -1.64
C THR K 31 -40.39 29.42 -0.81
N PHE K 32 -39.85 30.61 -1.08
CA PHE K 32 -38.79 31.16 -0.26
C PHE K 32 -39.34 31.62 1.08
N VAL K 33 -38.56 31.41 2.13
CA VAL K 33 -38.89 31.80 3.49
C VAL K 33 -37.75 32.68 3.98
N CYS K 34 -38.08 33.89 4.42
CA CYS K 34 -37.09 34.80 4.98
C CYS K 34 -37.26 34.88 6.48
N ARG K 35 -36.21 34.55 7.22
CA ARG K 35 -36.22 34.60 8.67
C ARG K 35 -35.36 35.77 9.15
N GLY K 36 -35.78 36.37 10.26
CA GLY K 36 -35.13 37.51 10.85
C GLY K 36 -35.62 37.69 12.27
N PRO K 37 -35.24 38.77 12.91
CA PRO K 37 -35.56 38.96 14.33
C PRO K 37 -37.03 39.28 14.55
N VAL K 38 -37.41 39.51 15.77
CA VAL K 38 -38.79 39.84 16.07
C VAL K 38 -38.94 41.34 15.94
N GLY K 39 -40.16 41.79 15.61
CA GLY K 39 -40.36 43.20 15.37
C GLY K 39 -39.96 43.69 13.99
N VAL K 40 -39.98 42.81 13.00
CA VAL K 40 -39.64 43.19 11.62
C VAL K 40 -40.91 43.73 10.98
N GLN K 41 -40.81 44.91 10.39
CA GLN K 41 -42.01 45.46 9.76
C GLN K 41 -42.19 44.93 8.33
N THR K 42 -41.11 44.94 7.54
CA THR K 42 -41.16 44.55 6.13
C THR K 42 -40.05 43.55 5.79
N PHE K 43 -40.41 42.55 5.00
CA PHE K 43 -39.47 41.59 4.44
C PHE K 43 -39.45 41.75 2.93
N ARG K 44 -38.29 42.11 2.39
CA ARG K 44 -38.09 42.23 0.95
C ARG K 44 -37.35 40.99 0.46
N LEU K 45 -37.91 40.28 -0.53
CA LEU K 45 -37.18 39.24 -1.26
C LEU K 45 -36.67 39.82 -2.57
N GLU K 46 -35.37 40.07 -2.65
CA GLU K 46 -34.74 40.63 -3.85
C GLU K 46 -34.30 39.53 -4.81
N ARG K 47 -33.83 39.94 -5.97
CA ARG K 47 -33.32 38.99 -6.93
C ARG K 47 -31.94 39.39 -7.40
N GLU K 48 -31.46 38.64 -8.41
CA GLU K 48 -30.30 39.04 -9.20
C GLU K 48 -30.14 40.57 -9.22
N SER K 49 -31.14 41.28 -9.74
CA SER K 49 -31.18 42.73 -9.72
C SER K 49 -31.82 43.26 -8.43
N ARG K 50 -31.39 44.46 -8.01
CA ARG K 50 -31.93 45.06 -6.79
C ARG K 50 -33.09 45.99 -7.08
N SER K 51 -33.48 46.10 -8.35
CA SER K 51 -34.76 46.67 -8.72
C SER K 51 -35.89 45.62 -8.72
N LEU K 52 -35.58 44.34 -8.82
CA LEU K 52 -36.59 43.29 -8.85
C LEU K 52 -36.75 42.71 -7.45
N TYR K 53 -37.87 43.00 -6.80
CA TYR K 53 -38.07 42.52 -5.45
C TYR K 53 -39.56 42.45 -5.17
N SER K 54 -39.90 41.97 -3.97
CA SER K 54 -41.30 41.88 -3.55
C SER K 54 -41.36 42.10 -2.05
N ASP K 55 -42.14 43.08 -1.62
CA ASP K 55 -42.25 43.43 -0.21
C ASP K 55 -43.48 42.79 0.42
N THR K 56 -43.37 42.46 1.70
CA THR K 56 -44.52 41.99 2.44
C THR K 56 -44.49 42.49 3.88
N GLU K 57 -45.67 42.82 4.41
CA GLU K 57 -45.83 43.12 5.83
C GLU K 57 -46.54 42.00 6.55
N ASP K 58 -46.71 40.86 5.88
CA ASP K 58 -47.34 39.65 6.39
C ASP K 58 -46.32 38.80 7.17
N VAL K 59 -45.80 39.37 8.26
CA VAL K 59 -44.76 38.70 9.02
C VAL K 59 -45.38 37.77 10.06
N SER K 60 -44.97 36.50 10.03
CA SER K 60 -45.33 35.49 10.99
C SER K 60 -44.15 35.17 11.89
N GLN K 61 -44.43 34.54 13.02
CA GLN K 61 -43.36 34.06 13.89
C GLN K 61 -43.22 32.55 13.75
N THR K 62 -42.04 32.06 14.08
CA THR K 62 -41.83 30.62 14.19
C THR K 62 -41.32 30.23 15.58
N SER K 63 -40.89 31.19 16.39
CA SER K 63 -40.45 30.98 17.76
C SER K 63 -40.43 32.35 18.45
N PRO K 64 -40.29 32.38 19.79
CA PRO K 64 -40.48 33.67 20.48
C PRO K 64 -39.63 34.83 19.96
N SER K 65 -38.34 34.61 19.67
CA SER K 65 -37.39 35.67 19.37
C SER K 65 -37.16 35.87 17.88
N GLU K 66 -38.10 35.46 17.03
CA GLU K 66 -37.80 35.29 15.62
C GLU K 66 -39.08 35.52 14.84
N SER K 67 -38.97 36.13 13.66
CA SER K 67 -40.13 36.41 12.83
C SER K 67 -39.74 36.21 11.38
N GLU K 68 -40.71 35.81 10.54
CA GLU K 68 -40.40 35.51 9.14
C GLU K 68 -41.49 36.01 8.19
N ALA K 69 -41.29 35.69 6.91
CA ALA K 69 -42.24 35.95 5.85
C ALA K 69 -42.03 34.90 4.77
N ARG K 70 -43.08 34.64 3.97
CA ARG K 70 -42.99 33.65 2.90
C ARG K 70 -43.39 34.27 1.57
N PHE K 71 -42.58 34.04 0.55
CA PHE K 71 -42.85 34.45 -0.82
C PHE K 71 -43.01 33.20 -1.67
N ARG K 72 -44.09 33.16 -2.47
CA ARG K 72 -44.42 31.98 -3.27
C ARG K 72 -44.52 32.37 -4.73
N ILE K 73 -43.86 31.61 -5.61
CA ILE K 73 -44.09 31.64 -7.05
C ILE K 73 -44.67 30.30 -7.45
N ASP K 74 -45.78 30.32 -8.19
CA ASP K 74 -46.63 29.14 -8.37
C ASP K 74 -46.21 28.26 -9.55
N SER K 75 -45.75 28.83 -10.66
CA SER K 75 -45.26 28.04 -11.79
C SER K 75 -43.92 28.62 -12.23
N VAL K 76 -42.85 27.91 -11.92
CA VAL K 76 -41.52 28.41 -12.23
C VAL K 76 -41.25 28.30 -13.72
N SER K 77 -40.34 29.15 -14.20
CA SER K 77 -39.85 29.07 -15.57
C SER K 77 -38.34 29.32 -15.56
N GLU K 78 -37.71 29.17 -16.74
CA GLU K 78 -36.25 29.30 -16.83
C GLU K 78 -35.77 30.68 -16.38
N GLY K 79 -36.61 31.72 -16.51
CA GLY K 79 -36.22 33.05 -16.09
C GLY K 79 -36.22 33.25 -14.58
N ASN K 80 -36.87 32.35 -13.82
CA ASN K 80 -36.88 32.44 -12.37
C ASN K 80 -35.63 31.85 -11.75
N ALA K 81 -34.99 30.90 -12.43
CA ALA K 81 -33.70 30.41 -11.97
C ALA K 81 -32.74 31.59 -11.83
N GLY K 82 -31.90 31.53 -10.80
CA GLY K 82 -30.98 32.60 -10.53
C GLY K 82 -30.95 32.95 -9.07
N PRO K 83 -30.16 33.97 -8.72
CA PRO K 83 -29.95 34.30 -7.31
C PRO K 83 -31.19 34.91 -6.66
N TYR K 84 -31.23 34.81 -5.33
CA TYR K 84 -32.36 35.25 -4.51
C TYR K 84 -31.83 35.55 -3.12
N ARG K 85 -31.98 36.78 -2.66
CA ARG K 85 -31.65 37.13 -1.28
C ARG K 85 -32.89 37.56 -0.52
N CYS K 86 -32.67 38.04 0.71
CA CYS K 86 -33.61 38.98 1.29
C CYS K 86 -32.89 39.88 2.26
N ILE K 87 -33.67 40.79 2.84
CA ILE K 87 -33.23 41.94 3.60
C ILE K 87 -34.51 42.46 4.26
N TYR K 88 -34.49 42.65 5.58
CA TYR K 88 -35.67 43.11 6.30
C TYR K 88 -35.49 44.55 6.76
N TYR K 89 -36.60 45.24 6.98
CA TYR K 89 -36.57 46.60 7.52
C TYR K 89 -37.20 46.57 8.89
N LYS K 90 -36.42 46.91 9.90
CA LYS K 90 -36.92 47.09 11.26
C LYS K 90 -36.64 48.51 11.69
N PRO K 91 -37.68 49.35 11.84
CA PRO K 91 -37.48 50.82 11.92
C PRO K 91 -36.44 51.20 12.96
N PRO K 92 -35.53 52.13 12.65
CA PRO K 92 -35.51 52.89 11.38
C PRO K 92 -34.41 52.49 10.39
N LYS K 93 -33.88 51.28 10.51
CA LYS K 93 -32.70 50.87 9.78
C LYS K 93 -33.08 49.58 9.04
N TRP K 94 -32.79 49.51 7.74
CA TRP K 94 -32.82 48.25 7.00
C TRP K 94 -31.72 47.33 7.54
N SER K 95 -31.78 46.06 7.17
CA SER K 95 -30.79 45.11 7.67
C SER K 95 -29.70 44.91 6.64
N GLU K 96 -28.71 44.10 7.00
CA GLU K 96 -27.82 43.61 5.96
C GLU K 96 -28.58 42.59 5.11
N GLN K 97 -28.04 42.30 3.95
CA GLN K 97 -28.73 41.39 3.06
C GLN K 97 -28.27 39.97 3.33
N SER K 98 -29.10 39.03 2.95
CA SER K 98 -28.82 37.66 3.36
C SER K 98 -27.88 36.97 2.37
N ASP K 99 -27.46 35.78 2.74
CA ASP K 99 -26.78 34.89 1.82
C ASP K 99 -27.62 34.73 0.55
N TYR K 100 -26.95 34.63 -0.60
CA TYR K 100 -27.67 34.34 -1.83
C TYR K 100 -28.12 32.89 -1.83
N LEU K 101 -29.17 32.60 -2.57
CA LEU K 101 -29.69 31.25 -2.70
C LEU K 101 -30.01 31.04 -4.16
N GLU K 102 -29.35 30.07 -4.80
CA GLU K 102 -29.45 29.87 -6.24
C GLU K 102 -30.53 28.85 -6.53
N LEU K 103 -31.66 29.29 -7.06
CA LEU K 103 -32.68 28.36 -7.52
C LEU K 103 -32.28 27.83 -8.87
N LEU K 104 -32.47 26.53 -9.08
CA LEU K 104 -32.21 25.92 -10.37
C LEU K 104 -33.47 25.21 -10.86
N VAL K 105 -33.52 25.03 -12.18
CA VAL K 105 -34.73 24.65 -12.89
C VAL K 105 -34.46 23.38 -13.72
N LYS K 106 -35.15 22.29 -13.40
CA LYS K 106 -34.98 21.01 -14.10
C LYS K 106 -35.91 20.90 -15.30
N LEU L 11 17.12 -45.98 -9.01
CA LEU L 11 18.23 -45.93 -8.05
C LEU L 11 18.32 -47.19 -7.18
N PRO L 12 19.41 -47.95 -7.33
CA PRO L 12 19.62 -49.14 -6.48
C PRO L 12 19.82 -48.74 -5.01
N ARG L 13 19.90 -49.78 -4.15
CA ARG L 13 20.04 -49.43 -2.74
C ARG L 13 21.49 -49.59 -2.27
N PRO L 14 21.93 -48.74 -1.34
CA PRO L 14 23.32 -48.82 -0.86
C PRO L 14 23.55 -50.05 0.00
N SER L 15 24.82 -50.49 -0.04
CA SER L 15 25.29 -51.64 0.73
C SER L 15 26.28 -51.13 1.78
N ILE L 16 25.94 -51.29 3.05
CA ILE L 16 26.86 -50.98 4.14
C ILE L 16 27.67 -52.22 4.47
N SER L 17 28.87 -52.01 5.03
CA SER L 17 29.83 -53.11 5.29
C SER L 17 30.63 -52.76 6.55
N ALA L 18 31.86 -53.30 6.62
CA ALA L 18 32.74 -53.11 7.78
C ALA L 18 34.13 -53.72 7.56
N GLU L 19 35.19 -52.95 7.83
CA GLU L 19 36.56 -53.44 7.69
C GLU L 19 37.43 -52.97 8.85
N PRO L 20 37.97 -53.88 9.69
CA PRO L 20 38.03 -55.35 9.53
C PRO L 20 36.73 -56.14 9.71
N GLY L 21 36.00 -55.85 10.77
CA GLY L 21 34.82 -56.63 11.07
C GLY L 21 33.71 -55.81 11.68
N THR L 22 32.66 -56.49 12.11
CA THR L 22 31.51 -55.76 12.69
C THR L 22 31.77 -55.33 14.13
N VAL L 23 32.65 -56.02 14.84
CA VAL L 23 32.87 -55.77 16.25
C VAL L 23 34.33 -55.42 16.43
N ILE L 24 34.58 -54.31 17.11
CA ILE L 24 35.92 -53.74 17.17
C ILE L 24 36.31 -53.54 18.62
N PRO L 25 37.54 -53.89 19.00
CA PRO L 25 38.00 -53.63 20.38
C PRO L 25 38.11 -52.14 20.64
N LEU L 26 37.69 -51.72 21.83
CA LEU L 26 37.75 -50.32 22.23
C LEU L 26 39.16 -49.77 22.01
N GLY L 27 39.24 -48.64 21.29
CA GLY L 27 40.49 -48.00 20.94
C GLY L 27 41.01 -48.31 19.55
N SER L 28 40.56 -49.41 18.94
CA SER L 28 41.05 -49.82 17.63
C SER L 28 40.49 -48.89 16.54
N HIS L 29 40.76 -49.23 15.28
CA HIS L 29 40.25 -48.51 14.13
C HIS L 29 39.14 -49.32 13.46
N VAL L 30 38.25 -48.60 12.75
CA VAL L 30 37.30 -49.21 11.83
C VAL L 30 37.41 -48.48 10.49
N THR L 31 36.63 -48.96 9.52
CA THR L 31 36.47 -48.30 8.23
C THR L 31 35.19 -48.87 7.63
N PHE L 32 34.19 -48.03 7.43
CA PHE L 32 32.94 -48.43 6.79
C PHE L 32 33.07 -48.32 5.28
N VAL L 33 32.47 -49.27 4.56
CA VAL L 33 32.52 -49.24 3.09
C VAL L 33 31.09 -49.12 2.56
N CYS L 34 30.78 -47.93 2.07
CA CYS L 34 29.52 -47.64 1.40
C CYS L 34 29.62 -47.97 -0.08
N ARG L 35 28.55 -48.54 -0.66
CA ARG L 35 28.59 -49.02 -2.06
C ARG L 35 27.27 -48.76 -2.77
N GLY L 36 27.37 -48.39 -4.06
CA GLY L 36 26.22 -48.09 -4.88
C GLY L 36 26.54 -48.11 -6.37
N PRO L 37 25.72 -47.41 -7.19
CA PRO L 37 25.92 -47.44 -8.64
C PRO L 37 27.00 -46.49 -9.14
N VAL L 38 27.05 -46.31 -10.46
CA VAL L 38 28.07 -45.47 -11.09
C VAL L 38 27.63 -44.01 -11.05
N GLY L 39 28.61 -43.12 -11.17
CA GLY L 39 28.36 -41.68 -11.19
C GLY L 39 27.69 -41.12 -9.96
N VAL L 40 28.08 -41.60 -8.79
CA VAL L 40 27.52 -41.15 -7.53
C VAL L 40 28.19 -39.84 -7.18
N GLN L 41 27.40 -38.83 -6.78
CA GLN L 41 27.90 -37.50 -6.40
C GLN L 41 28.38 -37.44 -4.95
N THR L 42 27.70 -38.16 -4.04
CA THR L 42 27.87 -38.02 -2.59
C THR L 42 27.66 -39.38 -1.90
N PHE L 43 28.42 -39.63 -0.82
CA PHE L 43 28.18 -40.79 0.05
C PHE L 43 28.21 -40.33 1.50
N ARG L 44 27.13 -40.64 2.22
CA ARG L 44 26.91 -40.13 3.57
C ARG L 44 26.65 -41.31 4.49
N LEU L 45 27.35 -41.32 5.62
CA LEU L 45 27.24 -42.40 6.59
C LEU L 45 26.33 -41.92 7.70
N GLU L 46 25.05 -42.30 7.64
CA GLU L 46 24.16 -41.93 8.72
C GLU L 46 24.36 -42.82 9.94
N ARG L 47 23.82 -42.35 11.07
CA ARG L 47 23.68 -43.15 12.28
C ARG L 47 22.25 -43.01 12.80
N GLU L 48 21.89 -41.87 13.39
CA GLU L 48 20.51 -41.55 13.69
C GLU L 48 19.99 -40.51 12.67
N SER L 49 19.86 -40.98 11.42
CA SER L 49 19.59 -40.27 10.17
C SER L 49 19.74 -38.75 10.24
N ARG L 50 18.77 -38.10 10.87
CA ARG L 50 18.67 -36.65 10.83
C ARG L 50 19.98 -35.99 11.25
N SER L 51 20.29 -36.02 12.54
CA SER L 51 21.43 -35.27 13.04
C SER L 51 22.75 -35.83 12.47
N LEU L 52 23.08 -37.07 12.83
CA LEU L 52 24.44 -37.56 12.75
C LEU L 52 24.76 -38.14 11.38
N TYR L 53 25.85 -37.66 10.77
CA TYR L 53 26.36 -38.22 9.52
C TYR L 53 27.70 -37.60 9.21
N SER L 54 28.37 -38.16 8.21
CA SER L 54 29.57 -37.60 7.63
C SER L 54 29.40 -37.59 6.12
N ASP L 55 30.02 -36.63 5.44
CA ASP L 55 29.85 -36.49 3.99
C ASP L 55 31.18 -36.68 3.28
N THR L 56 31.15 -37.41 2.15
CA THR L 56 32.29 -37.58 1.26
C THR L 56 31.88 -37.52 -0.22
N GLU L 57 32.68 -36.79 -1.00
CA GLU L 57 32.68 -36.82 -2.46
C GLU L 57 33.79 -37.71 -3.07
N ASP L 58 34.82 -38.04 -2.27
CA ASP L 58 35.99 -38.86 -2.59
C ASP L 58 35.47 -40.27 -2.87
N VAL L 59 34.93 -40.43 -4.08
CA VAL L 59 34.30 -41.66 -4.55
C VAL L 59 35.24 -42.27 -5.59
N SER L 60 35.88 -43.37 -5.22
CA SER L 60 36.57 -44.23 -6.16
C SER L 60 35.61 -45.27 -6.73
N GLN L 61 35.93 -45.76 -7.92
CA GLN L 61 35.03 -46.68 -8.61
C GLN L 61 35.54 -48.11 -8.46
N THR L 62 34.71 -48.97 -7.84
CA THR L 62 35.03 -50.37 -7.62
C THR L 62 35.00 -51.17 -8.90
N SER L 63 34.18 -50.75 -9.86
CA SER L 63 33.77 -51.57 -10.99
C SER L 63 33.20 -50.65 -12.05
N PRO L 64 33.11 -51.10 -13.30
CA PRO L 64 32.57 -50.21 -14.34
C PRO L 64 31.17 -49.69 -14.06
N SER L 65 30.37 -50.38 -13.24
CA SER L 65 29.00 -49.97 -12.96
C SER L 65 28.71 -49.82 -11.46
N GLU L 66 29.75 -49.81 -10.61
CA GLU L 66 29.63 -49.64 -9.17
C GLU L 66 30.70 -48.68 -8.68
N SER L 67 30.40 -47.93 -7.61
CA SER L 67 31.35 -47.01 -6.98
C SER L 67 31.15 -47.06 -5.47
N GLU L 68 32.25 -46.87 -4.74
CA GLU L 68 32.22 -46.99 -3.29
C GLU L 68 33.01 -45.86 -2.64
N ALA L 69 32.65 -45.58 -1.39
CA ALA L 69 33.36 -44.67 -0.51
C ALA L 69 33.64 -45.37 0.81
N ARG L 70 34.71 -44.97 1.49
CA ARG L 70 35.00 -45.55 2.80
C ARG L 70 35.35 -44.46 3.81
N PHE L 71 34.54 -44.37 4.88
CA PHE L 71 34.77 -43.52 6.03
C PHE L 71 35.69 -44.25 7.02
N ARG L 72 36.39 -43.46 7.86
CA ARG L 72 37.37 -44.01 8.80
C ARG L 72 37.24 -43.40 10.18
N ILE L 73 37.12 -44.25 11.21
CA ILE L 73 37.06 -43.81 12.61
C ILE L 73 38.36 -44.26 13.26
N ASP L 74 38.95 -43.40 14.09
CA ASP L 74 40.29 -43.80 14.49
C ASP L 74 40.31 -44.42 15.89
N SER L 75 39.76 -43.73 16.89
CA SER L 75 39.69 -44.22 18.27
C SER L 75 38.23 -44.51 18.62
N VAL L 76 37.84 -45.77 18.52
CA VAL L 76 36.46 -46.15 18.78
C VAL L 76 36.16 -45.99 20.26
N SER L 77 34.94 -45.54 20.57
CA SER L 77 34.44 -45.54 21.93
C SER L 77 32.94 -45.85 21.90
N GLU L 78 32.36 -46.04 23.09
CA GLU L 78 30.98 -46.52 23.25
C GLU L 78 29.99 -45.75 22.40
N GLY L 79 30.20 -44.43 22.25
CA GLY L 79 29.30 -43.63 21.44
C GLY L 79 29.26 -44.04 19.98
N ASN L 80 30.28 -44.76 19.50
CA ASN L 80 30.33 -45.18 18.11
C ASN L 80 29.59 -46.49 17.88
N ALA L 81 29.42 -47.29 18.91
CA ALA L 81 28.64 -48.50 18.76
C ALA L 81 27.18 -48.16 18.47
N GLY L 82 26.53 -49.03 17.71
CA GLY L 82 25.15 -48.83 17.37
C GLY L 82 24.94 -48.81 15.87
N PRO L 83 23.74 -48.44 15.45
CA PRO L 83 23.39 -48.60 14.03
C PRO L 83 24.15 -47.61 13.17
N TYR L 84 24.55 -48.08 12.01
CA TYR L 84 24.99 -47.22 10.93
C TYR L 84 24.05 -47.45 9.77
N ARG L 85 24.18 -46.64 8.75
CA ARG L 85 23.44 -46.85 7.53
C ARG L 85 24.22 -46.19 6.42
N CYS L 86 23.77 -46.38 5.19
CA CYS L 86 24.42 -45.73 4.08
C CYS L 86 23.37 -45.02 3.25
N ILE L 87 23.79 -43.95 2.60
CA ILE L 87 22.92 -43.13 1.76
C ILE L 87 23.82 -42.40 0.78
N TYR L 88 23.33 -42.23 -0.44
CA TYR L 88 24.12 -41.55 -1.47
C TYR L 88 23.22 -40.62 -2.26
N TYR L 89 23.84 -39.60 -2.83
CA TYR L 89 23.18 -38.60 -3.65
C TYR L 89 23.82 -38.69 -5.04
N LYS L 90 23.18 -39.35 -5.93
CA LYS L 90 23.60 -39.10 -7.31
C LYS L 90 22.63 -38.09 -7.90
N PRO L 91 23.11 -37.03 -8.57
CA PRO L 91 22.19 -35.96 -9.04
C PRO L 91 21.01 -36.56 -9.79
N PRO L 92 19.79 -36.02 -9.65
CA PRO L 92 19.34 -34.93 -8.79
C PRO L 92 18.42 -35.41 -7.65
N LYS L 93 18.62 -36.63 -7.17
CA LYS L 93 17.77 -37.21 -6.13
C LYS L 93 18.61 -37.97 -5.12
N TRP L 94 18.27 -37.78 -3.84
CA TRP L 94 18.77 -38.62 -2.76
C TRP L 94 18.35 -40.06 -2.99
N SER L 95 19.30 -40.98 -2.98
CA SER L 95 18.94 -42.40 -3.04
C SER L 95 18.12 -42.81 -1.82
N GLU L 96 17.66 -44.06 -1.81
CA GLU L 96 17.02 -44.61 -0.64
C GLU L 96 18.10 -45.16 0.30
N GLN L 97 17.71 -45.47 1.53
CA GLN L 97 18.71 -45.77 2.55
C GLN L 97 19.15 -47.23 2.47
N SER L 98 20.33 -47.50 3.03
CA SER L 98 20.86 -48.85 3.15
C SER L 98 20.19 -49.58 4.30
N ASP L 99 20.40 -50.90 4.38
CA ASP L 99 19.97 -51.61 5.58
C ASP L 99 21.02 -51.46 6.66
N TYR L 100 20.58 -51.44 7.91
CA TYR L 100 21.45 -51.02 8.99
C TYR L 100 22.60 -52.02 9.21
N LEU L 101 23.70 -51.49 9.75
CA LEU L 101 24.89 -52.24 10.15
C LEU L 101 25.16 -51.90 11.61
N GLU L 102 25.03 -52.87 12.51
CA GLU L 102 25.27 -52.65 13.94
C GLU L 102 26.72 -52.97 14.27
N LEU L 103 27.46 -51.96 14.72
CA LEU L 103 28.85 -52.10 15.17
C LEU L 103 28.89 -52.17 16.68
N LEU L 104 29.60 -53.18 17.22
CA LEU L 104 29.70 -53.36 18.67
C LEU L 104 31.15 -53.19 19.12
N VAL L 105 31.33 -52.89 20.42
CA VAL L 105 32.64 -52.55 20.96
C VAL L 105 33.02 -53.53 22.09
N LYS L 106 33.97 -54.41 21.81
CA LYS L 106 34.69 -55.09 22.87
C LYS L 106 35.46 -54.05 23.68
N GLU L 107 35.84 -54.42 24.90
CA GLU L 107 36.63 -53.51 25.70
C GLU L 107 37.99 -54.11 26.05
#